data_5N6I
#
_entry.id   5N6I
#
_cell.length_a   168.530
_cell.length_b   122.940
_cell.length_c   179.980
_cell.angle_alpha   90.00
_cell.angle_beta   96.37
_cell.angle_gamma   90.00
#
_symmetry.space_group_name_H-M   'C 1 2 1'
#
loop_
_entity.id
_entity.type
_entity.pdbx_description
1 polymer 'Cyclic GMP-AMP synthase'
2 polymer 'DNA (37-MER)'
3 polymer 'DNA (36-MER)'
4 non-polymer 'ZINC ION'
#
loop_
_entity_poly.entity_id
_entity_poly.type
_entity_poly.pdbx_seq_one_letter_code
_entity_poly.pdbx_strand_id
1 'polypeptide(L)'
;GAMRGSRKEPDKLKKVLDKLRLKRKDISEAAETVNKVVERLLRRMQKRESEFKGVEQLNTGSYYEHVKISAPNEFDVMFK
LEVPRIELQEYYETGAFYLVKFKRIPRGNPLSHFLEGEVLSATKMLSKFRKIIKEEVKEIKDIDVSVEKEKPGSPAVTLL
IRNPEEISVDIILALESKGSWPISTKEGLPIQGWLGTKVRTNLRREPFYLVPKNAKDGNSFQGETWRLSFSHTEKYILNN
HGIEKTCCESSGAKCCRKECLKLMKYLLEQLKKEFQELDAFCSYHVKTAIFHMWTQDPQDSQWDPRNLSSCFDKLLAFFL
ECLRTEKLDHYFIPKFNLFSQELIDRKSKEFLSKKIEYERNNGFPIFDKL
;
A,B,C,D,E,F
2 'polydeoxyribonucleotide'
;(DA)(DG)(DA)(DT)(DC)(DT)(DA)(DC)(DT)(DA)(DG)(DT)(DG)(DA)(DT)(DC)(DT)(DA)(DT)(DG)
(DA)(DC)(DT)(DG)(DA)(DT)(DC)(DT)(DG)(DT)(DA)(DC)(DA)(DT)(DG)(DA)(DT)(DC)(DT)
;
G,I,K,M
3 'polydeoxyribonucleotide'
;(DA)(DG)(DA)(DT)(DC)(DA)(DT)(DG)(DT)(DA)(DC)(DA)(DG)(DA)(DT)(DC)(DA)(DG)(DT)(DC)
(DA)(DT)(DA)(DG)(DA)(DT)(DC)(DA)(DC)(DT)(DA)(DG)(DT)(DA)(DG)(DA)(DT)(DC)(DT)
;
H,J,L,N
#
loop_
_chem_comp.id
_chem_comp.type
_chem_comp.name
_chem_comp.formula
DA DNA linking 2'-DEOXYADENOSINE-5'-MONOPHOSPHATE 'C10 H14 N5 O6 P'
DC DNA linking 2'-DEOXYCYTIDINE-5'-MONOPHOSPHATE 'C9 H14 N3 O7 P'
DG DNA linking 2'-DEOXYGUANOSINE-5'-MONOPHOSPHATE 'C10 H14 N5 O7 P'
DT DNA linking THYMIDINE-5'-MONOPHOSPHATE 'C10 H15 N2 O8 P'
ZN non-polymer 'ZINC ION' 'Zn 2'
#
# COMPACT_ATOMS: atom_id res chain seq x y z
N LYS A 12 -90.98 0.10 15.74
CA LYS A 12 -90.88 -1.01 16.73
C LYS A 12 -89.40 -1.29 17.01
N LEU A 13 -88.81 -2.11 16.14
CA LEU A 13 -87.38 -2.37 16.15
C LEU A 13 -86.56 -1.24 15.57
N LYS A 14 -87.14 -0.46 14.68
CA LYS A 14 -86.52 0.70 14.06
C LYS A 14 -86.09 1.72 15.13
N LYS A 15 -86.92 1.87 16.13
CA LYS A 15 -86.65 2.77 17.24
C LYS A 15 -85.47 2.26 18.07
N VAL A 16 -85.41 0.94 18.22
CA VAL A 16 -84.27 0.32 18.92
C VAL A 16 -82.99 0.57 18.14
N LEU A 17 -83.05 0.42 16.83
CA LEU A 17 -81.91 0.68 15.97
C LEU A 17 -81.49 2.14 16.02
N ASP A 18 -82.46 3.04 16.20
CA ASP A 18 -82.16 4.45 16.42
C ASP A 18 -81.41 4.65 17.73
N LYS A 19 -81.85 3.96 18.78
CA LYS A 19 -81.16 4.03 20.08
C LYS A 19 -79.73 3.49 19.99
N LEU A 20 -79.51 2.47 19.16
CA LEU A 20 -78.22 1.81 19.07
C LEU A 20 -77.22 2.55 18.17
N ARG A 21 -77.74 3.52 17.42
CA ARG A 21 -76.93 4.26 16.45
C ARG A 21 -75.84 5.06 17.14
N LEU A 22 -74.64 5.03 16.58
CA LEU A 22 -73.57 5.87 17.09
C LEU A 22 -73.73 7.30 16.63
N LYS A 23 -73.13 8.21 17.40
CA LYS A 23 -73.28 9.66 17.18
C LYS A 23 -71.96 10.21 16.69
N ARG A 24 -72.01 10.98 15.60
CA ARG A 24 -70.80 11.30 14.84
C ARG A 24 -69.80 12.17 15.59
N LYS A 25 -70.30 12.85 16.62
CA LYS A 25 -69.44 13.67 17.48
C LYS A 25 -68.60 12.76 18.36
N ASP A 26 -69.29 11.86 19.06
CA ASP A 26 -68.65 10.83 19.89
C ASP A 26 -67.63 10.07 19.06
N ILE A 27 -68.08 9.65 17.89
CA ILE A 27 -67.25 8.91 16.93
C ILE A 27 -66.01 9.71 16.58
N SER A 28 -66.21 10.99 16.25
CA SER A 28 -65.11 11.85 15.86
C SER A 28 -64.03 11.99 16.93
N GLU A 29 -64.45 12.33 18.14
CA GLU A 29 -63.49 12.51 19.25
C GLU A 29 -62.77 11.21 19.62
N ALA A 30 -63.55 10.17 19.87
CA ALA A 30 -63.01 8.86 20.22
C ALA A 30 -61.98 8.41 19.17
N ALA A 31 -62.39 8.46 17.90
CA ALA A 31 -61.48 8.12 16.80
C ALA A 31 -60.20 8.97 16.78
N GLU A 32 -60.33 10.29 17.02
CA GLU A 32 -59.16 11.16 17.08
C GLU A 32 -58.13 10.59 18.07
N THR A 33 -58.53 10.56 19.34
CA THR A 33 -57.65 10.08 20.41
C THR A 33 -57.07 8.67 20.10
N VAL A 34 -57.97 7.74 19.81
CA VAL A 34 -57.61 6.37 19.52
C VAL A 34 -56.55 6.25 18.43
N ASN A 35 -56.80 6.90 17.28
CA ASN A 35 -55.83 6.91 16.19
C ASN A 35 -54.46 7.46 16.62
N LYS A 36 -54.47 8.51 17.44
CA LYS A 36 -53.20 9.05 17.93
C LYS A 36 -52.39 8.01 18.71
N VAL A 37 -53.01 7.47 19.74
CA VAL A 37 -52.37 6.43 20.58
C VAL A 37 -51.88 5.23 19.73
N VAL A 38 -52.76 4.68 18.90
CA VAL A 38 -52.40 3.57 18.04
C VAL A 38 -51.18 3.88 17.15
N GLU A 39 -51.17 5.08 16.57
CA GLU A 39 -50.05 5.48 15.72
C GLU A 39 -48.73 5.51 16.52
N ARG A 40 -48.77 6.10 17.71
CA ARG A 40 -47.59 6.11 18.57
C ARG A 40 -47.07 4.70 18.90
N LEU A 41 -47.98 3.81 19.26
CA LEU A 41 -47.60 2.45 19.58
C LEU A 41 -47.01 1.68 18.40
N LEU A 42 -47.64 1.77 17.24
CA LEU A 42 -47.13 1.14 16.02
C LEU A 42 -45.72 1.65 15.70
N ARG A 43 -45.58 2.96 15.67
CA ARG A 43 -44.32 3.61 15.37
C ARG A 43 -43.19 3.15 16.32
N ARG A 44 -43.48 3.15 17.62
CA ARG A 44 -42.55 2.60 18.60
C ARG A 44 -42.21 1.13 18.29
N MET A 45 -43.23 0.38 17.90
CA MET A 45 -43.06 -1.02 17.58
C MET A 45 -42.12 -1.22 16.40
N GLN A 46 -41.99 -0.17 15.58
CA GLN A 46 -41.03 -0.17 14.46
C GLN A 46 -39.70 0.44 14.87
N LYS A 47 -39.79 1.60 15.52
CA LYS A 47 -38.62 2.42 15.92
C LYS A 47 -37.67 1.59 16.80
N ARG A 48 -37.69 1.79 18.13
CA ARG A 48 -36.61 1.29 18.99
C ARG A 48 -36.35 -0.17 18.64
N GLU A 49 -35.07 -0.48 18.36
CA GLU A 49 -34.71 -1.69 17.61
C GLU A 49 -35.29 -2.93 18.25
N SER A 50 -36.57 -3.12 17.92
CA SER A 50 -37.40 -4.15 18.48
C SER A 50 -37.17 -5.39 17.64
N GLU A 51 -37.92 -6.45 17.99
CA GLU A 51 -38.03 -7.66 17.18
C GLU A 51 -39.43 -7.78 16.55
N PHE A 52 -40.32 -6.86 16.91
CA PHE A 52 -41.61 -6.73 16.33
C PHE A 52 -41.56 -5.61 15.27
N LYS A 53 -40.36 -5.23 14.88
CA LYS A 53 -40.19 -4.32 13.79
C LYS A 53 -40.61 -5.01 12.49
N GLY A 54 -41.34 -4.28 11.66
CA GLY A 54 -41.91 -4.85 10.45
C GLY A 54 -43.37 -5.23 10.65
N VAL A 55 -43.87 -5.01 11.86
CA VAL A 55 -45.26 -5.27 12.15
C VAL A 55 -46.13 -4.27 11.33
N GLU A 56 -47.31 -4.71 10.92
CA GLU A 56 -48.26 -3.82 10.28
C GLU A 56 -49.61 -3.81 10.93
N GLN A 57 -50.41 -2.82 10.61
CA GLN A 57 -51.68 -2.56 11.28
C GLN A 57 -52.85 -3.10 10.46
N LEU A 58 -53.89 -3.52 11.16
CA LEU A 58 -55.08 -4.04 10.49
C LEU A 58 -56.26 -3.85 11.44
N ASN A 59 -57.10 -2.88 11.15
CA ASN A 59 -58.25 -2.60 11.99
C ASN A 59 -59.35 -3.62 11.77
N THR A 60 -59.82 -4.24 12.85
CA THR A 60 -60.89 -5.26 12.78
C THR A 60 -62.03 -4.97 13.79
N GLY A 61 -63.09 -5.73 13.71
CA GLY A 61 -64.14 -5.70 14.72
C GLY A 61 -65.31 -4.76 14.41
N SER A 62 -66.23 -4.62 15.36
CA SER A 62 -67.52 -3.96 15.10
C SER A 62 -67.36 -2.52 14.63
N TYR A 63 -66.42 -1.79 15.23
CA TYR A 63 -66.26 -0.40 14.85
C TYR A 63 -65.86 -0.25 13.40
N TYR A 64 -64.97 -1.11 12.91
CA TYR A 64 -64.48 -1.02 11.54
C TYR A 64 -65.37 -1.74 10.53
N GLU A 65 -66.42 -2.38 11.03
CA GLU A 65 -67.39 -3.03 10.17
C GLU A 65 -68.67 -2.23 10.16
N HIS A 66 -68.72 -1.18 10.97
CA HIS A 66 -69.88 -0.30 11.14
C HIS A 66 -71.04 -1.08 11.73
N VAL A 67 -70.75 -1.95 12.69
CA VAL A 67 -71.78 -2.65 13.41
C VAL A 67 -71.63 -2.44 14.92
N LYS A 68 -70.80 -1.45 15.27
CA LYS A 68 -70.68 -1.07 16.68
C LYS A 68 -71.98 -0.40 17.08
N ILE A 69 -72.37 -0.65 18.33
CA ILE A 69 -73.72 -0.30 18.84
C ILE A 69 -73.58 0.59 20.05
N SER A 70 -74.62 1.38 20.35
CA SER A 70 -74.57 2.30 21.49
C SER A 70 -73.48 3.39 21.48
N ALA A 71 -72.21 2.97 21.57
CA ALA A 71 -71.10 3.89 21.69
C ALA A 71 -69.82 3.34 21.06
N PRO A 72 -68.93 4.25 20.62
CA PRO A 72 -67.60 3.85 20.15
C PRO A 72 -66.59 3.74 21.26
N ASN A 73 -66.76 2.75 22.12
CA ASN A 73 -65.92 2.55 23.30
C ASN A 73 -65.07 1.27 23.23
N GLU A 74 -65.12 0.60 22.09
CA GLU A 74 -64.34 -0.64 21.91
C GLU A 74 -63.72 -0.67 20.51
N PHE A 75 -62.40 -0.87 20.48
CA PHE A 75 -61.67 -0.86 19.21
C PHE A 75 -60.72 -2.06 19.13
N ASP A 76 -60.69 -2.71 17.98
CA ASP A 76 -59.85 -3.89 17.79
C ASP A 76 -58.78 -3.62 16.72
N VAL A 77 -57.51 -3.62 17.10
CA VAL A 77 -56.45 -3.39 16.15
C VAL A 77 -55.42 -4.49 16.15
N MET A 78 -55.22 -5.08 14.97
CA MET A 78 -54.21 -6.15 14.81
C MET A 78 -52.86 -5.62 14.41
N PHE A 79 -51.87 -5.95 15.21
CA PHE A 79 -50.45 -5.76 14.83
C PHE A 79 -49.97 -7.10 14.32
N LYS A 80 -50.02 -7.27 13.01
CA LYS A 80 -49.65 -8.54 12.37
C LYS A 80 -48.20 -8.51 11.92
N LEU A 81 -47.52 -9.64 12.05
CA LEU A 81 -46.11 -9.74 11.67
C LEU A 81 -45.87 -10.95 10.85
N GLU A 82 -45.42 -10.78 9.61
CA GLU A 82 -45.22 -11.92 8.72
C GLU A 82 -44.06 -12.82 9.22
N VAL A 83 -44.35 -14.08 9.40
CA VAL A 83 -43.36 -14.98 9.96
C VAL A 83 -43.18 -16.15 8.99
N PRO A 84 -42.16 -15.98 8.13
CA PRO A 84 -41.87 -16.96 7.07
C PRO A 84 -41.47 -18.38 7.55
N ARG A 85 -41.53 -19.31 6.62
CA ARG A 85 -40.97 -20.65 6.76
C ARG A 85 -41.40 -21.41 8.00
N ILE A 86 -42.70 -21.47 8.21
CA ILE A 86 -43.24 -22.18 9.40
C ILE A 86 -44.01 -23.45 9.06
N GLU A 87 -44.07 -24.34 10.04
CA GLU A 87 -44.88 -25.55 9.93
C GLU A 87 -45.78 -25.66 11.18
N LEU A 88 -47.06 -25.87 10.95
CA LEU A 88 -48.01 -25.99 12.06
C LEU A 88 -48.28 -27.42 12.42
N GLN A 89 -48.21 -27.70 13.71
CA GLN A 89 -48.67 -29.02 14.20
C GLN A 89 -49.97 -28.85 14.93
N GLU A 90 -51.05 -29.31 14.34
CA GLU A 90 -52.40 -29.13 14.89
C GLU A 90 -52.46 -29.64 16.33
N TYR A 91 -52.85 -28.76 17.24
CA TYR A 91 -52.98 -29.11 18.64
C TYR A 91 -54.18 -30.06 18.78
N TYR A 92 -53.86 -31.36 18.81
CA TYR A 92 -54.84 -32.42 18.82
C TYR A 92 -55.66 -32.46 17.52
N GLU A 93 -56.98 -32.37 17.63
CA GLU A 93 -57.85 -32.35 16.47
C GLU A 93 -58.88 -31.26 16.68
N THR A 94 -58.43 -30.21 17.33
CA THR A 94 -59.27 -29.04 17.62
C THR A 94 -59.55 -28.27 16.34
N GLY A 95 -58.62 -28.32 15.40
CA GLY A 95 -58.71 -27.56 14.16
C GLY A 95 -58.37 -26.11 14.35
N ALA A 96 -58.58 -25.58 15.55
CA ALA A 96 -58.41 -24.18 15.84
C ALA A 96 -57.04 -23.84 16.37
N PHE A 97 -56.43 -24.84 17.02
CA PHE A 97 -55.21 -24.66 17.77
C PHE A 97 -54.03 -25.38 17.16
N TYR A 98 -52.88 -24.70 17.18
CA TYR A 98 -51.68 -25.20 16.54
C TYR A 98 -50.45 -24.92 17.37
N LEU A 99 -49.41 -25.71 17.13
CA LEU A 99 -48.09 -25.42 17.66
C LEU A 99 -47.26 -24.95 16.49
N VAL A 100 -46.45 -23.92 16.69
CA VAL A 100 -45.72 -23.27 15.60
C VAL A 100 -44.26 -23.66 15.60
N LYS A 101 -43.83 -24.32 14.51
CA LYS A 101 -42.43 -24.72 14.36
C LYS A 101 -41.82 -23.98 13.17
N PHE A 102 -40.49 -23.92 13.18
CA PHE A 102 -39.76 -23.28 12.10
C PHE A 102 -39.05 -24.32 11.28
N LYS A 103 -39.06 -24.13 9.96
CA LYS A 103 -38.07 -24.75 9.10
C LYS A 103 -36.75 -24.08 9.46
N ARG A 104 -36.64 -22.78 9.20
CA ARG A 104 -35.35 -22.10 9.14
C ARG A 104 -35.18 -21.01 10.22
N ILE A 105 -34.39 -21.32 11.25
CA ILE A 105 -33.80 -20.30 12.14
C ILE A 105 -32.83 -19.41 11.31
N PRO A 106 -33.28 -18.23 10.74
CA PRO A 106 -32.52 -17.52 9.67
C PRO A 106 -31.04 -17.27 9.95
N ARG A 107 -30.73 -16.66 11.09
CA ARG A 107 -29.36 -16.61 11.57
C ARG A 107 -29.39 -16.45 13.11
N GLY A 108 -29.03 -15.29 13.65
CA GLY A 108 -29.33 -14.96 15.05
C GLY A 108 -30.83 -14.90 15.25
N ASN A 109 -31.55 -14.36 14.26
CA ASN A 109 -33.03 -14.40 14.16
C ASN A 109 -33.74 -13.61 15.27
N PRO A 110 -34.61 -12.66 14.87
CA PRO A 110 -35.40 -11.95 15.88
C PRO A 110 -36.13 -12.82 16.95
N LEU A 111 -36.65 -13.95 16.50
CA LEU A 111 -37.65 -14.73 17.20
C LEU A 111 -37.07 -15.91 17.94
N SER A 112 -35.75 -15.96 17.99
CA SER A 112 -35.02 -17.05 18.69
C SER A 112 -35.27 -17.02 20.17
N HIS A 113 -35.42 -15.79 20.68
CA HIS A 113 -35.64 -15.50 22.09
C HIS A 113 -37.07 -15.93 22.47
N PHE A 114 -37.90 -16.17 21.45
CA PHE A 114 -39.28 -16.52 21.64
C PHE A 114 -39.50 -18.00 21.39
N LEU A 115 -38.39 -18.74 21.30
CA LEU A 115 -38.44 -20.18 21.09
C LEU A 115 -38.33 -20.97 22.38
N GLU A 116 -39.14 -22.02 22.50
CA GLU A 116 -39.01 -23.01 23.57
C GLU A 116 -38.70 -24.36 22.93
N GLY A 117 -37.67 -24.36 22.10
CA GLY A 117 -37.27 -25.55 21.36
C GLY A 117 -37.24 -25.28 19.88
N GLU A 118 -38.09 -26.01 19.14
CA GLU A 118 -38.39 -25.77 17.75
C GLU A 118 -39.71 -25.01 17.65
N VAL A 119 -40.29 -24.76 18.83
CA VAL A 119 -41.65 -24.27 18.99
C VAL A 119 -41.66 -22.81 19.42
N LEU A 120 -42.29 -21.96 18.62
CA LEU A 120 -42.47 -20.55 18.99
C LEU A 120 -43.43 -20.35 20.15
N SER A 121 -42.94 -19.74 21.23
CA SER A 121 -43.74 -19.54 22.44
C SER A 121 -44.60 -18.28 22.35
N ALA A 122 -45.91 -18.46 22.50
CA ALA A 122 -46.87 -17.39 22.38
C ALA A 122 -46.81 -16.48 23.61
N THR A 123 -46.55 -17.08 24.74
CA THR A 123 -46.56 -16.33 26.03
C THR A 123 -45.34 -15.48 26.19
N LYS A 124 -44.17 -15.92 25.72
CA LYS A 124 -42.95 -15.11 25.75
C LYS A 124 -43.09 -13.88 24.85
N MET A 125 -43.48 -14.15 23.62
CA MET A 125 -43.72 -13.12 22.62
C MET A 125 -44.71 -12.09 23.15
N LEU A 126 -45.81 -12.61 23.70
CA LEU A 126 -46.87 -11.76 24.25
C LEU A 126 -46.36 -10.93 25.42
N SER A 127 -45.47 -11.50 26.22
CA SER A 127 -44.87 -10.80 27.38
C SER A 127 -43.96 -9.66 26.98
N LYS A 128 -43.11 -9.88 25.98
CA LYS A 128 -42.23 -8.82 25.48
C LYS A 128 -43.05 -7.70 24.83
N PHE A 129 -44.02 -8.10 24.01
CA PHE A 129 -44.98 -7.20 23.39
C PHE A 129 -45.62 -6.29 24.45
N ARG A 130 -46.12 -6.92 25.50
CA ARG A 130 -46.77 -6.23 26.59
C ARG A 130 -45.83 -5.26 27.28
N LYS A 131 -44.60 -5.69 27.52
CA LYS A 131 -43.55 -4.87 28.14
C LYS A 131 -43.28 -3.60 27.35
N ILE A 132 -43.03 -3.75 26.06
CA ILE A 132 -42.83 -2.61 25.15
C ILE A 132 -44.02 -1.64 25.24
N ILE A 133 -45.22 -2.17 25.06
CA ILE A 133 -46.42 -1.34 25.11
C ILE A 133 -46.55 -0.53 26.43
N LYS A 134 -46.30 -1.20 27.56
CA LYS A 134 -46.36 -0.50 28.84
C LYS A 134 -45.31 0.61 28.92
N GLU A 135 -44.10 0.30 28.46
CA GLU A 135 -43.01 1.28 28.42
C GLU A 135 -43.41 2.51 27.65
N GLU A 136 -43.91 2.34 26.43
CA GLU A 136 -44.32 3.50 25.63
C GLU A 136 -45.52 4.23 26.24
N VAL A 137 -46.44 3.48 26.84
CA VAL A 137 -47.64 4.06 27.45
C VAL A 137 -47.29 4.97 28.64
N LYS A 138 -46.23 4.63 29.36
CA LYS A 138 -45.72 5.52 30.41
C LYS A 138 -45.30 6.88 29.86
N GLU A 139 -44.87 6.91 28.62
CA GLU A 139 -44.35 8.13 28.00
C GLU A 139 -45.41 9.04 27.42
N ILE A 140 -46.67 8.60 27.46
CA ILE A 140 -47.81 9.43 27.03
C ILE A 140 -48.34 10.31 28.15
N LYS A 141 -48.12 11.63 28.00
CA LYS A 141 -48.37 12.62 29.04
C LYS A 141 -49.61 13.47 28.77
N ASP A 142 -50.02 13.50 27.51
CA ASP A 142 -51.15 14.36 27.08
C ASP A 142 -52.47 13.60 27.03
N ILE A 143 -52.40 12.29 27.06
CA ILE A 143 -53.63 11.47 27.07
C ILE A 143 -53.65 10.58 28.31
N ASP A 144 -54.84 10.41 28.90
CA ASP A 144 -55.02 9.47 29.99
C ASP A 144 -55.24 8.07 29.41
N VAL A 145 -54.12 7.38 29.24
CA VAL A 145 -54.14 6.00 28.74
C VAL A 145 -53.37 5.10 29.70
N SER A 146 -53.93 3.95 29.99
CA SER A 146 -53.23 2.96 30.80
C SER A 146 -53.38 1.56 30.21
N VAL A 147 -52.57 0.62 30.69
CA VAL A 147 -52.66 -0.78 30.28
C VAL A 147 -53.57 -1.57 31.23
N GLU A 148 -54.56 -2.26 30.66
CA GLU A 148 -55.46 -3.11 31.43
C GLU A 148 -54.74 -4.40 31.82
N LYS A 149 -55.05 -4.90 33.02
CA LYS A 149 -54.53 -6.20 33.47
C LYS A 149 -54.91 -7.30 32.51
N GLU A 150 -53.98 -8.22 32.27
CA GLU A 150 -54.18 -9.28 31.28
C GLU A 150 -55.42 -10.11 31.53
N LYS A 151 -56.23 -10.27 30.48
CA LYS A 151 -57.45 -11.08 30.53
C LYS A 151 -57.13 -12.50 30.05
N PRO A 152 -57.61 -13.50 30.77
CA PRO A 152 -57.27 -14.89 30.40
C PRO A 152 -57.96 -15.25 29.10
N GLY A 153 -57.20 -15.79 28.15
CA GLY A 153 -57.75 -16.15 26.85
C GLY A 153 -57.73 -15.03 25.82
N SER A 154 -57.01 -13.96 26.11
CA SER A 154 -56.91 -12.83 25.19
C SER A 154 -55.53 -12.84 24.50
N PRO A 155 -55.52 -12.60 23.19
CA PRO A 155 -54.26 -12.50 22.44
C PRO A 155 -53.80 -11.04 22.34
N ALA A 156 -54.38 -10.18 23.19
CA ALA A 156 -54.24 -8.75 23.10
C ALA A 156 -53.68 -8.07 24.35
N VAL A 157 -53.23 -6.84 24.17
CA VAL A 157 -52.88 -5.96 25.26
C VAL A 157 -53.92 -4.83 25.22
N THR A 158 -54.76 -4.77 26.25
CA THR A 158 -55.90 -3.88 26.23
C THR A 158 -55.59 -2.54 26.92
N LEU A 159 -55.88 -1.46 26.23
CA LEU A 159 -55.65 -0.12 26.72
C LEU A 159 -56.95 0.52 27.15
N LEU A 160 -56.94 1.14 28.32
CA LEU A 160 -58.07 1.95 28.77
C LEU A 160 -57.71 3.42 28.58
N ILE A 161 -58.53 4.10 27.77
CA ILE A 161 -58.36 5.51 27.51
C ILE A 161 -59.48 6.30 28.17
N ARG A 162 -59.09 7.19 29.07
CA ARG A 162 -60.00 8.18 29.63
C ARG A 162 -60.06 9.39 28.71
N ASN A 163 -60.80 9.23 27.60
CA ASN A 163 -61.04 10.34 26.67
C ASN A 163 -62.25 11.04 27.24
N PRO A 164 -62.11 11.63 28.43
CA PRO A 164 -63.10 11.58 29.48
C PRO A 164 -63.90 10.25 29.56
N GLU A 165 -64.80 9.97 28.62
CA GLU A 165 -65.43 8.67 28.63
C GLU A 165 -64.42 7.56 28.37
N GLU A 166 -64.73 6.37 28.85
CA GLU A 166 -63.83 5.22 28.79
C GLU A 166 -63.90 4.51 27.46
N ILE A 167 -62.73 4.30 26.85
CA ILE A 167 -62.64 3.56 25.59
C ILE A 167 -61.61 2.44 25.76
N SER A 168 -61.95 1.24 25.32
CA SER A 168 -61.02 0.11 25.40
C SER A 168 -60.46 -0.23 24.02
N VAL A 169 -59.15 -0.42 23.93
CA VAL A 169 -58.50 -0.75 22.68
C VAL A 169 -57.66 -2.03 22.79
N ASP A 170 -58.08 -3.08 22.10
CA ASP A 170 -57.33 -4.34 22.11
C ASP A 170 -56.25 -4.31 21.03
N ILE A 171 -54.99 -4.28 21.46
CA ILE A 171 -53.87 -4.38 20.56
C ILE A 171 -53.48 -5.84 20.44
N ILE A 172 -53.91 -6.46 19.35
CA ILE A 172 -53.79 -7.90 19.16
C ILE A 172 -52.51 -8.27 18.44
N LEU A 173 -51.65 -9.01 19.09
CA LEU A 173 -50.43 -9.55 18.42
C LEU A 173 -50.78 -10.68 17.48
N ALA A 174 -50.45 -10.55 16.21
CA ALA A 174 -50.75 -11.63 15.26
C ALA A 174 -49.56 -12.01 14.40
N LEU A 175 -49.55 -13.25 13.92
CA LEU A 175 -48.55 -13.74 12.95
C LEU A 175 -49.23 -13.88 11.62
N GLU A 176 -48.63 -13.33 10.58
CA GLU A 176 -49.16 -13.45 9.20
C GLU A 176 -48.43 -14.52 8.37
N SER A 177 -49.19 -15.45 7.80
CA SER A 177 -48.60 -16.47 6.94
C SER A 177 -49.25 -16.46 5.56
N LYS A 178 -48.43 -16.34 4.52
CA LYS A 178 -48.95 -16.24 3.16
C LYS A 178 -49.18 -17.58 2.48
N GLY A 179 -48.82 -18.66 3.19
CA GLY A 179 -49.05 -20.02 2.71
C GLY A 179 -50.53 -20.37 2.62
N SER A 180 -50.83 -21.55 2.11
CA SER A 180 -52.23 -21.92 1.92
C SER A 180 -52.80 -22.34 3.27
N TRP A 181 -54.10 -22.09 3.41
CA TRP A 181 -54.81 -22.21 4.68
C TRP A 181 -54.77 -23.62 5.21
N PRO A 182 -54.65 -23.78 6.53
CA PRO A 182 -54.61 -25.14 7.12
C PRO A 182 -55.84 -25.94 6.70
N ILE A 183 -55.67 -27.26 6.68
CA ILE A 183 -56.62 -28.22 6.16
C ILE A 183 -57.98 -28.16 6.84
N SER A 184 -57.93 -27.75 8.11
CA SER A 184 -59.13 -27.73 8.96
C SER A 184 -60.14 -26.72 8.44
N THR A 185 -59.68 -25.84 7.55
CA THR A 185 -60.54 -24.81 6.97
C THR A 185 -60.98 -25.16 5.58
N LYS A 186 -60.57 -26.33 5.07
CA LYS A 186 -60.82 -26.70 3.68
C LYS A 186 -62.33 -26.74 3.37
N GLU A 187 -63.10 -27.25 4.33
CA GLU A 187 -64.55 -27.36 4.21
C GLU A 187 -65.25 -26.11 4.74
N GLY A 188 -64.48 -25.19 5.28
CA GLY A 188 -65.02 -23.97 5.85
C GLY A 188 -65.33 -22.91 4.81
N LEU A 189 -65.80 -21.76 5.28
CA LEU A 189 -66.12 -20.61 4.41
C LEU A 189 -67.04 -21.02 3.26
N PRO A 190 -68.27 -21.44 3.58
CA PRO A 190 -69.18 -22.06 2.64
C PRO A 190 -70.04 -21.04 1.90
N ILE A 191 -69.41 -20.06 1.29
CA ILE A 191 -70.08 -18.90 0.69
C ILE A 191 -70.49 -19.13 -0.76
N GLN A 192 -70.18 -20.32 -1.27
CA GLN A 192 -70.30 -20.66 -2.70
C GLN A 192 -71.61 -20.37 -3.38
N GLY A 193 -72.70 -20.32 -2.58
CA GLY A 193 -74.04 -20.06 -3.09
C GLY A 193 -74.49 -18.62 -2.82
N TRP A 194 -73.68 -17.92 -2.03
CA TRP A 194 -74.03 -16.61 -1.52
C TRP A 194 -73.12 -15.54 -2.11
N LEU A 195 -71.83 -15.64 -1.83
CA LEU A 195 -70.87 -14.70 -2.41
C LEU A 195 -70.19 -15.27 -3.66
N GLY A 196 -70.13 -16.58 -3.74
CA GLY A 196 -69.63 -17.23 -4.96
C GLY A 196 -68.30 -17.96 -4.83
N THR A 197 -67.85 -18.52 -5.93
CA THR A 197 -66.74 -19.47 -5.99
C THR A 197 -65.40 -18.72 -6.19
N LYS A 198 -65.49 -17.71 -7.04
CA LYS A 198 -64.36 -16.82 -7.36
C LYS A 198 -63.94 -15.99 -6.14
N VAL A 199 -64.94 -15.56 -5.40
CA VAL A 199 -64.80 -14.81 -4.15
C VAL A 199 -64.09 -15.67 -3.11
N ARG A 200 -64.65 -16.83 -2.84
CA ARG A 200 -64.09 -17.77 -1.87
C ARG A 200 -62.65 -18.14 -2.26
N THR A 201 -62.42 -18.36 -3.56
CA THR A 201 -61.11 -18.73 -4.05
C THR A 201 -60.12 -17.60 -3.82
N ASN A 202 -60.56 -16.37 -4.08
CA ASN A 202 -59.70 -15.22 -3.86
C ASN A 202 -59.43 -14.92 -2.40
N LEU A 203 -60.41 -15.22 -1.55
CA LEU A 203 -60.27 -14.99 -0.12
C LEU A 203 -59.32 -15.99 0.49
N ARG A 204 -59.40 -17.25 0.08
CA ARG A 204 -58.51 -18.29 0.58
C ARG A 204 -57.09 -18.21 0.00
N ARG A 205 -56.90 -17.35 -0.99
CA ARG A 205 -55.58 -17.06 -1.54
C ARG A 205 -54.86 -16.04 -0.69
N GLU A 206 -55.59 -15.44 0.24
CA GLU A 206 -55.06 -14.40 1.10
C GLU A 206 -54.29 -15.03 2.24
N PRO A 207 -53.47 -14.24 2.95
CA PRO A 207 -52.75 -14.87 4.07
C PRO A 207 -53.69 -15.19 5.21
N PHE A 208 -53.24 -16.01 6.16
CA PHE A 208 -54.02 -16.24 7.37
C PHE A 208 -53.19 -15.84 8.58
N TYR A 209 -53.80 -15.85 9.74
CA TYR A 209 -53.23 -15.22 10.92
C TYR A 209 -53.31 -16.09 12.15
N LEU A 210 -52.30 -16.02 13.01
CA LEU A 210 -52.27 -16.80 14.23
C LEU A 210 -52.05 -15.87 15.43
N VAL A 211 -52.90 -15.99 16.41
CA VAL A 211 -52.78 -15.16 17.61
C VAL A 211 -52.51 -16.08 18.77
N PRO A 212 -51.93 -15.57 19.87
CA PRO A 212 -51.77 -16.40 21.07
C PRO A 212 -53.12 -16.86 21.63
N LYS A 213 -53.22 -18.14 21.98
CA LYS A 213 -54.40 -18.67 22.64
C LYS A 213 -54.49 -18.07 24.04
N ASN A 214 -53.35 -18.06 24.75
CA ASN A 214 -53.24 -17.43 26.06
C ASN A 214 -54.33 -17.91 27.06
N ALA A 215 -54.65 -19.20 26.98
CA ALA A 215 -55.47 -19.83 28.00
C ALA A 215 -54.65 -19.88 29.28
N LYS A 216 -55.32 -19.82 30.41
CA LYS A 216 -54.66 -19.93 31.71
C LYS A 216 -55.09 -21.19 32.47
N ASP A 217 -55.17 -22.30 31.75
CA ASP A 217 -55.79 -23.54 32.22
C ASP A 217 -54.81 -24.49 32.89
N GLY A 218 -53.52 -24.35 32.56
CA GLY A 218 -52.47 -25.19 33.11
C GLY A 218 -52.14 -26.40 32.28
N ASN A 219 -52.69 -26.45 31.06
CA ASN A 219 -52.38 -27.49 30.10
C ASN A 219 -50.90 -27.61 29.77
N SER A 220 -50.53 -28.72 29.10
CA SER A 220 -49.25 -28.83 28.40
C SER A 220 -49.32 -28.00 27.10
N PHE A 221 -48.16 -27.44 26.73
CA PHE A 221 -48.05 -26.57 25.56
C PHE A 221 -49.03 -25.39 25.68
N GLN A 222 -49.25 -24.98 26.91
CA GLN A 222 -50.22 -23.92 27.20
C GLN A 222 -49.73 -22.59 26.65
N GLY A 223 -48.44 -22.27 26.78
CA GLY A 223 -47.90 -21.05 26.30
C GLY A 223 -47.28 -21.11 24.92
N GLU A 224 -47.51 -22.18 24.21
CA GLU A 224 -47.03 -22.33 22.84
C GLU A 224 -48.19 -22.62 21.87
N THR A 225 -49.41 -22.56 22.38
CA THR A 225 -50.63 -22.79 21.63
C THR A 225 -51.12 -21.53 20.94
N TRP A 226 -51.32 -21.62 19.61
CA TRP A 226 -51.81 -20.51 18.83
C TRP A 226 -53.19 -20.83 18.27
N ARG A 227 -54.00 -19.78 18.11
CA ARG A 227 -55.33 -19.92 17.53
C ARG A 227 -55.38 -19.20 16.18
N LEU A 228 -56.04 -19.82 15.21
CA LEU A 228 -56.29 -19.16 13.94
C LEU A 228 -57.19 -17.94 14.13
N SER A 229 -57.01 -16.95 13.25
CA SER A 229 -57.86 -15.77 13.18
C SER A 229 -58.21 -15.42 11.76
N PHE A 230 -59.44 -14.97 11.55
CA PHE A 230 -59.91 -14.60 10.21
C PHE A 230 -60.63 -13.26 10.23
N SER A 231 -60.12 -12.32 11.00
CA SER A 231 -60.81 -11.04 11.17
C SER A 231 -60.79 -10.22 9.88
N HIS A 232 -59.74 -10.42 9.09
CA HIS A 232 -59.61 -9.77 7.78
C HIS A 232 -60.73 -10.19 6.81
N THR A 233 -60.96 -11.48 6.74
CA THR A 233 -61.96 -12.07 5.88
C THR A 233 -63.36 -11.67 6.35
N GLU A 234 -63.57 -11.66 7.65
CA GLU A 234 -64.86 -11.29 8.23
C GLU A 234 -65.16 -9.81 7.94
N LYS A 235 -64.11 -8.99 7.99
CA LYS A 235 -64.22 -7.60 7.62
C LYS A 235 -64.67 -7.47 6.17
N TYR A 236 -64.00 -8.21 5.28
CA TYR A 236 -64.37 -8.19 3.87
C TYR A 236 -65.84 -8.60 3.67
N ILE A 237 -66.25 -9.66 4.36
CA ILE A 237 -67.62 -10.16 4.23
C ILE A 237 -68.64 -9.16 4.71
N LEU A 238 -68.39 -8.56 5.87
CA LEU A 238 -69.28 -7.53 6.40
C LEU A 238 -69.39 -6.37 5.42
N ASN A 239 -68.30 -6.05 4.74
CA ASN A 239 -68.36 -4.94 3.79
C ASN A 239 -68.70 -5.33 2.36
N ASN A 240 -68.75 -6.63 2.10
CA ASN A 240 -69.19 -7.14 0.81
C ASN A 240 -70.15 -8.30 1.00
N HIS A 241 -71.36 -7.99 1.46
CA HIS A 241 -72.28 -8.95 2.04
C HIS A 241 -73.47 -9.37 1.18
N GLY A 242 -73.58 -8.85 -0.04
CA GLY A 242 -74.75 -9.17 -0.87
C GLY A 242 -74.48 -10.23 -1.93
N ILE A 243 -75.53 -10.83 -2.46
CA ILE A 243 -75.40 -11.64 -3.67
C ILE A 243 -75.23 -10.70 -4.83
N GLU A 244 -75.94 -9.57 -4.74
CA GLU A 244 -75.84 -8.46 -5.69
C GLU A 244 -74.73 -7.55 -5.25
N LYS A 245 -73.91 -7.09 -6.20
CA LYS A 245 -72.75 -6.28 -5.90
C LYS A 245 -73.18 -4.86 -5.44
N THR A 246 -74.42 -4.50 -5.69
CA THR A 246 -74.89 -3.15 -5.38
C THR A 246 -75.65 -3.10 -4.07
N CYS A 247 -75.70 -4.22 -3.39
CA CYS A 247 -76.33 -4.31 -2.05
C CYS A 247 -75.67 -3.33 -1.08
N CYS A 248 -76.48 -2.41 -0.57
CA CYS A 248 -76.05 -1.35 0.37
C CYS A 248 -75.13 -0.31 -0.25
N GLU A 249 -75.00 -0.34 -1.57
CA GLU A 249 -74.13 0.59 -2.29
C GLU A 249 -74.90 1.84 -2.66
N SER A 250 -74.19 2.81 -3.26
CA SER A 250 -74.74 4.11 -3.61
C SER A 250 -75.79 4.02 -4.73
N SER A 251 -75.60 3.06 -5.63
CA SER A 251 -76.57 2.87 -6.70
C SER A 251 -77.29 1.54 -6.52
N GLY A 252 -77.41 1.12 -5.28
CA GLY A 252 -78.10 -0.14 -4.98
C GLY A 252 -79.14 0.02 -3.87
N ALA A 253 -79.52 -1.09 -3.27
CA ALA A 253 -80.58 -1.09 -2.25
C ALA A 253 -80.05 -1.65 -0.93
N LYS A 254 -80.58 -1.11 0.16
CA LYS A 254 -80.20 -1.58 1.50
C LYS A 254 -80.90 -2.92 1.81
N CYS A 255 -80.15 -3.74 2.56
CA CYS A 255 -80.63 -4.91 3.27
C CYS A 255 -80.71 -4.60 4.76
N CYS A 256 -81.18 -5.58 5.51
CA CYS A 256 -81.26 -5.45 6.97
C CYS A 256 -80.34 -6.42 7.74
N ARG A 257 -79.28 -6.86 7.05
CA ARG A 257 -78.35 -7.85 7.60
C ARG A 257 -77.61 -7.30 8.82
N LYS A 258 -76.86 -6.21 8.58
CA LYS A 258 -76.06 -5.53 9.61
C LYS A 258 -76.94 -5.12 10.79
N GLU A 259 -78.16 -4.71 10.46
CA GLU A 259 -79.14 -4.30 11.45
C GLU A 259 -79.48 -5.45 12.39
N CYS A 260 -79.78 -6.61 11.81
CA CYS A 260 -80.06 -7.82 12.60
C CYS A 260 -78.84 -8.23 13.44
N LEU A 261 -77.64 -8.09 12.87
CA LEU A 261 -76.43 -8.36 13.63
C LEU A 261 -76.35 -7.45 14.84
N LYS A 262 -76.67 -6.18 14.64
CA LYS A 262 -76.63 -5.20 15.72
C LYS A 262 -77.62 -5.54 16.82
N LEU A 263 -78.89 -5.72 16.44
CA LEU A 263 -79.95 -6.09 17.39
C LEU A 263 -79.60 -7.33 18.20
N MET A 264 -79.08 -8.35 17.51
CA MET A 264 -78.71 -9.59 18.17
C MET A 264 -77.57 -9.36 19.16
N LYS A 265 -76.54 -8.64 18.69
CA LYS A 265 -75.42 -8.25 19.53
C LYS A 265 -75.89 -7.58 20.81
N TYR A 266 -76.83 -6.64 20.67
CA TYR A 266 -77.31 -5.85 21.79
C TYR A 266 -78.07 -6.72 22.77
N LEU A 267 -79.02 -7.48 22.25
CA LEU A 267 -79.77 -8.44 23.04
C LEU A 267 -78.81 -9.24 23.93
N LEU A 268 -77.79 -9.82 23.30
CA LEU A 268 -76.82 -10.62 24.05
C LEU A 268 -76.02 -9.79 25.07
N GLU A 269 -75.62 -8.58 24.69
CA GLU A 269 -74.88 -7.73 25.60
C GLU A 269 -75.65 -7.46 26.88
N GLN A 270 -76.91 -7.07 26.73
CA GLN A 270 -77.79 -6.78 27.87
C GLN A 270 -78.02 -8.02 28.73
N LEU A 271 -78.43 -9.11 28.08
CA LEU A 271 -78.67 -10.36 28.78
C LEU A 271 -77.40 -10.85 29.51
N LYS A 272 -76.24 -10.41 29.04
CA LYS A 272 -74.96 -10.77 29.67
C LYS A 272 -74.61 -9.84 30.84
N LYS A 273 -74.95 -8.57 30.72
CA LYS A 273 -74.69 -7.64 31.80
C LYS A 273 -75.59 -7.89 32.99
N GLU A 274 -76.76 -8.48 32.74
CA GLU A 274 -77.68 -8.79 33.84
C GLU A 274 -77.46 -10.17 34.46
N PHE A 275 -76.96 -11.12 33.68
CA PHE A 275 -76.79 -12.48 34.17
C PHE A 275 -75.38 -13.02 34.01
N GLN A 276 -74.90 -13.50 35.15
CA GLN A 276 -73.56 -14.12 35.35
C GLN A 276 -73.52 -15.48 34.73
N GLU A 277 -74.70 -16.01 34.42
CA GLU A 277 -74.80 -17.38 33.90
C GLU A 277 -74.38 -17.41 32.43
N LEU A 278 -74.11 -16.25 31.87
CA LEU A 278 -73.84 -16.13 30.42
C LEU A 278 -72.48 -15.52 30.19
N ASP A 279 -71.55 -15.82 31.09
CA ASP A 279 -70.16 -15.34 30.92
C ASP A 279 -69.40 -16.16 29.91
N ALA A 280 -69.95 -17.33 29.53
CA ALA A 280 -69.35 -18.17 28.49
C ALA A 280 -69.58 -17.59 27.11
N PHE A 281 -70.65 -16.81 26.98
CA PHE A 281 -71.05 -16.28 25.68
C PHE A 281 -70.37 -14.97 25.35
N CYS A 282 -69.97 -14.83 24.07
CA CYS A 282 -69.37 -13.62 23.50
C CYS A 282 -70.09 -13.25 22.19
N SER A 283 -69.80 -12.09 21.62
CA SER A 283 -70.50 -11.70 20.41
C SER A 283 -70.05 -12.47 19.17
N TYR A 284 -68.92 -13.19 19.24
CA TYR A 284 -68.48 -13.97 18.11
C TYR A 284 -69.40 -15.14 17.80
N HIS A 285 -70.16 -15.58 18.81
CA HIS A 285 -71.14 -16.63 18.64
C HIS A 285 -72.28 -16.11 17.79
N VAL A 286 -72.72 -14.90 18.11
CA VAL A 286 -73.72 -14.18 17.34
C VAL A 286 -73.25 -13.98 15.89
N LYS A 287 -72.02 -13.52 15.73
CA LYS A 287 -71.43 -13.28 14.42
C LYS A 287 -71.34 -14.55 13.59
N THR A 288 -70.89 -15.64 14.21
CA THR A 288 -70.77 -16.93 13.53
C THR A 288 -72.13 -17.45 13.08
N ALA A 289 -73.07 -17.46 14.02
CA ALA A 289 -74.43 -17.84 13.72
C ALA A 289 -75.01 -17.03 12.56
N ILE A 290 -74.80 -15.71 12.56
CA ILE A 290 -75.36 -14.88 11.51
C ILE A 290 -74.67 -15.09 10.17
N PHE A 291 -73.40 -15.48 10.20
CA PHE A 291 -72.72 -15.91 8.99
C PHE A 291 -73.42 -17.13 8.41
N HIS A 292 -73.72 -18.10 9.29
CA HIS A 292 -74.42 -19.29 8.86
C HIS A 292 -75.80 -18.97 8.29
N MET A 293 -76.49 -18.00 8.90
CA MET A 293 -77.81 -17.59 8.41
C MET A 293 -77.73 -16.90 7.05
N TRP A 294 -76.76 -16.02 6.90
CA TRP A 294 -76.55 -15.34 5.61
C TRP A 294 -76.19 -16.33 4.53
N THR A 295 -75.54 -17.41 4.91
CA THR A 295 -75.23 -18.47 3.94
C THR A 295 -76.49 -19.29 3.64
N GLN A 296 -77.39 -19.38 4.62
CA GLN A 296 -78.65 -20.09 4.46
C GLN A 296 -79.66 -19.34 3.62
N ASP A 297 -79.80 -18.05 3.90
CA ASP A 297 -80.66 -17.16 3.11
C ASP A 297 -79.78 -16.16 2.34
N PRO A 298 -79.25 -16.57 1.17
CA PRO A 298 -78.31 -15.78 0.41
C PRO A 298 -78.97 -14.60 -0.27
N GLN A 299 -80.24 -14.79 -0.66
CA GLN A 299 -80.97 -13.75 -1.41
C GLN A 299 -81.12 -12.45 -0.61
N ASP A 300 -80.81 -11.35 -1.29
CA ASP A 300 -80.92 -10.01 -0.71
C ASP A 300 -82.37 -9.70 -0.43
N SER A 301 -83.26 -10.28 -1.24
CA SER A 301 -84.69 -10.13 -1.05
C SER A 301 -85.14 -10.73 0.28
N GLN A 302 -84.40 -11.73 0.75
CA GLN A 302 -84.69 -12.37 2.04
C GLN A 302 -84.16 -11.55 3.18
N TRP A 303 -83.56 -10.39 2.86
CA TRP A 303 -83.09 -9.47 3.87
C TRP A 303 -83.52 -8.04 3.52
N ASP A 304 -84.80 -7.89 3.14
CA ASP A 304 -85.33 -6.56 2.90
C ASP A 304 -85.68 -5.93 4.23
N PRO A 305 -85.33 -4.64 4.41
CA PRO A 305 -85.74 -3.82 5.55
C PRO A 305 -87.20 -3.98 5.97
N ARG A 306 -88.11 -4.03 5.01
CA ARG A 306 -89.53 -4.21 5.31
C ARG A 306 -89.83 -5.54 6.02
N ASN A 307 -88.92 -6.50 5.88
CA ASN A 307 -89.05 -7.78 6.56
C ASN A 307 -88.10 -7.85 7.75
N LEU A 308 -87.86 -6.71 8.40
CA LEU A 308 -86.89 -6.69 9.50
C LEU A 308 -87.26 -7.66 10.60
N SER A 309 -88.44 -7.43 11.21
CA SER A 309 -88.94 -8.18 12.35
C SER A 309 -88.86 -9.70 12.13
N SER A 310 -89.34 -10.12 10.97
CA SER A 310 -89.33 -11.54 10.63
C SER A 310 -87.91 -12.04 10.48
N CYS A 311 -87.08 -11.27 9.76
CA CYS A 311 -85.68 -11.63 9.57
C CYS A 311 -85.01 -11.84 10.91
N PHE A 312 -85.14 -10.84 11.79
CA PHE A 312 -84.58 -10.93 13.13
C PHE A 312 -85.09 -12.16 13.86
N ASP A 313 -86.34 -12.53 13.60
CA ASP A 313 -86.90 -13.71 14.25
C ASP A 313 -86.23 -14.95 13.71
N LYS A 314 -86.05 -14.98 12.38
CA LYS A 314 -85.45 -16.14 11.72
C LYS A 314 -84.13 -16.45 12.38
N LEU A 315 -83.22 -15.48 12.32
CA LEU A 315 -81.94 -15.55 13.04
C LEU A 315 -82.16 -16.05 14.46
N LEU A 316 -83.04 -15.36 15.19
CA LEU A 316 -83.31 -15.71 16.58
C LEU A 316 -83.62 -17.20 16.67
N ALA A 317 -84.59 -17.62 15.87
CA ALA A 317 -84.98 -19.03 15.83
C ALA A 317 -83.75 -19.89 15.65
N PHE A 318 -83.00 -19.60 14.57
CA PHE A 318 -81.80 -20.36 14.25
C PHE A 318 -80.92 -20.50 15.48
N PHE A 319 -80.65 -19.37 16.14
CA PHE A 319 -79.74 -19.36 17.27
C PHE A 319 -80.20 -20.33 18.34
N LEU A 320 -81.49 -20.28 18.63
CA LEU A 320 -82.06 -21.14 19.66
C LEU A 320 -81.81 -22.59 19.32
N GLU A 321 -82.00 -22.92 18.04
CA GLU A 321 -81.79 -24.29 17.59
C GLU A 321 -80.34 -24.68 17.83
N CYS A 322 -79.43 -23.75 17.57
CA CYS A 322 -78.00 -24.02 17.79
C CYS A 322 -77.76 -24.35 19.26
N LEU A 323 -78.50 -23.68 20.14
CA LEU A 323 -78.41 -23.96 21.56
C LEU A 323 -79.08 -25.28 21.89
N ARG A 324 -80.20 -25.57 21.22
CA ARG A 324 -80.97 -26.77 21.52
C ARG A 324 -80.21 -28.01 21.09
N THR A 325 -79.56 -27.91 19.94
CA THR A 325 -78.76 -29.01 19.42
C THR A 325 -77.38 -29.01 20.05
N GLU A 326 -77.04 -27.90 20.73
CA GLU A 326 -75.72 -27.67 21.26
C GLU A 326 -74.70 -27.80 20.14
N LYS A 327 -74.97 -27.14 19.03
CA LYS A 327 -74.16 -27.27 17.85
C LYS A 327 -74.11 -25.96 17.08
N LEU A 328 -73.02 -25.23 17.28
CA LEU A 328 -72.73 -24.04 16.49
C LEU A 328 -71.33 -24.19 15.95
N ASP A 329 -71.24 -24.70 14.72
CA ASP A 329 -69.96 -24.94 14.03
C ASP A 329 -69.23 -23.65 13.76
N HIS A 330 -67.90 -23.66 13.85
CA HIS A 330 -67.14 -22.48 13.47
C HIS A 330 -67.26 -22.30 11.97
N TYR A 331 -67.43 -21.06 11.52
CA TYR A 331 -67.73 -20.76 10.12
C TYR A 331 -66.57 -21.06 9.19
N PHE A 332 -65.37 -21.03 9.72
CA PHE A 332 -64.16 -21.28 8.95
C PHE A 332 -63.58 -22.65 9.25
N ILE A 333 -63.88 -23.15 10.44
CA ILE A 333 -63.41 -24.47 10.89
C ILE A 333 -64.62 -25.32 11.26
N PRO A 334 -65.20 -26.04 10.29
CA PRO A 334 -66.44 -26.80 10.53
C PRO A 334 -66.34 -27.89 11.58
N LYS A 335 -65.16 -28.51 11.75
CA LYS A 335 -64.98 -29.53 12.78
C LYS A 335 -64.95 -28.94 14.20
N PHE A 336 -64.67 -27.65 14.29
CA PHE A 336 -64.66 -26.97 15.57
C PHE A 336 -66.07 -26.58 15.96
N ASN A 337 -66.64 -27.29 16.95
CA ASN A 337 -67.91 -26.90 17.55
C ASN A 337 -67.75 -25.90 18.68
N LEU A 338 -68.58 -24.86 18.68
CA LEU A 338 -68.44 -23.77 19.64
C LEU A 338 -69.37 -23.95 20.81
N PHE A 339 -70.38 -24.80 20.62
CA PHE A 339 -71.37 -25.05 21.70
C PHE A 339 -71.19 -26.46 22.25
N SER A 340 -69.96 -26.98 22.25
CA SER A 340 -69.70 -28.25 22.87
C SER A 340 -69.83 -28.16 24.40
N GLN A 341 -69.90 -29.33 25.02
CA GLN A 341 -69.97 -29.40 26.48
C GLN A 341 -68.61 -29.03 27.06
N GLU A 342 -67.55 -29.25 26.29
CA GLU A 342 -66.20 -28.95 26.72
C GLU A 342 -65.99 -27.46 26.95
N LEU A 343 -66.65 -26.65 26.14
CA LEU A 343 -66.49 -25.20 26.16
C LEU A 343 -67.62 -24.50 26.93
N ILE A 344 -68.86 -24.94 26.72
CA ILE A 344 -70.00 -24.36 27.42
C ILE A 344 -70.88 -25.43 28.07
N ASP A 345 -71.26 -25.20 29.32
CA ASP A 345 -72.11 -26.14 30.04
C ASP A 345 -73.55 -26.08 29.54
N ARG A 346 -74.19 -27.24 29.47
CA ARG A 346 -75.59 -27.39 29.10
C ARG A 346 -76.47 -26.39 29.79
N LYS A 347 -76.30 -26.33 31.12
CA LYS A 347 -77.09 -25.45 32.00
C LYS A 347 -77.09 -24.01 31.52
N SER A 348 -75.94 -23.56 31.02
CA SER A 348 -75.81 -22.21 30.48
C SER A 348 -76.68 -22.04 29.24
N LYS A 349 -76.50 -22.95 28.29
CA LYS A 349 -77.25 -22.93 27.04
C LYS A 349 -78.76 -22.98 27.26
N GLU A 350 -79.17 -23.79 28.25
CA GLU A 350 -80.59 -23.94 28.60
C GLU A 350 -81.11 -22.65 29.22
N PHE A 351 -80.35 -22.10 30.16
CA PHE A 351 -80.67 -20.82 30.78
C PHE A 351 -80.89 -19.74 29.71
N LEU A 352 -79.95 -19.66 28.79
CA LEU A 352 -80.04 -18.70 27.70
C LEU A 352 -81.24 -18.93 26.80
N SER A 353 -81.53 -20.20 26.51
CA SER A 353 -82.70 -20.53 25.71
C SER A 353 -83.97 -20.04 26.39
N LYS A 354 -83.99 -20.19 27.72
CA LYS A 354 -85.10 -19.75 28.54
C LYS A 354 -85.30 -18.24 28.45
N LYS A 355 -84.24 -17.48 28.80
CA LYS A 355 -84.32 -16.02 28.78
C LYS A 355 -84.68 -15.47 27.40
N ILE A 356 -83.98 -15.95 26.38
CA ILE A 356 -84.26 -15.59 25.00
C ILE A 356 -85.70 -15.86 24.61
N GLU A 357 -86.18 -17.07 24.89
CA GLU A 357 -87.56 -17.44 24.57
C GLU A 357 -88.54 -16.51 25.25
N TYR A 358 -88.29 -16.22 26.53
CA TYR A 358 -89.10 -15.26 27.27
C TYR A 358 -89.21 -13.95 26.54
N GLU A 359 -88.06 -13.34 26.27
CA GLU A 359 -87.98 -12.06 25.55
C GLU A 359 -88.71 -12.11 24.21
N ARG A 360 -88.62 -13.25 23.55
CA ARG A 360 -89.18 -13.45 22.21
C ARG A 360 -90.70 -13.50 22.28
N ASN A 361 -91.21 -14.03 23.39
CA ASN A 361 -92.66 -14.17 23.55
C ASN A 361 -93.28 -13.02 24.33
N ASN A 362 -92.49 -11.99 24.66
CA ASN A 362 -92.98 -10.91 25.50
C ASN A 362 -92.74 -9.50 24.94
N GLY A 363 -92.50 -9.38 23.64
CA GLY A 363 -92.30 -8.09 23.01
C GLY A 363 -90.99 -7.41 23.35
N PHE A 364 -90.02 -8.24 23.75
CA PHE A 364 -88.66 -7.80 24.04
C PHE A 364 -88.58 -6.62 25.02
N PRO A 365 -89.06 -6.83 26.24
CA PRO A 365 -89.00 -5.80 27.29
C PRO A 365 -87.61 -5.26 27.54
N ILE A 366 -86.60 -6.14 27.48
CA ILE A 366 -85.20 -5.82 27.77
C ILE A 366 -84.66 -4.66 26.94
N PHE A 367 -85.26 -4.42 25.77
CA PHE A 367 -84.84 -3.35 24.90
C PHE A 367 -85.12 -1.93 25.48
N ASP A 368 -85.66 -1.87 26.72
CA ASP A 368 -85.79 -0.63 27.49
C ASP A 368 -85.00 -0.75 28.79
N LYS B 12 -84.24 -23.14 -32.11
CA LYS B 12 -84.25 -22.00 -33.07
C LYS B 12 -82.86 -21.33 -33.06
N LEU B 13 -82.67 -20.41 -32.10
CA LEU B 13 -81.37 -19.81 -31.86
C LEU B 13 -80.40 -20.72 -31.13
N LYS B 14 -80.92 -21.65 -30.34
CA LYS B 14 -80.15 -22.64 -29.60
C LYS B 14 -79.30 -23.49 -30.56
N LYS B 15 -79.89 -23.81 -31.71
CA LYS B 15 -79.20 -24.59 -32.71
C LYS B 15 -78.06 -23.77 -33.33
N VAL B 16 -78.30 -22.47 -33.50
CA VAL B 16 -77.25 -21.58 -33.99
C VAL B 16 -76.09 -21.54 -33.00
N LEU B 17 -76.43 -21.43 -31.71
CA LEU B 17 -75.42 -21.43 -30.67
C LEU B 17 -74.65 -22.74 -30.61
N ASP B 18 -75.33 -23.84 -30.94
CA ASP B 18 -74.66 -25.13 -31.08
C ASP B 18 -73.67 -25.11 -32.23
N LYS B 19 -74.07 -24.52 -33.35
CA LYS B 19 -73.17 -24.39 -34.52
C LYS B 19 -71.95 -23.52 -34.20
N LEU B 20 -72.14 -22.50 -33.35
CA LEU B 20 -71.08 -21.55 -33.06
C LEU B 20 -70.11 -22.05 -32.00
N ARG B 21 -70.50 -23.11 -31.32
CA ARG B 21 -69.70 -23.66 -30.21
C ARG B 21 -68.36 -24.17 -30.69
N LEU B 22 -67.31 -23.86 -29.95
CA LEU B 22 -65.99 -24.43 -30.25
C LEU B 22 -65.91 -25.86 -29.74
N LYS B 23 -65.00 -26.61 -30.36
CA LYS B 23 -64.81 -28.04 -30.11
C LYS B 23 -63.51 -28.26 -29.38
N ARG B 24 -63.56 -29.04 -28.29
CA ARG B 24 -62.47 -29.09 -27.34
C ARG B 24 -61.17 -29.67 -27.89
N LYS B 25 -61.30 -30.42 -28.98
CA LYS B 25 -60.13 -30.98 -29.67
C LYS B 25 -59.39 -29.86 -30.39
N ASP B 26 -60.16 -29.12 -31.21
CA ASP B 26 -59.65 -27.95 -31.93
C ASP B 26 -59.00 -26.99 -30.93
N ILE B 27 -59.75 -26.72 -29.87
CA ILE B 27 -59.29 -25.84 -28.78
C ILE B 27 -57.96 -26.34 -28.20
N SER B 28 -57.91 -27.63 -27.90
CA SER B 28 -56.72 -28.22 -27.30
C SER B 28 -55.48 -28.08 -28.16
N GLU B 29 -55.58 -28.46 -29.44
CA GLU B 29 -54.44 -28.38 -30.34
C GLU B 29 -53.99 -26.95 -30.59
N ALA B 30 -54.94 -26.11 -31.00
CA ALA B 30 -54.66 -24.69 -31.26
C ALA B 30 -53.98 -24.06 -30.06
N ALA B 31 -54.57 -24.23 -28.88
CA ALA B 31 -53.97 -23.73 -27.63
C ALA B 31 -52.55 -24.25 -27.38
N GLU B 32 -52.33 -25.55 -27.62
CA GLU B 32 -50.98 -26.13 -27.47
C GLU B 32 -49.97 -25.31 -28.28
N THR B 33 -50.14 -25.34 -29.60
CA THR B 33 -49.22 -24.64 -30.51
C THR B 33 -49.04 -23.16 -30.12
N VAL B 34 -50.18 -22.47 -30.01
CA VAL B 34 -50.20 -21.05 -29.69
C VAL B 34 -49.40 -20.72 -28.43
N ASN B 35 -49.69 -21.42 -27.33
CA ASN B 35 -48.93 -21.25 -26.09
C ASN B 35 -47.43 -21.46 -26.27
N LYS B 36 -47.06 -22.47 -27.06
CA LYS B 36 -45.63 -22.68 -27.32
C LYS B 36 -44.95 -21.48 -27.95
N VAL B 37 -45.49 -21.06 -29.09
CA VAL B 37 -44.98 -19.88 -29.80
C VAL B 37 -44.92 -18.62 -28.90
N VAL B 38 -46.04 -18.31 -28.25
CA VAL B 38 -46.11 -17.17 -27.34
C VAL B 38 -45.02 -17.22 -26.26
N GLU B 39 -44.84 -18.39 -25.66
CA GLU B 39 -43.83 -18.56 -24.62
C GLU B 39 -42.43 -18.24 -25.18
N ARG B 40 -42.11 -18.80 -26.34
CA ARG B 40 -40.83 -18.52 -26.97
C ARG B 40 -40.59 -17.02 -27.22
N LEU B 41 -41.60 -16.35 -27.76
CA LEU B 41 -41.51 -14.93 -28.03
C LEU B 41 -41.31 -14.08 -26.78
N LEU B 42 -42.12 -14.34 -25.75
CA LEU B 42 -41.99 -13.63 -24.47
C LEU B 42 -40.59 -13.81 -23.89
N ARG B 43 -40.16 -15.07 -23.80
CA ARG B 43 -38.86 -15.42 -23.25
C ARG B 43 -37.73 -14.69 -23.99
N ARG B 44 -37.75 -14.72 -25.31
CA ARG B 44 -36.79 -13.96 -26.11
C ARG B 44 -36.88 -12.45 -25.78
N MET B 45 -38.10 -11.97 -25.60
CA MET B 45 -38.31 -10.57 -25.31
C MET B 45 -37.68 -10.18 -23.97
N GLN B 46 -37.48 -11.18 -23.10
CA GLN B 46 -36.78 -10.99 -21.83
C GLN B 46 -35.30 -11.27 -21.96
N LYS B 47 -34.99 -12.41 -22.59
CA LYS B 47 -33.61 -12.93 -22.71
C LYS B 47 -32.72 -11.90 -23.41
N ARG B 48 -32.43 -12.06 -24.70
CA ARG B 48 -31.36 -11.28 -25.36
C ARG B 48 -31.50 -9.81 -24.96
N GLU B 49 -30.40 -9.24 -24.45
CA GLU B 49 -30.50 -8.00 -23.67
C GLU B 49 -31.22 -6.89 -24.43
N SER B 50 -32.54 -7.02 -24.35
CA SER B 50 -33.46 -6.20 -25.09
C SER B 50 -33.69 -4.95 -24.28
N GLU B 51 -34.58 -4.09 -24.80
CA GLU B 51 -35.12 -2.95 -24.07
C GLU B 51 -36.62 -3.18 -23.76
N PHE B 52 -37.19 -4.28 -24.25
CA PHE B 52 -38.50 -4.70 -23.93
C PHE B 52 -38.40 -5.81 -22.86
N LYS B 53 -37.25 -5.91 -22.21
CA LYS B 53 -37.08 -6.77 -21.09
C LYS B 53 -37.92 -6.22 -19.92
N GLY B 54 -38.60 -7.12 -19.22
CA GLY B 54 -39.51 -6.73 -18.18
C GLY B 54 -40.95 -6.67 -18.67
N VAL B 55 -41.15 -6.97 -19.95
CA VAL B 55 -42.47 -7.03 -20.52
C VAL B 55 -43.23 -8.21 -19.88
N GLU B 56 -44.54 -8.06 -19.71
CA GLU B 56 -45.36 -9.14 -19.22
C GLU B 56 -46.54 -9.44 -20.11
N GLN B 57 -47.13 -10.60 -19.90
CA GLN B 57 -48.17 -11.13 -20.79
C GLN B 57 -49.57 -10.89 -20.23
N LEU B 58 -50.53 -10.69 -21.12
CA LEU B 58 -51.90 -10.47 -20.69
C LEU B 58 -52.82 -10.91 -21.85
N ASN B 59 -53.43 -12.06 -21.69
CA ASN B 59 -54.31 -12.58 -22.73
C ASN B 59 -55.64 -11.87 -22.74
N THR B 60 -56.04 -11.36 -23.90
CA THR B 60 -57.33 -10.63 -24.05
C THR B 60 -58.15 -11.17 -25.23
N GLY B 61 -59.37 -10.69 -25.38
CA GLY B 61 -60.19 -10.96 -26.55
C GLY B 61 -61.12 -12.18 -26.41
N SER B 62 -61.82 -12.51 -27.50
CA SER B 62 -62.92 -13.46 -27.44
C SER B 62 -62.52 -14.83 -26.91
N TYR B 63 -61.34 -15.32 -27.32
CA TYR B 63 -60.93 -16.63 -26.88
C TYR B 63 -60.76 -16.70 -25.38
N TYR B 64 -60.20 -15.66 -24.77
CA TYR B 64 -59.94 -15.66 -23.33
C TYR B 64 -61.14 -15.19 -22.51
N GLU B 65 -62.21 -14.81 -23.20
CA GLU B 65 -63.44 -14.41 -22.55
C GLU B 65 -64.47 -15.51 -22.72
N HIS B 66 -64.13 -16.53 -23.50
CA HIS B 66 -65.01 -17.64 -23.84
C HIS B 66 -66.20 -17.15 -24.65
N VAL B 67 -65.96 -16.22 -25.56
CA VAL B 67 -66.99 -15.78 -26.50
C VAL B 67 -66.52 -15.93 -27.94
N LYS B 68 -65.43 -16.68 -28.12
CA LYS B 68 -64.97 -17.01 -29.47
C LYS B 68 -65.99 -17.95 -30.08
N ILE B 69 -66.19 -17.78 -31.38
CA ILE B 69 -67.30 -18.42 -32.12
C ILE B 69 -66.74 -19.25 -33.27
N SER B 70 -67.51 -20.26 -33.70
CA SER B 70 -67.04 -21.14 -34.80
C SER B 70 -65.74 -21.92 -34.57
N ALA B 71 -64.61 -21.21 -34.45
CA ALA B 71 -63.29 -21.82 -34.35
C ALA B 71 -62.31 -20.98 -33.53
N PRO B 72 -61.32 -21.64 -32.91
CA PRO B 72 -60.26 -20.94 -32.22
C PRO B 72 -59.10 -20.55 -33.14
N ASN B 73 -59.35 -19.61 -34.03
CA ASN B 73 -58.39 -19.19 -35.04
C ASN B 73 -57.90 -17.75 -34.86
N GLU B 74 -58.32 -17.12 -33.77
CA GLU B 74 -57.91 -15.73 -33.49
C GLU B 74 -57.56 -15.56 -32.02
N PHE B 75 -56.37 -15.05 -31.77
CA PHE B 75 -55.88 -14.88 -30.40
C PHE B 75 -55.29 -13.49 -30.20
N ASP B 76 -55.60 -12.86 -29.09
CA ASP B 76 -55.10 -11.54 -28.74
C ASP B 76 -54.20 -11.60 -27.49
N VAL B 77 -52.92 -11.30 -27.64
CA VAL B 77 -52.03 -11.32 -26.50
C VAL B 77 -51.30 -10.01 -26.33
N MET B 78 -51.43 -9.41 -25.15
CA MET B 78 -50.74 -8.16 -24.83
C MET B 78 -49.40 -8.38 -24.19
N PHE B 79 -48.37 -7.82 -24.80
CA PHE B 79 -47.05 -7.68 -24.16
C PHE B 79 -46.99 -6.28 -23.60
N LYS B 80 -47.32 -6.15 -22.33
CA LYS B 80 -47.38 -4.84 -21.67
C LYS B 80 -46.05 -4.53 -20.96
N LEU B 81 -45.64 -3.28 -20.99
CA LEU B 81 -44.40 -2.88 -20.37
C LEU B 81 -44.61 -1.65 -19.54
N GLU B 82 -44.37 -1.74 -18.23
CA GLU B 82 -44.60 -0.58 -17.35
C GLU B 82 -43.61 0.56 -17.65
N VAL B 83 -44.13 1.72 -17.91
CA VAL B 83 -43.32 2.85 -18.28
C VAL B 83 -43.61 4.02 -17.32
N PRO B 84 -42.75 4.07 -16.28
CA PRO B 84 -42.92 5.07 -15.20
C PRO B 84 -42.80 6.54 -15.61
N ARG B 85 -43.27 7.39 -14.74
CA ARG B 85 -43.04 8.85 -14.77
C ARG B 85 -43.37 9.51 -16.09
N ILE B 86 -44.58 9.27 -16.58
CA ILE B 86 -45.01 9.87 -17.86
C ILE B 86 -46.10 10.91 -17.71
N GLU B 87 -46.17 11.79 -18.71
CA GLU B 87 -47.24 12.79 -18.79
C GLU B 87 -47.88 12.71 -20.19
N LEU B 88 -49.21 12.64 -20.22
CA LEU B 88 -49.92 12.56 -21.47
C LEU B 88 -50.41 13.91 -21.93
N GLN B 89 -50.18 14.22 -23.19
CA GLN B 89 -50.89 15.36 -23.80
C GLN B 89 -51.96 14.84 -24.71
N GLU B 90 -53.20 15.02 -24.33
CA GLU B 90 -54.34 14.54 -25.13
C GLU B 90 -54.26 15.07 -26.56
N TYR B 91 -54.23 14.15 -27.52
CA TYR B 91 -54.18 14.52 -28.93
C TYR B 91 -55.51 15.16 -29.32
N TYR B 92 -55.50 16.49 -29.29
CA TYR B 92 -56.69 17.31 -29.51
C TYR B 92 -57.73 17.10 -28.41
N GLU B 93 -58.94 16.71 -28.79
CA GLU B 93 -60.00 16.44 -27.82
C GLU B 93 -60.67 15.15 -28.23
N THR B 94 -59.87 14.25 -28.76
CA THR B 94 -60.33 12.93 -29.18
C THR B 94 -60.67 12.06 -27.98
N GLY B 95 -59.99 12.31 -26.87
CA GLY B 95 -60.18 11.51 -25.67
C GLY B 95 -59.48 10.19 -25.74
N ALA B 96 -59.30 9.67 -26.96
CA ALA B 96 -58.73 8.34 -27.16
C ALA B 96 -57.23 8.37 -27.40
N PHE B 97 -56.78 9.52 -27.93
CA PHE B 97 -55.42 9.63 -28.42
C PHE B 97 -54.57 10.60 -27.62
N TYR B 98 -53.31 10.20 -27.39
CA TYR B 98 -52.42 10.95 -26.53
C TYR B 98 -51.00 10.97 -27.09
N LEU B 99 -50.25 11.99 -26.67
CA LEU B 99 -48.83 12.03 -26.93
C LEU B 99 -48.13 11.77 -25.64
N VAL B 100 -47.08 10.96 -25.66
CA VAL B 100 -46.44 10.48 -24.43
C VAL B 100 -45.13 11.18 -24.17
N LYS B 101 -45.06 11.91 -23.05
CA LYS B 101 -43.85 12.60 -22.63
C LYS B 101 -43.33 12.00 -21.34
N PHE B 102 -42.04 12.25 -21.08
CA PHE B 102 -41.42 11.80 -19.85
C PHE B 102 -41.17 12.96 -18.93
N LYS B 103 -41.38 12.75 -17.63
CA LYS B 103 -40.74 13.57 -16.63
C LYS B 103 -39.25 13.23 -16.72
N ARG B 104 -38.91 11.99 -16.40
CA ARG B 104 -37.54 11.59 -16.08
C ARG B 104 -36.91 10.61 -17.07
N ILE B 105 -36.00 11.09 -17.91
CA ILE B 105 -35.04 10.23 -18.63
C ILE B 105 -34.09 9.55 -17.58
N PRO B 106 -34.39 8.29 -17.10
CA PRO B 106 -33.74 7.73 -15.88
C PRO B 106 -32.22 7.79 -15.83
N ARG B 107 -31.57 7.30 -16.88
CA ARG B 107 -30.13 7.52 -17.05
C ARG B 107 -29.80 7.41 -18.56
N GLY B 108 -29.10 6.37 -19.02
CA GLY B 108 -29.04 6.03 -20.43
C GLY B 108 -30.42 5.68 -20.95
N ASN B 109 -31.18 4.96 -20.12
CA ASN B 109 -32.62 4.67 -20.30
C ASN B 109 -32.90 3.77 -21.50
N PRO B 110 -33.59 2.64 -21.27
CA PRO B 110 -33.98 1.79 -22.38
C PRO B 110 -34.66 2.48 -23.61
N LEU B 111 -35.51 3.46 -23.32
CA LEU B 111 -36.50 3.99 -24.22
C LEU B 111 -36.07 5.28 -24.86
N SER B 112 -34.80 5.64 -24.65
CA SER B 112 -34.22 6.88 -25.22
C SER B 112 -34.16 6.83 -26.71
N HIS B 113 -33.92 5.61 -27.21
CA HIS B 113 -33.79 5.30 -28.63
C HIS B 113 -35.18 5.38 -29.29
N PHE B 114 -36.21 5.41 -28.46
CA PHE B 114 -37.58 5.43 -28.93
C PHE B 114 -38.19 6.81 -28.77
N LEU B 115 -37.31 7.79 -28.49
CA LEU B 115 -37.73 9.18 -28.34
C LEU B 115 -37.56 9.99 -29.63
N GLU B 116 -38.56 10.82 -29.93
CA GLU B 116 -38.47 11.81 -31.01
C GLU B 116 -38.59 13.19 -30.37
N GLY B 117 -37.75 13.43 -29.38
CA GLY B 117 -37.81 14.68 -28.61
C GLY B 117 -37.97 14.38 -27.15
N GLU B 118 -39.07 14.87 -26.58
CA GLU B 118 -39.56 14.56 -25.26
C GLU B 118 -40.68 13.56 -25.37
N VAL B 119 -40.97 13.19 -26.63
CA VAL B 119 -42.14 12.41 -27.03
C VAL B 119 -41.73 10.99 -27.40
N LEU B 120 -42.28 10.00 -26.70
CA LEU B 120 -42.06 8.59 -27.05
C LEU B 120 -42.71 8.20 -28.37
N SER B 121 -41.88 7.73 -29.31
CA SER B 121 -42.36 7.39 -30.67
C SER B 121 -42.92 5.98 -30.72
N ALA B 122 -44.18 5.86 -31.13
CA ALA B 122 -44.88 4.59 -31.17
C ALA B 122 -44.37 3.75 -32.35
N THR B 123 -44.03 4.42 -33.43
CA THR B 123 -43.62 3.72 -34.65
C THR B 123 -42.22 3.16 -34.57
N LYS B 124 -41.30 3.84 -33.88
CA LYS B 124 -39.95 3.33 -33.66
C LYS B 124 -39.98 2.07 -32.77
N MET B 125 -40.66 2.23 -31.65
CA MET B 125 -40.84 1.15 -30.69
C MET B 125 -41.45 -0.06 -31.39
N LEU B 126 -42.51 0.20 -32.14
CA LEU B 126 -43.22 -0.86 -32.87
C LEU B 126 -42.31 -1.52 -33.90
N SER B 127 -41.43 -0.74 -34.52
CA SER B 127 -40.49 -1.28 -35.52
C SER B 127 -39.43 -2.19 -34.92
N LYS B 128 -38.87 -1.80 -33.78
CA LYS B 128 -37.88 -2.64 -33.10
C LYS B 128 -38.54 -3.93 -32.58
N PHE B 129 -39.71 -3.78 -31.99
CA PHE B 129 -40.53 -4.88 -31.53
C PHE B 129 -40.74 -5.91 -32.67
N ARG B 130 -41.15 -5.38 -33.81
CA ARG B 130 -41.39 -6.18 -34.99
C ARG B 130 -40.15 -6.91 -35.46
N LYS B 131 -39.03 -6.19 -35.47
CA LYS B 131 -37.72 -6.75 -35.87
C LYS B 131 -37.32 -7.94 -35.00
N ILE B 132 -37.38 -7.75 -33.69
CA ILE B 132 -37.09 -8.84 -32.75
C ILE B 132 -37.99 -10.06 -33.03
N ILE B 133 -39.30 -9.82 -33.10
CA ILE B 133 -40.25 -10.90 -33.35
C ILE B 133 -39.94 -11.68 -34.64
N LYS B 134 -39.62 -10.96 -35.72
CA LYS B 134 -39.29 -11.62 -36.98
C LYS B 134 -38.02 -12.46 -36.84
N GLU B 135 -37.02 -11.90 -36.15
CA GLU B 135 -35.77 -12.60 -35.88
C GLU B 135 -36.02 -13.92 -35.18
N GLU B 136 -36.77 -13.89 -34.09
CA GLU B 136 -37.05 -15.12 -33.35
C GLU B 136 -37.92 -16.10 -34.16
N VAL B 137 -38.86 -15.55 -34.94
CA VAL B 137 -39.75 -16.37 -35.76
C VAL B 137 -38.98 -17.16 -36.83
N LYS B 138 -37.91 -16.57 -37.35
CA LYS B 138 -37.02 -17.30 -38.26
C LYS B 138 -36.42 -18.55 -37.61
N GLU B 139 -36.24 -18.52 -36.30
CA GLU B 139 -35.60 -19.61 -35.58
C GLU B 139 -36.53 -20.75 -35.20
N ILE B 140 -37.82 -20.59 -35.49
CA ILE B 140 -38.80 -21.66 -35.27
C ILE B 140 -38.91 -22.63 -36.43
N LYS B 141 -38.44 -23.85 -36.23
CA LYS B 141 -38.25 -24.85 -37.30
C LYS B 141 -39.33 -25.96 -37.29
N ASP B 142 -39.93 -26.14 -36.14
CA ASP B 142 -40.89 -27.25 -35.92
C ASP B 142 -42.34 -26.81 -36.11
N ILE B 143 -42.57 -25.51 -36.12
CA ILE B 143 -43.93 -24.99 -36.35
C ILE B 143 -43.94 -24.07 -37.58
N ASP B 144 -45.02 -24.16 -38.35
CA ASP B 144 -45.22 -23.26 -39.48
C ASP B 144 -45.83 -21.97 -38.95
N VAL B 145 -44.97 -21.05 -38.58
CA VAL B 145 -45.39 -19.72 -38.13
C VAL B 145 -44.67 -18.65 -38.94
N SER B 146 -45.41 -17.64 -39.38
CA SER B 146 -44.80 -16.51 -40.07
C SER B 146 -45.37 -15.20 -39.58
N VAL B 147 -44.71 -14.10 -39.94
CA VAL B 147 -45.17 -12.76 -39.58
C VAL B 147 -46.02 -12.17 -40.72
N GLU B 148 -47.23 -11.71 -40.38
CA GLU B 148 -48.10 -11.06 -41.33
C GLU B 148 -47.60 -9.64 -41.62
N LYS B 149 -47.77 -9.20 -42.85
CA LYS B 149 -47.42 -7.83 -43.25
C LYS B 149 -48.21 -6.83 -42.42
N GLU B 150 -47.54 -5.74 -42.03
CA GLU B 150 -48.13 -4.73 -41.15
C GLU B 150 -49.45 -4.18 -41.71
N LYS B 151 -50.47 -4.17 -40.85
CA LYS B 151 -51.78 -3.65 -41.17
C LYS B 151 -51.86 -2.20 -40.67
N PRO B 152 -52.39 -1.30 -41.50
CA PRO B 152 -52.50 0.08 -41.06
C PRO B 152 -53.50 0.23 -39.94
N GLY B 153 -53.12 0.88 -38.85
CA GLY B 153 -53.99 1.06 -37.71
C GLY B 153 -53.93 -0.06 -36.68
N SER B 154 -52.93 -0.93 -36.78
CA SER B 154 -52.76 -2.02 -35.84
C SER B 154 -51.61 -1.73 -34.85
N PRO B 155 -51.83 -2.00 -33.57
CA PRO B 155 -50.77 -1.83 -32.57
C PRO B 155 -50.03 -3.15 -32.33
N ALA B 156 -50.21 -4.08 -33.25
CA ALA B 156 -49.77 -5.47 -33.07
C ALA B 156 -48.84 -5.98 -34.17
N VAL B 157 -48.17 -7.10 -33.88
CA VAL B 157 -47.43 -7.87 -34.85
C VAL B 157 -48.21 -9.18 -34.98
N THR B 158 -48.80 -9.40 -36.15
CA THR B 158 -49.72 -10.51 -36.32
C THR B 158 -49.01 -11.74 -36.91
N LEU B 159 -49.20 -12.87 -36.25
CA LEU B 159 -48.58 -14.11 -36.66
C LEU B 159 -49.62 -15.01 -37.32
N LEU B 160 -49.24 -15.61 -38.44
CA LEU B 160 -50.04 -16.67 -39.03
C LEU B 160 -49.41 -18.01 -38.74
N ILE B 161 -50.18 -18.87 -38.07
CA ILE B 161 -49.75 -20.21 -37.73
C ILE B 161 -50.51 -21.23 -38.55
N ARG B 162 -49.78 -21.99 -39.34
CA ARG B 162 -50.32 -23.17 -40.02
C ARG B 162 -50.27 -24.36 -39.09
N ASN B 163 -51.21 -24.40 -38.14
CA ASN B 163 -51.34 -25.52 -37.23
C ASN B 163 -52.24 -26.50 -37.99
N PRO B 164 -51.75 -27.03 -39.11
CA PRO B 164 -52.52 -27.21 -40.30
C PRO B 164 -53.58 -26.09 -40.57
N GLU B 165 -54.67 -26.04 -39.82
CA GLU B 165 -55.58 -24.92 -39.99
C GLU B 165 -54.91 -23.62 -39.60
N GLU B 166 -55.39 -22.52 -40.18
CA GLU B 166 -54.79 -21.19 -39.99
C GLU B 166 -55.28 -20.52 -38.70
N ILE B 167 -54.32 -20.06 -37.92
CA ILE B 167 -54.62 -19.34 -36.68
C ILE B 167 -53.88 -18.00 -36.70
N SER B 168 -54.58 -16.91 -36.38
CA SER B 168 -53.94 -15.60 -36.34
C SER B 168 -53.73 -15.14 -34.90
N VAL B 169 -52.54 -14.64 -34.59
CA VAL B 169 -52.22 -14.20 -33.24
C VAL B 169 -51.68 -12.77 -33.23
N ASP B 170 -52.44 -11.84 -32.66
CA ASP B 170 -51.98 -10.46 -32.55
C ASP B 170 -51.13 -10.29 -31.28
N ILE B 171 -49.84 -10.02 -31.48
CA ILE B 171 -48.96 -9.70 -30.38
C ILE B 171 -48.95 -8.18 -30.24
N ILE B 172 -49.69 -7.69 -29.27
CA ILE B 172 -49.94 -6.27 -29.10
C ILE B 172 -48.93 -5.64 -28.15
N LEU B 173 -48.14 -4.71 -28.65
CA LEU B 173 -47.23 -3.94 -27.78
C LEU B 173 -48.00 -2.93 -26.96
N ALA B 174 -47.89 -3.00 -25.64
CA ALA B 174 -48.61 -2.04 -24.79
C ALA B 174 -47.73 -1.40 -23.73
N LEU B 175 -48.08 -0.21 -23.30
CA LEU B 175 -47.43 0.47 -22.18
C LEU B 175 -48.36 0.44 -21.00
N GLU B 176 -47.84 0.03 -19.84
CA GLU B 176 -48.62 0.03 -18.60
C GLU B 176 -48.33 1.23 -17.68
N SER B 177 -49.36 1.94 -17.28
CA SER B 177 -49.18 3.10 -16.41
C SER B 177 -50.04 2.97 -15.16
N LYS B 178 -49.41 3.03 -13.98
CA LYS B 178 -50.12 2.84 -12.72
C LYS B 178 -50.74 4.12 -12.18
N GLY B 179 -50.54 5.24 -12.87
CA GLY B 179 -51.15 6.51 -12.53
C GLY B 179 -52.66 6.51 -12.67
N SER B 180 -53.31 7.59 -12.27
CA SER B 180 -54.77 7.60 -12.32
C SER B 180 -55.21 7.85 -13.76
N TRP B 181 -56.36 7.28 -14.08
CA TRP B 181 -56.87 7.22 -15.47
C TRP B 181 -57.11 8.61 -16.02
N PRO B 182 -56.80 8.81 -17.32
CA PRO B 182 -56.99 10.14 -17.93
C PRO B 182 -58.43 10.61 -17.77
N ILE B 183 -58.61 11.91 -17.74
CA ILE B 183 -59.85 12.59 -17.43
C ILE B 183 -61.00 12.22 -18.35
N SER B 184 -60.63 11.85 -19.58
CA SER B 184 -61.60 11.54 -20.63
C SER B 184 -62.41 10.32 -20.27
N THR B 185 -61.92 9.55 -19.29
CA THR B 185 -62.59 8.33 -18.84
C THR B 185 -63.35 8.54 -17.57
N LYS B 186 -63.32 9.77 -17.02
CA LYS B 186 -63.90 10.03 -15.69
C LYS B 186 -65.39 9.71 -15.65
N GLU B 187 -66.09 10.04 -16.73
CA GLU B 187 -67.52 9.78 -16.86
C GLU B 187 -67.81 8.42 -17.48
N GLY B 188 -66.75 7.72 -17.88
CA GLY B 188 -66.87 6.43 -18.51
C GLY B 188 -67.07 5.29 -17.51
N LEU B 189 -67.18 4.08 -18.02
CA LEU B 189 -67.37 2.87 -17.20
C LEU B 189 -68.55 3.04 -16.22
N PRO B 190 -69.77 3.17 -16.74
CA PRO B 190 -70.94 3.54 -15.97
C PRO B 190 -71.65 2.33 -15.37
N ILE B 191 -70.91 1.51 -14.64
CA ILE B 191 -71.37 0.22 -14.13
C ILE B 191 -72.07 0.32 -12.78
N GLN B 192 -72.15 1.53 -12.25
CA GLN B 192 -72.57 1.81 -10.87
C GLN B 192 -73.87 1.18 -10.41
N GLY B 193 -74.76 0.89 -11.38
CA GLY B 193 -76.07 0.31 -11.10
C GLY B 193 -76.11 -1.19 -11.42
N TRP B 194 -75.03 -1.67 -12.05
CA TRP B 194 -74.96 -3.01 -12.57
C TRP B 194 -73.93 -3.84 -11.82
N LEU B 195 -72.67 -3.42 -11.88
CA LEU B 195 -71.62 -4.12 -11.13
C LEU B 195 -71.32 -3.43 -9.81
N GLY B 196 -71.60 -2.14 -9.73
CA GLY B 196 -71.50 -1.42 -8.45
C GLY B 196 -70.40 -0.39 -8.36
N THR B 197 -70.30 0.23 -7.20
CA THR B 197 -69.50 1.43 -6.96
C THR B 197 -68.07 1.04 -6.52
N LYS B 198 -68.05 0.02 -5.68
CA LYS B 198 -66.80 -0.54 -5.15
C LYS B 198 -65.99 -1.24 -6.24
N VAL B 199 -66.70 -1.89 -7.13
CA VAL B 199 -66.16 -2.56 -8.31
C VAL B 199 -65.51 -1.53 -9.23
N ARG B 200 -66.28 -0.54 -9.64
CA ARG B 200 -65.80 0.52 -10.52
C ARG B 200 -64.59 1.22 -9.90
N THR B 201 -64.69 1.48 -8.58
CA THR B 201 -63.62 2.17 -7.88
C THR B 201 -62.34 1.33 -7.90
N ASN B 202 -62.50 0.04 -7.68
CA ASN B 202 -61.35 -0.87 -7.70
C ASN B 202 -60.77 -1.08 -9.08
N LEU B 203 -61.61 -1.02 -10.10
CA LEU B 203 -61.17 -1.20 -11.48
C LEU B 203 -60.39 0.01 -11.93
N ARG B 204 -60.87 1.21 -11.58
CA ARG B 204 -60.18 2.45 -11.95
C ARG B 204 -58.92 2.71 -11.12
N ARG B 205 -58.70 1.90 -10.08
CA ARG B 205 -57.47 1.96 -9.29
C ARG B 205 -56.38 1.16 -9.96
N GLU B 206 -56.75 0.41 -10.99
CA GLU B 206 -55.85 -0.48 -11.70
C GLU B 206 -55.08 0.35 -12.70
N PRO B 207 -53.97 -0.21 -13.24
CA PRO B 207 -53.25 0.56 -14.23
C PRO B 207 -54.03 0.66 -15.54
N PHE B 208 -53.63 1.58 -16.43
CA PHE B 208 -54.23 1.61 -17.75
C PHE B 208 -53.13 1.42 -18.79
N TYR B 209 -53.52 1.31 -20.05
CA TYR B 209 -52.60 0.84 -21.08
C TYR B 209 -52.66 1.68 -22.34
N LEU B 210 -51.52 1.86 -23.00
CA LEU B 210 -51.45 2.63 -24.22
C LEU B 210 -50.82 1.79 -25.32
N VAL B 211 -51.46 1.72 -26.45
CA VAL B 211 -50.92 0.97 -27.58
C VAL B 211 -50.66 1.95 -28.70
N PRO B 212 -49.77 1.62 -29.65
CA PRO B 212 -49.59 2.49 -30.82
C PRO B 212 -50.86 2.66 -31.64
N LYS B 213 -51.17 3.88 -32.02
CA LYS B 213 -52.29 4.15 -32.94
C LYS B 213 -51.95 3.60 -34.31
N ASN B 214 -50.73 3.86 -34.76
CA ASN B 214 -50.20 3.34 -36.02
C ASN B 214 -51.13 3.59 -37.23
N ALA B 215 -51.75 4.76 -37.22
CA ALA B 215 -52.47 5.24 -38.40
C ALA B 215 -51.45 5.54 -39.48
N LYS B 216 -51.85 5.35 -40.73
CA LYS B 216 -50.99 5.65 -41.87
C LYS B 216 -51.54 6.80 -42.72
N ASP B 217 -52.02 7.84 -42.04
CA ASP B 217 -52.81 8.91 -42.65
C ASP B 217 -51.98 10.09 -43.13
N GLY B 218 -50.80 10.24 -42.55
CA GLY B 218 -49.88 11.33 -42.91
C GLY B 218 -50.01 12.56 -42.05
N ASN B 219 -50.79 12.44 -40.96
CA ASN B 219 -50.93 13.49 -39.96
C ASN B 219 -49.60 13.93 -39.35
N SER B 220 -49.65 15.07 -38.64
CA SER B 220 -48.60 15.44 -37.69
C SER B 220 -48.71 14.57 -36.42
N PHE B 221 -47.56 14.27 -35.83
CA PHE B 221 -47.46 13.42 -34.65
C PHE B 221 -48.07 12.04 -34.95
N GLN B 222 -47.95 11.65 -36.21
CA GLN B 222 -48.56 10.41 -36.68
C GLN B 222 -47.92 9.20 -36.03
N GLY B 223 -46.59 9.18 -35.88
CA GLY B 223 -45.91 8.05 -35.30
C GLY B 223 -45.61 8.19 -33.81
N GLU B 224 -46.21 9.18 -33.18
CA GLU B 224 -46.07 9.39 -31.75
C GLU B 224 -47.42 9.38 -31.03
N THR B 225 -48.48 9.06 -31.78
CA THR B 225 -49.84 9.00 -31.29
C THR B 225 -50.17 7.63 -30.67
N TRP B 226 -50.63 7.64 -29.43
CA TRP B 226 -50.99 6.42 -28.71
C TRP B 226 -52.48 6.40 -28.46
N ARG B 227 -53.07 5.20 -28.43
CA ARG B 227 -54.47 5.02 -28.11
C ARG B 227 -54.62 4.27 -26.78
N LEU B 228 -55.59 4.68 -25.97
CA LEU B 228 -55.91 3.98 -24.75
C LEU B 228 -56.42 2.58 -25.07
N SER B 229 -56.18 1.64 -24.14
CA SER B 229 -56.74 0.30 -24.19
C SER B 229 -57.27 -0.12 -22.83
N PHE B 230 -58.37 -0.86 -22.84
CA PHE B 230 -58.98 -1.34 -21.60
C PHE B 230 -59.36 -2.82 -21.72
N SER B 231 -58.51 -3.60 -22.36
CA SER B 231 -58.83 -5.00 -22.62
C SER B 231 -58.82 -5.81 -21.32
N HIS B 232 -58.00 -5.37 -20.37
CA HIS B 232 -57.97 -6.00 -19.04
C HIS B 232 -59.31 -5.87 -18.29
N THR B 233 -59.85 -4.67 -18.30
CA THR B 233 -61.11 -4.37 -17.65
C THR B 233 -62.27 -5.08 -18.34
N GLU B 234 -62.23 -5.13 -19.67
CA GLU B 234 -63.27 -5.79 -20.44
C GLU B 234 -63.25 -7.30 -20.17
N LYS B 235 -62.04 -7.83 -20.02
CA LYS B 235 -61.88 -9.23 -19.64
C LYS B 235 -62.52 -9.48 -18.29
N TYR B 236 -62.22 -8.62 -17.32
CA TYR B 236 -62.81 -8.75 -15.99
C TYR B 236 -64.33 -8.70 -16.05
N ILE B 237 -64.87 -7.77 -16.83
CA ILE B 237 -66.32 -7.61 -16.95
C ILE B 237 -66.97 -8.83 -17.57
N LEU B 238 -66.39 -9.33 -18.64
CA LEU B 238 -66.89 -10.54 -19.29
C LEU B 238 -66.89 -11.71 -18.32
N ASN B 239 -65.88 -11.77 -17.45
CA ASN B 239 -65.82 -12.88 -16.50
C ASN B 239 -66.49 -12.60 -15.17
N ASN B 240 -66.90 -11.35 -14.95
CA ASN B 240 -67.66 -10.98 -13.76
C ASN B 240 -68.83 -10.09 -14.15
N HIS B 241 -69.83 -10.67 -14.80
CA HIS B 241 -70.84 -9.94 -15.55
C HIS B 241 -72.23 -9.84 -14.94
N GLY B 242 -72.43 -10.41 -13.75
CA GLY B 242 -73.75 -10.38 -13.13
C GLY B 242 -73.91 -9.32 -12.09
N ILE B 243 -75.16 -9.01 -11.74
CA ILE B 243 -75.43 -8.21 -10.54
C ILE B 243 -75.26 -9.12 -9.36
N GLU B 244 -75.64 -10.40 -9.56
CA GLU B 244 -75.43 -11.45 -8.58
C GLU B 244 -74.06 -12.05 -8.80
N LYS B 245 -73.33 -12.30 -7.72
CA LYS B 245 -71.96 -12.80 -7.80
C LYS B 245 -71.92 -14.26 -8.29
N THR B 246 -73.07 -14.94 -8.24
CA THR B 246 -73.10 -16.35 -8.60
C THR B 246 -73.59 -16.56 -10.02
N CYS B 247 -73.82 -15.47 -10.73
CA CYS B 247 -74.23 -15.53 -12.15
C CYS B 247 -73.20 -16.27 -12.98
N CYS B 248 -73.65 -17.37 -13.58
CA CYS B 248 -72.82 -18.26 -14.43
C CYS B 248 -71.75 -19.01 -13.64
N GLU B 249 -71.85 -18.99 -12.32
CA GLU B 249 -70.89 -19.68 -11.46
C GLU B 249 -71.35 -21.10 -11.19
N SER B 250 -70.52 -21.86 -10.48
CA SER B 250 -70.75 -23.27 -10.19
C SER B 250 -71.94 -23.47 -9.24
N SER B 251 -72.16 -22.52 -8.35
CA SER B 251 -73.30 -22.61 -7.45
C SER B 251 -74.33 -21.53 -7.79
N GLY B 252 -74.35 -21.13 -9.05
CA GLY B 252 -75.29 -20.09 -9.48
C GLY B 252 -76.05 -20.48 -10.74
N ALA B 253 -76.62 -19.49 -11.40
CA ALA B 253 -77.47 -19.73 -12.56
C ALA B 253 -76.93 -19.00 -13.80
N LYS B 254 -77.16 -19.61 -14.95
CA LYS B 254 -76.70 -19.03 -16.21
C LYS B 254 -77.62 -17.90 -16.66
N CYS B 255 -76.99 -16.90 -17.30
CA CYS B 255 -77.61 -15.86 -18.11
C CYS B 255 -77.36 -16.16 -19.58
N CYS B 256 -77.92 -15.31 -20.43
CA CYS B 256 -77.71 -15.44 -21.88
C CYS B 256 -76.94 -14.26 -22.49
N ARG B 257 -76.14 -13.58 -21.66
CA ARG B 257 -75.41 -12.40 -22.06
C ARG B 257 -74.36 -12.73 -23.14
N LYS B 258 -73.42 -13.61 -22.75
CA LYS B 258 -72.33 -14.07 -23.61
C LYS B 258 -72.87 -14.65 -24.90
N GLU B 259 -73.99 -15.35 -24.77
CA GLU B 259 -74.67 -15.98 -25.91
C GLU B 259 -75.12 -14.92 -26.92
N CYS B 260 -75.78 -13.87 -26.42
CA CYS B 260 -76.21 -12.75 -27.28
C CYS B 260 -75.00 -12.07 -27.92
N LEU B 261 -73.92 -11.90 -27.15
CA LEU B 261 -72.69 -11.35 -27.71
C LEU B 261 -72.19 -12.19 -28.87
N LYS B 262 -72.23 -13.51 -28.69
CA LYS B 262 -71.78 -14.44 -29.72
C LYS B 262 -72.64 -14.33 -30.98
N LEU B 263 -73.95 -14.46 -30.81
CA LEU B 263 -74.89 -14.35 -31.94
C LEU B 263 -74.71 -13.04 -32.72
N MET B 264 -74.57 -11.95 -31.98
CA MET B 264 -74.39 -10.64 -32.60
C MET B 264 -73.08 -10.57 -33.38
N LYS B 265 -72.01 -11.05 -32.73
CA LYS B 265 -70.70 -11.17 -33.36
C LYS B 265 -70.78 -11.91 -34.67
N TYR B 266 -71.49 -13.04 -34.67
CA TYR B 266 -71.58 -13.92 -35.84
C TYR B 266 -72.34 -13.23 -36.95
N LEU B 267 -73.53 -12.73 -36.62
CA LEU B 267 -74.33 -11.95 -37.54
C LEU B 267 -73.44 -10.95 -38.29
N LEU B 268 -72.70 -10.15 -37.51
CA LEU B 268 -71.84 -9.14 -38.11
C LEU B 268 -70.70 -9.75 -38.96
N GLU B 269 -70.11 -10.85 -38.49
CA GLU B 269 -69.05 -11.50 -39.23
C GLU B 269 -69.51 -11.93 -40.61
N GLN B 270 -70.66 -12.60 -40.67
CA GLN B 270 -71.24 -13.06 -41.93
C GLN B 270 -71.60 -11.90 -42.85
N LEU B 271 -72.35 -10.95 -42.31
CA LEU B 271 -72.74 -9.76 -43.07
C LEU B 271 -71.52 -9.00 -43.60
N LYS B 272 -70.38 -9.17 -42.93
CA LYS B 272 -69.12 -8.53 -43.34
C LYS B 272 -68.38 -9.33 -44.42
N LYS B 273 -68.44 -10.65 -44.31
CA LYS B 273 -67.80 -11.50 -45.31
C LYS B 273 -68.53 -11.44 -46.64
N GLU B 274 -69.83 -11.13 -46.61
CA GLU B 274 -70.60 -11.03 -47.85
C GLU B 274 -70.59 -9.63 -48.47
N PHE B 275 -70.46 -8.60 -47.64
CA PHE B 275 -70.53 -7.23 -48.13
C PHE B 275 -69.33 -6.38 -47.74
N GLN B 276 -68.76 -5.80 -48.79
CA GLN B 276 -67.58 -4.90 -48.77
C GLN B 276 -67.97 -3.56 -48.21
N GLU B 277 -69.27 -3.31 -48.13
CA GLU B 277 -69.77 -2.01 -47.68
C GLU B 277 -69.62 -1.87 -46.17
N LEU B 278 -69.20 -2.97 -45.52
CA LEU B 278 -69.16 -3.01 -44.04
C LEU B 278 -67.74 -3.28 -43.57
N ASP B 279 -66.76 -2.77 -44.31
CA ASP B 279 -65.35 -2.93 -43.88
C ASP B 279 -64.99 -1.95 -42.77
N ALA B 280 -65.84 -0.96 -42.52
CA ALA B 280 -65.65 -0.01 -41.43
C ALA B 280 -65.98 -0.64 -40.09
N PHE B 281 -66.84 -1.65 -40.12
CA PHE B 281 -67.35 -2.26 -38.90
C PHE B 281 -66.46 -3.38 -38.39
N CYS B 282 -66.28 -3.43 -37.06
CA CYS B 282 -65.53 -4.47 -36.36
C CYS B 282 -66.36 -4.99 -35.18
N SER B 283 -65.92 -6.05 -34.52
CA SER B 283 -66.72 -6.60 -33.44
C SER B 283 -66.68 -5.77 -32.17
N TYR B 284 -65.76 -4.81 -32.06
CA TYR B 284 -65.70 -3.95 -30.90
C TYR B 284 -66.92 -3.02 -30.80
N HIS B 285 -67.56 -2.77 -31.94
CA HIS B 285 -68.78 -1.98 -31.98
C HIS B 285 -69.91 -2.76 -31.31
N VAL B 286 -69.97 -4.04 -31.67
CA VAL B 286 -70.90 -4.98 -31.04
C VAL B 286 -70.65 -5.08 -29.54
N LYS B 287 -69.39 -5.24 -29.16
CA LYS B 287 -68.99 -5.34 -27.75
C LYS B 287 -69.36 -4.10 -26.97
N THR B 288 -69.09 -2.93 -27.53
CA THR B 288 -69.39 -1.65 -26.88
C THR B 288 -70.90 -1.47 -26.69
N ALA B 289 -71.63 -1.69 -27.77
CA ALA B 289 -73.07 -1.64 -27.72
C ALA B 289 -73.64 -2.58 -26.64
N ILE B 290 -73.12 -3.80 -26.58
CA ILE B 290 -73.65 -4.76 -25.62
C ILE B 290 -73.25 -4.42 -24.18
N PHE B 291 -72.12 -3.73 -24.01
CA PHE B 291 -71.79 -3.16 -22.71
C PHE B 291 -72.84 -2.16 -22.30
N HIS B 292 -73.21 -1.29 -23.23
CA HIS B 292 -74.25 -0.30 -22.96
C HIS B 292 -75.58 -0.97 -22.61
N MET B 293 -75.90 -2.05 -23.30
CA MET B 293 -77.14 -2.78 -23.04
C MET B 293 -77.13 -3.45 -21.66
N TRP B 294 -76.01 -4.07 -21.33
CA TRP B 294 -75.86 -4.71 -20.02
C TRP B 294 -75.94 -3.68 -18.91
N THR B 295 -75.52 -2.46 -19.19
CA THR B 295 -75.65 -1.38 -18.23
C THR B 295 -77.10 -0.90 -18.15
N GLN B 296 -77.80 -1.01 -19.27
CA GLN B 296 -79.22 -0.63 -19.33
C GLN B 296 -80.13 -1.62 -18.66
N ASP B 297 -79.91 -2.91 -18.93
CA ASP B 297 -80.65 -3.99 -18.28
C ASP B 297 -79.69 -4.76 -17.34
N PRO B 298 -79.49 -4.25 -16.12
CA PRO B 298 -78.53 -4.81 -15.19
C PRO B 298 -78.98 -6.13 -14.60
N GLN B 299 -80.31 -6.25 -14.44
CA GLN B 299 -80.88 -7.45 -13.80
C GLN B 299 -80.58 -8.73 -14.58
N ASP B 300 -80.13 -9.75 -13.82
CA ASP B 300 -79.81 -11.06 -14.39
C ASP B 300 -81.07 -11.71 -14.91
N SER B 301 -82.19 -11.38 -14.27
CA SER B 301 -83.50 -11.87 -14.70
C SER B 301 -83.84 -11.37 -16.09
N GLN B 302 -83.29 -10.22 -16.45
CA GLN B 302 -83.51 -9.62 -17.79
C GLN B 302 -82.60 -10.28 -18.80
N TRP B 303 -81.81 -11.25 -18.36
CA TRP B 303 -80.96 -12.03 -19.25
C TRP B 303 -81.09 -13.52 -18.94
N ASP B 304 -82.33 -13.98 -18.79
CA ASP B 304 -82.55 -15.40 -18.60
C ASP B 304 -82.50 -16.08 -19.96
N PRO B 305 -81.82 -17.24 -20.04
CA PRO B 305 -81.79 -18.11 -21.21
C PRO B 305 -83.13 -18.29 -21.92
N ARG B 306 -84.18 -18.50 -21.14
CA ARG B 306 -85.53 -18.67 -21.71
C ARG B 306 -86.03 -17.44 -22.46
N ASN B 307 -85.42 -16.29 -22.18
CA ASN B 307 -85.74 -15.06 -22.90
C ASN B 307 -84.66 -14.72 -23.90
N LEU B 308 -84.02 -15.74 -24.47
CA LEU B 308 -82.91 -15.50 -25.39
C LEU B 308 -83.32 -14.64 -26.57
N SER B 309 -84.28 -15.15 -27.35
CA SER B 309 -84.77 -14.53 -28.57
C SER B 309 -85.11 -13.05 -28.39
N SER B 310 -85.86 -12.78 -27.33
CA SER B 310 -86.27 -11.40 -27.04
C SER B 310 -85.06 -10.56 -26.66
N CYS B 311 -84.20 -11.12 -25.81
CA CYS B 311 -82.99 -10.42 -25.38
C CYS B 311 -82.18 -10.04 -26.59
N PHE B 312 -81.91 -11.02 -27.46
CA PHE B 312 -81.16 -10.78 -28.69
C PHE B 312 -81.83 -9.71 -29.53
N ASP B 313 -83.17 -9.64 -29.49
CA ASP B 313 -83.87 -8.64 -30.27
C ASP B 313 -83.62 -7.28 -29.65
N LYS B 314 -83.69 -7.22 -28.32
CA LYS B 314 -83.51 -5.96 -27.59
C LYS B 314 -82.20 -5.32 -28.03
N LEU B 315 -81.10 -6.05 -27.79
CA LEU B 315 -79.78 -5.66 -28.29
C LEU B 315 -79.86 -5.21 -29.74
N LEU B 316 -80.42 -6.09 -30.59
CA LEU B 316 -80.53 -5.79 -32.01
C LEU B 316 -81.16 -4.43 -32.20
N ALA B 317 -82.32 -4.26 -31.58
CA ALA B 317 -83.04 -2.98 -31.65
C ALA B 317 -82.10 -1.85 -31.28
N PHE B 318 -81.50 -1.96 -30.10
CA PHE B 318 -80.58 -0.95 -29.60
C PHE B 318 -79.56 -0.58 -30.66
N PHE B 319 -78.94 -1.62 -31.24
CA PHE B 319 -77.86 -1.40 -32.20
C PHE B 319 -78.34 -0.56 -33.35
N LEU B 320 -79.53 -0.91 -33.86
CA LEU B 320 -80.09 -0.19 -35.01
C LEU B 320 -80.25 1.26 -34.67
N GLU B 321 -80.73 1.54 -33.45
CA GLU B 321 -80.92 2.91 -33.00
C GLU B 321 -79.59 3.64 -33.01
N CYS B 322 -78.54 2.94 -32.57
CA CYS B 322 -77.21 3.53 -32.56
C CYS B 322 -76.80 3.93 -33.97
N LEU B 323 -77.21 3.11 -34.95
CA LEU B 323 -76.94 3.42 -36.34
C LEU B 323 -77.84 4.55 -36.82
N ARG B 324 -79.09 4.55 -36.35
CA ARG B 324 -80.06 5.55 -36.81
C ARG B 324 -79.69 6.92 -36.32
N THR B 325 -79.23 6.97 -35.07
CA THR B 325 -78.83 8.23 -34.45
C THR B 325 -77.39 8.55 -34.84
N GLU B 326 -76.71 7.57 -35.41
CA GLU B 326 -75.28 7.66 -35.71
C GLU B 326 -74.53 8.03 -34.43
N LYS B 327 -74.85 7.31 -33.37
CA LYS B 327 -74.30 7.62 -32.06
C LYS B 327 -74.08 6.35 -31.25
N LEU B 328 -72.83 5.90 -31.23
CA LEU B 328 -72.41 4.82 -30.36
C LEU B 328 -71.21 5.29 -29.57
N ASP B 329 -71.46 5.79 -28.38
CA ASP B 329 -70.43 6.31 -27.48
C ASP B 329 -69.46 5.24 -27.02
N HIS B 330 -68.19 5.58 -26.89
CA HIS B 330 -67.23 4.62 -26.35
C HIS B 330 -67.57 4.40 -24.88
N TYR B 331 -67.50 3.14 -24.44
CA TYR B 331 -67.96 2.75 -23.10
C TYR B 331 -67.09 3.29 -21.99
N PHE B 332 -65.83 3.58 -22.31
CA PHE B 332 -64.88 4.10 -21.35
C PHE B 332 -64.60 5.56 -21.58
N ILE B 333 -64.79 6.00 -22.82
CA ILE B 333 -64.59 7.40 -23.21
C ILE B 333 -65.89 7.96 -23.80
N PRO B 334 -66.78 8.48 -22.96
CA PRO B 334 -68.11 8.92 -23.42
C PRO B 334 -68.12 10.00 -24.47
N LYS B 335 -67.14 10.90 -24.48
CA LYS B 335 -67.06 11.97 -25.49
C LYS B 335 -66.65 11.42 -26.87
N PHE B 336 -66.02 10.24 -26.88
CA PHE B 336 -65.60 9.62 -28.11
C PHE B 336 -66.78 8.88 -28.74
N ASN B 337 -67.30 9.43 -29.85
CA ASN B 337 -68.31 8.73 -30.65
C ASN B 337 -67.70 7.82 -31.70
N LEU B 338 -68.26 6.61 -31.80
CA LEU B 338 -67.70 5.59 -32.68
C LEU B 338 -68.42 5.54 -34.00
N PHE B 339 -69.62 6.14 -34.03
CA PHE B 339 -70.43 6.16 -35.26
C PHE B 339 -70.49 7.57 -35.83
N SER B 340 -69.43 8.36 -35.64
CA SER B 340 -69.38 9.66 -36.25
C SER B 340 -69.19 9.54 -37.77
N GLN B 341 -69.42 10.67 -38.44
CA GLN B 341 -69.24 10.75 -39.88
C GLN B 341 -67.76 10.71 -40.21
N GLU B 342 -66.92 11.15 -39.26
CA GLU B 342 -65.49 11.18 -39.46
C GLU B 342 -64.90 9.78 -39.60
N LEU B 343 -65.50 8.84 -38.89
CA LEU B 343 -65.00 7.46 -38.84
C LEU B 343 -65.78 6.53 -39.77
N ILE B 344 -67.10 6.67 -39.80
CA ILE B 344 -67.94 5.86 -40.67
C ILE B 344 -68.91 6.69 -41.48
N ASP B 345 -69.01 6.39 -42.78
CA ASP B 345 -69.91 7.12 -43.67
C ASP B 345 -71.36 6.71 -43.43
N ARG B 346 -72.26 7.70 -43.50
CA ARG B 346 -73.70 7.50 -43.38
C ARG B 346 -74.17 6.33 -44.21
N LYS B 347 -73.76 6.32 -45.47
CA LYS B 347 -74.16 5.31 -46.46
C LYS B 347 -73.91 3.89 -45.93
N SER B 348 -72.79 3.72 -45.23
CA SER B 348 -72.45 2.43 -44.63
C SER B 348 -73.47 2.05 -43.57
N LYS B 349 -73.68 2.96 -42.63
CA LYS B 349 -74.62 2.77 -41.52
C LYS B 349 -76.04 2.47 -42.01
N GLU B 350 -76.44 3.16 -43.07
CA GLU B 350 -77.76 2.98 -43.68
C GLU B 350 -77.86 1.61 -44.34
N PHE B 351 -76.84 1.27 -45.12
CA PHE B 351 -76.74 -0.04 -45.75
C PHE B 351 -76.90 -1.15 -44.69
N LEU B 352 -76.14 -1.03 -43.61
CA LEU B 352 -76.19 -1.98 -42.53
C LEU B 352 -77.56 -2.05 -41.87
N SER B 353 -78.17 -0.89 -41.66
CA SER B 353 -79.51 -0.84 -41.09
C SER B 353 -80.49 -1.60 -41.96
N LYS B 354 -80.31 -1.46 -43.27
CA LYS B 354 -81.14 -2.14 -44.26
C LYS B 354 -80.99 -3.65 -44.16
N LYS B 355 -79.76 -4.13 -44.31
CA LYS B 355 -79.49 -5.58 -44.26
C LYS B 355 -79.95 -6.22 -42.93
N ILE B 356 -79.56 -5.59 -41.83
CA ILE B 356 -79.98 -6.02 -40.50
C ILE B 356 -81.49 -6.10 -40.37
N GLU B 357 -82.17 -5.02 -40.76
CA GLU B 357 -83.64 -4.99 -40.69
C GLU B 357 -84.25 -6.11 -41.49
N TYR B 358 -83.73 -6.33 -42.71
CA TYR B 358 -84.15 -7.44 -43.55
C TYR B 358 -84.07 -8.75 -42.80
N GLU B 359 -82.87 -9.09 -42.32
CA GLU B 359 -82.63 -10.32 -41.55
C GLU B 359 -83.57 -10.44 -40.36
N ARG B 360 -83.85 -9.32 -39.72
CA ARG B 360 -84.67 -9.29 -38.51
C ARG B 360 -86.13 -9.58 -38.83
N ASN B 361 -86.56 -9.17 -40.03
CA ASN B 361 -87.93 -9.38 -40.44
C ASN B 361 -88.14 -10.63 -41.28
N ASN B 362 -87.08 -11.44 -41.44
CA ASN B 362 -87.15 -12.60 -42.32
C ASN B 362 -86.70 -13.92 -41.70
N GLY B 363 -86.66 -14.00 -40.37
CA GLY B 363 -86.28 -15.22 -39.69
C GLY B 363 -84.80 -15.56 -39.78
N PHE B 364 -83.99 -14.53 -40.03
CA PHE B 364 -82.54 -14.63 -40.07
C PHE B 364 -82.03 -15.75 -40.99
N PRO B 365 -82.32 -15.62 -42.29
CA PRO B 365 -81.85 -16.59 -43.28
C PRO B 365 -80.33 -16.79 -43.28
N ILE B 366 -79.59 -15.70 -43.05
CA ILE B 366 -78.13 -15.69 -43.07
C ILE B 366 -77.48 -16.72 -42.15
N PHE B 367 -78.21 -17.11 -41.12
CA PHE B 367 -77.73 -18.09 -40.15
C PHE B 367 -77.60 -19.51 -40.75
N ASP B 368 -77.84 -19.65 -42.07
CA ASP B 368 -77.52 -20.87 -42.83
C ASP B 368 -76.52 -20.54 -43.94
N LYS C 12 30.04 -6.36 29.73
CA LYS C 12 29.70 -5.24 30.62
C LYS C 12 28.18 -5.00 30.58
N LEU C 13 27.76 -4.22 29.57
CA LEU C 13 26.36 -4.00 29.29
C LEU C 13 25.69 -5.18 28.61
N LYS C 14 26.46 -5.98 27.89
CA LYS C 14 25.98 -7.18 27.21
C LYS C 14 25.35 -8.16 28.22
N LYS C 15 25.98 -8.25 29.37
CA LYS C 15 25.51 -9.11 30.44
C LYS C 15 24.19 -8.59 31.01
N VAL C 16 24.08 -7.27 31.09
CA VAL C 16 22.82 -6.65 31.52
C VAL C 16 21.72 -6.98 30.53
N LEU C 17 22.03 -6.86 29.24
CA LEU C 17 21.07 -7.20 28.18
C LEU C 17 20.67 -8.67 28.23
N ASP C 18 21.62 -9.53 28.63
CA ASP C 18 21.31 -10.94 28.85
C ASP C 18 20.33 -11.12 30.00
N LYS C 19 20.53 -10.36 31.08
CA LYS C 19 19.62 -10.40 32.23
C LYS C 19 18.21 -9.90 31.85
N LEU C 20 18.14 -8.93 30.94
CA LEU C 20 16.87 -8.31 30.57
C LEU C 20 16.10 -9.14 29.54
N ARG C 21 16.77 -10.10 28.95
CA ARG C 21 16.19 -10.92 27.87
C ARG C 21 15.03 -11.75 28.41
N LEU C 22 13.95 -11.81 27.65
CA LEU C 22 12.84 -12.67 27.99
C LEU C 22 13.15 -14.12 27.64
N LYS C 23 12.46 -15.02 28.33
CA LYS C 23 12.70 -16.46 28.23
C LYS C 23 11.53 -17.12 27.52
N ARG C 24 11.83 -17.95 26.52
CA ARG C 24 10.82 -18.37 25.56
C ARG C 24 9.72 -19.25 26.15
N LYS C 25 10.02 -19.85 27.30
CA LYS C 25 9.01 -20.64 28.02
C LYS C 25 7.99 -19.71 28.65
N ASP C 26 8.48 -18.73 29.41
CA ASP C 26 7.66 -17.69 30.02
C ASP C 26 6.80 -17.04 28.95
N ILE C 27 7.48 -16.65 27.86
CA ILE C 27 6.83 -16.02 26.70
C ILE C 27 5.72 -16.91 26.15
N SER C 28 6.03 -18.18 25.96
CA SER C 28 5.07 -19.13 25.40
C SER C 28 3.81 -19.26 26.23
N GLU C 29 3.97 -19.50 27.53
CA GLU C 29 2.80 -19.67 28.42
C GLU C 29 1.97 -18.39 28.53
N ALA C 30 2.65 -17.30 28.88
CA ALA C 30 1.99 -16.00 29.01
C ALA C 30 1.20 -15.65 27.75
N ALA C 31 1.87 -15.75 26.61
CA ALA C 31 1.21 -15.53 25.31
C ALA C 31 0.00 -16.44 25.08
N GLU C 32 0.12 -17.72 25.42
CA GLU C 32 -1.02 -18.66 25.30
C GLU C 32 -2.24 -18.09 26.01
N THR C 33 -2.12 -17.96 27.33
CA THR C 33 -3.23 -17.46 28.16
C THR C 33 -3.78 -16.11 27.63
N VAL C 34 -2.87 -15.15 27.49
CA VAL C 34 -3.20 -13.81 27.02
C VAL C 34 -4.00 -13.83 25.73
N ASN C 35 -3.50 -14.51 24.70
CA ASN C 35 -4.21 -14.65 23.44
C ASN C 35 -5.61 -15.24 23.60
N LYS C 36 -5.74 -16.24 24.48
CA LYS C 36 -7.07 -16.81 24.72
C LYS C 36 -8.06 -15.78 25.23
N VAL C 37 -7.70 -15.14 26.34
CA VAL C 37 -8.56 -14.09 26.94
C VAL C 37 -8.90 -12.98 25.93
N VAL C 38 -7.87 -12.43 25.27
CA VAL C 38 -8.07 -11.38 24.28
C VAL C 38 -9.05 -11.81 23.18
N GLU C 39 -8.89 -13.02 22.68
CA GLU C 39 -9.77 -13.52 21.64
C GLU C 39 -11.22 -13.57 22.11
N ARG C 40 -11.43 -14.12 23.32
CA ARG C 40 -12.77 -14.14 23.89
C ARG C 40 -13.41 -12.77 24.02
N LEU C 41 -12.65 -11.81 24.52
CA LEU C 41 -13.15 -10.46 24.68
C LEU C 41 -13.50 -9.78 23.36
N LEU C 42 -12.62 -9.88 22.38
CA LEU C 42 -12.87 -9.32 21.04
C LEU C 42 -14.14 -9.91 20.45
N ARG C 43 -14.20 -11.24 20.45
CA ARG C 43 -15.34 -11.97 19.90
C ARG C 43 -16.66 -11.55 20.54
N ARG C 44 -16.68 -11.48 21.87
CA ARG C 44 -17.84 -10.97 22.59
C ARG C 44 -18.16 -9.53 22.16
N MET C 45 -17.12 -8.74 21.97
CA MET C 45 -17.30 -7.34 21.57
C MET C 45 -17.94 -7.26 20.20
N GLN C 46 -17.82 -8.32 19.40
CA GLN C 46 -18.51 -8.41 18.11
C GLN C 46 -19.86 -9.08 18.24
N LYS C 47 -19.87 -10.22 18.94
CA LYS C 47 -21.06 -11.08 19.09
C LYS C 47 -22.21 -10.30 19.70
N ARG C 48 -22.49 -10.44 21.00
CA ARG C 48 -23.75 -9.95 21.58
C ARG C 48 -24.01 -8.54 21.09
N GLU C 49 -25.20 -8.31 20.52
CA GLU C 49 -25.42 -7.15 19.66
C GLU C 49 -25.06 -5.85 20.34
N SER C 50 -23.75 -5.61 20.30
CA SER C 50 -23.12 -4.51 20.98
C SER C 50 -23.22 -3.32 20.08
N GLU C 51 -22.62 -2.20 20.55
CA GLU C 51 -22.38 -1.01 19.74
C GLU C 51 -20.88 -0.83 19.47
N PHE C 52 -20.05 -1.69 20.05
CA PHE C 52 -18.66 -1.77 19.79
C PHE C 52 -18.42 -2.92 18.80
N LYS C 53 -19.47 -3.38 18.14
CA LYS C 53 -19.36 -4.33 17.09
C LYS C 53 -18.68 -3.64 15.89
N GLY C 54 -17.74 -4.35 15.27
CA GLY C 54 -16.94 -3.80 14.22
C GLY C 54 -15.59 -3.31 14.73
N VAL C 55 -15.37 -3.46 16.02
CA VAL C 55 -14.10 -3.12 16.62
C VAL C 55 -13.02 -4.08 16.08
N GLU C 56 -11.80 -3.57 15.92
CA GLU C 56 -10.68 -4.42 15.53
C GLU C 56 -9.51 -4.34 16.48
N GLN C 57 -8.63 -5.29 16.36
CA GLN C 57 -7.53 -5.46 17.32
C GLN C 57 -6.22 -4.87 16.77
N LEU C 58 -5.38 -4.37 17.66
CA LEU C 58 -4.11 -3.80 17.25
C LEU C 58 -3.17 -3.89 18.44
N ASN C 59 -2.24 -4.84 18.39
CA ASN C 59 -1.30 -5.03 19.49
C ASN C 59 -0.22 -3.97 19.46
N THR C 60 -0.02 -3.30 20.59
CA THR C 60 0.99 -2.22 20.72
C THR C 60 1.89 -2.43 21.94
N GLY C 61 2.93 -1.61 22.05
CA GLY C 61 3.75 -1.56 23.25
C GLY C 61 4.98 -2.47 23.22
N SER C 62 5.70 -2.53 24.34
CA SER C 62 7.04 -3.14 24.37
C SER C 62 7.03 -4.60 23.93
N TYR C 63 6.01 -5.35 24.36
CA TYR C 63 5.99 -6.77 24.01
C TYR C 63 5.91 -6.98 22.52
N TYR C 64 5.11 -6.18 21.82
CA TYR C 64 4.91 -6.35 20.39
C TYR C 64 5.95 -5.61 19.55
N GLU C 65 6.86 -4.91 20.22
CA GLU C 65 7.96 -4.23 19.55
C GLU C 65 9.24 -4.99 19.83
N HIS C 66 9.16 -6.01 20.69
CA HIS C 66 10.29 -6.82 21.12
C HIS C 66 11.28 -5.97 21.91
N VAL C 67 10.76 -5.09 22.75
CA VAL C 67 11.60 -4.31 23.64
C VAL C 67 11.14 -4.51 25.10
N LYS C 68 10.28 -5.51 25.31
CA LYS C 68 9.90 -5.86 26.67
C LYS C 68 11.10 -6.46 27.37
N ILE C 69 11.22 -6.15 28.66
CA ILE C 69 12.44 -6.42 29.44
C ILE C 69 12.09 -7.29 30.64
N SER C 70 13.09 -8.03 31.15
CA SER C 70 12.84 -8.93 32.28
C SER C 70 11.79 -10.05 32.11
N ALA C 71 10.52 -9.67 31.95
CA ALA C 71 9.43 -10.63 31.88
C ALA C 71 8.28 -10.14 30.99
N PRO C 72 7.52 -11.09 30.43
CA PRO C 72 6.32 -10.76 29.68
C PRO C 72 5.08 -10.65 30.56
N ASN C 73 5.04 -9.62 31.38
CA ASN C 73 3.96 -9.42 32.35
C ASN C 73 3.10 -8.19 32.04
N GLU C 74 3.37 -7.55 30.92
CA GLU C 74 2.60 -6.35 30.53
C GLU C 74 2.27 -6.37 29.04
N PHE C 75 0.99 -6.24 28.73
CA PHE C 75 0.54 -6.32 27.35
C PHE C 75 -0.41 -5.17 27.02
N ASP C 76 -0.23 -4.55 25.86
CA ASP C 76 -1.07 -3.44 25.42
C ASP C 76 -1.85 -3.83 24.16
N VAL C 77 -3.18 -3.89 24.27
CA VAL C 77 -3.99 -4.22 23.10
C VAL C 77 -5.04 -3.19 22.83
N MET C 78 -5.02 -2.64 21.61
CA MET C 78 -6.02 -1.65 21.20
C MET C 78 -7.22 -2.27 20.54
N PHE C 79 -8.39 -1.97 21.09
CA PHE C 79 -9.67 -2.25 20.41
C PHE C 79 -10.09 -0.95 19.75
N LYS C 80 -9.76 -0.81 18.47
CA LYS C 80 -10.03 0.41 17.72
C LYS C 80 -11.35 0.31 16.97
N LEU C 81 -12.09 1.40 16.90
CA LEU C 81 -13.38 1.38 16.22
C LEU C 81 -13.51 2.58 15.34
N GLU C 82 -13.67 2.35 14.04
CA GLU C 82 -13.73 3.47 13.08
C GLU C 82 -15.01 4.30 13.28
N VAL C 83 -14.82 5.58 13.45
CA VAL C 83 -15.93 6.47 13.74
C VAL C 83 -15.94 7.59 12.68
N PRO C 84 -16.73 7.33 11.64
CA PRO C 84 -16.80 8.28 10.49
C PRO C 84 -17.36 9.68 10.80
N ARG C 85 -17.09 10.58 9.87
CA ARG C 85 -17.72 11.91 9.80
C ARG C 85 -17.65 12.73 11.08
N ILE C 86 -16.44 12.86 11.59
CA ILE C 86 -16.23 13.64 12.84
C ILE C 86 -15.48 14.93 12.63
N GLU C 87 -15.68 15.87 13.56
CA GLU C 87 -14.91 17.11 13.61
C GLU C 87 -14.32 17.28 15.01
N LEU C 88 -13.01 17.55 15.07
CA LEU C 88 -12.36 17.75 16.34
C LEU C 88 -12.25 19.21 16.70
N GLN C 89 -12.62 19.53 17.93
CA GLN C 89 -12.30 20.87 18.46
C GLN C 89 -11.16 20.74 19.44
N GLU C 90 -10.00 21.25 19.07
CA GLU C 90 -8.81 21.16 19.92
C GLU C 90 -9.09 21.72 21.30
N TYR C 91 -8.89 20.89 22.32
CA TYR C 91 -9.09 21.33 23.70
C TYR C 91 -8.01 22.33 24.06
N TYR C 92 -8.39 23.60 23.94
CA TYR C 92 -7.48 24.73 24.13
C TYR C 92 -6.38 24.75 23.07
N GLU C 93 -5.12 24.74 23.50
CA GLU C 93 -4.01 24.71 22.55
C GLU C 93 -3.01 23.69 23.04
N THR C 94 -3.56 22.63 23.62
CA THR C 94 -2.76 21.52 24.14
C THR C 94 -2.15 20.72 23.02
N GLY C 95 -2.83 20.69 21.88
CA GLY C 95 -2.40 19.91 20.73
C GLY C 95 -2.70 18.44 20.88
N ALA C 96 -2.78 17.97 22.15
CA ALA C 96 -2.95 16.56 22.43
C ALA C 96 -4.40 16.19 22.66
N PHE C 97 -5.18 17.18 23.10
CA PHE C 97 -6.53 16.96 23.57
C PHE C 97 -7.59 17.59 22.68
N TYR C 98 -8.68 16.85 22.48
CA TYR C 98 -9.71 17.26 21.55
C TYR C 98 -11.09 16.93 22.08
N LEU C 99 -12.09 17.66 21.58
CA LEU C 99 -13.47 17.32 21.80
C LEU C 99 -14.01 16.78 20.51
N VAL C 100 -14.80 15.72 20.58
CA VAL C 100 -15.25 15.01 19.37
C VAL C 100 -16.68 15.30 19.04
N LYS C 101 -16.90 15.92 17.86
CA LYS C 101 -18.24 16.23 17.39
C LYS C 101 -18.54 15.43 16.13
N PHE C 102 -19.83 15.28 15.84
CA PHE C 102 -20.27 14.60 14.64
C PHE C 102 -20.83 15.59 13.65
N LYS C 103 -20.49 15.38 12.38
CA LYS C 103 -21.30 15.95 11.32
C LYS C 103 -22.62 15.21 11.36
N ARG C 104 -22.59 13.91 11.10
CA ARG C 104 -23.79 13.14 10.73
C ARG C 104 -24.12 12.02 11.75
N ILE C 105 -25.15 12.26 12.57
CA ILE C 105 -25.85 11.21 13.31
C ILE C 105 -26.54 10.23 12.28
N PRO C 106 -25.88 9.09 11.90
CA PRO C 106 -26.31 8.29 10.70
C PRO C 106 -27.77 7.93 10.59
N ARG C 107 -28.30 7.32 11.64
CA ARG C 107 -29.75 7.16 11.76
C ARG C 107 -30.08 7.05 13.28
N GLY C 108 -30.46 5.87 13.77
CA GLY C 108 -30.50 5.61 15.20
C GLY C 108 -29.09 5.70 15.78
N ASN C 109 -28.12 5.19 15.01
CA ASN C 109 -26.67 5.31 15.27
C ASN C 109 -26.20 4.61 16.54
N PRO C 110 -25.22 3.70 16.41
CA PRO C 110 -24.65 3.08 17.61
C PRO C 110 -24.25 4.01 18.79
N LEU C 111 -23.70 5.18 18.44
CA LEU C 111 -22.94 6.02 19.33
C LEU C 111 -23.74 7.18 19.85
N SER C 112 -25.04 7.16 19.59
CA SER C 112 -25.97 8.21 20.05
C SER C 112 -26.09 8.24 21.54
N HIS C 113 -26.00 7.04 22.13
CA HIS C 113 -26.11 6.79 23.56
C HIS C 113 -24.84 7.30 24.25
N PHE C 114 -23.81 7.57 23.46
CA PHE C 114 -22.53 8.01 23.96
C PHE C 114 -22.34 9.50 23.73
N LEU C 115 -23.42 10.17 23.35
CA LEU C 115 -23.40 11.61 23.12
C LEU C 115 -23.87 12.41 24.31
N GLU C 116 -23.18 13.50 24.61
CA GLU C 116 -23.59 14.48 25.62
C GLU C 116 -23.81 15.81 24.92
N GLY C 117 -24.62 15.76 23.87
CA GLY C 117 -24.87 16.94 23.04
C GLY C 117 -24.55 16.64 21.60
N GLU C 118 -23.59 17.41 21.06
CA GLU C 118 -22.98 17.15 19.77
C GLU C 118 -21.64 16.47 19.97
N VAL C 119 -21.33 16.27 21.25
CA VAL C 119 -20.01 15.87 21.74
C VAL C 119 -20.03 14.41 22.20
N LEU C 120 -19.21 13.58 21.59
CA LEU C 120 -19.05 12.18 22.03
C LEU C 120 -18.37 12.07 23.39
N SER C 121 -19.07 11.44 24.34
CA SER C 121 -18.57 11.33 25.72
C SER C 121 -17.65 10.13 25.88
N ALA C 122 -16.42 10.40 26.34
CA ALA C 122 -15.40 9.38 26.50
C ALA C 122 -15.71 8.51 27.71
N THR C 123 -16.26 9.12 28.72
CA THR C 123 -16.52 8.42 30.00
C THR C 123 -17.70 7.49 29.90
N LYS C 124 -18.75 7.83 29.15
CA LYS C 124 -19.89 6.97 28.93
C LYS C 124 -19.48 5.70 28.14
N MET C 125 -18.82 5.97 27.03
CA MET C 125 -18.31 4.94 26.15
C MET C 125 -17.42 3.98 26.95
N LEU C 126 -16.50 4.57 27.71
CA LEU C 126 -15.57 3.80 28.53
C LEU C 126 -16.30 2.98 29.58
N SER C 127 -17.38 3.52 30.13
CA SER C 127 -18.18 2.81 31.13
C SER C 127 -18.93 1.61 30.58
N LYS C 128 -19.53 1.76 29.40
CA LYS C 128 -20.21 0.63 28.77
C LYS C 128 -19.21 -0.46 28.37
N PHE C 129 -18.09 -0.02 27.78
CA PHE C 129 -16.99 -0.89 27.43
C PHE C 129 -16.56 -1.74 28.64
N ARG C 130 -16.34 -1.04 29.75
CA ARG C 130 -15.93 -1.67 30.99
C ARG C 130 -16.96 -2.68 31.48
N LYS C 131 -18.22 -2.30 31.42
CA LYS C 131 -19.35 -3.17 31.83
C LYS C 131 -19.36 -4.48 31.05
N ILE C 132 -19.31 -4.37 29.72
CA ILE C 132 -19.25 -5.56 28.84
C ILE C 132 -18.06 -6.46 29.23
N ILE C 133 -16.87 -5.85 29.31
CA ILE C 133 -15.67 -6.62 29.66
C ILE C 133 -15.80 -7.36 31.01
N LYS C 134 -16.34 -6.69 32.02
CA LYS C 134 -16.54 -7.34 33.31
C LYS C 134 -17.50 -8.50 33.21
N GLU C 135 -18.59 -8.28 32.48
CA GLU C 135 -19.58 -9.34 32.24
C GLU C 135 -18.95 -10.58 31.64
N GLU C 136 -18.20 -10.40 30.55
CA GLU C 136 -17.56 -11.54 29.91
C GLU C 136 -16.48 -12.18 30.80
N VAL C 137 -15.77 -11.35 31.56
CA VAL C 137 -14.71 -11.83 32.46
C VAL C 137 -15.27 -12.72 33.57
N LYS C 138 -16.48 -12.43 34.02
CA LYS C 138 -17.16 -13.31 34.98
C LYS C 138 -17.37 -14.70 34.41
N GLU C 139 -17.51 -14.81 33.10
CA GLU C 139 -17.81 -16.08 32.45
C GLU C 139 -16.59 -16.95 32.18
N ILE C 140 -15.39 -16.43 32.48
CA ILE C 140 -14.15 -17.20 32.36
C ILE C 140 -13.84 -18.01 33.61
N LYS C 141 -13.96 -19.33 33.50
CA LYS C 141 -13.92 -20.25 34.63
C LYS C 141 -12.61 -21.04 34.75
N ASP C 142 -11.92 -21.12 33.64
CA ASP C 142 -10.67 -21.93 33.55
C ASP C 142 -9.42 -21.09 33.78
N ILE C 143 -9.55 -19.78 33.68
CA ILE C 143 -8.41 -18.88 33.91
C ILE C 143 -8.69 -17.92 35.06
N ASP C 144 -7.67 -17.64 35.86
CA ASP C 144 -7.77 -16.64 36.92
C ASP C 144 -7.51 -15.28 36.30
N VAL C 145 -8.59 -14.66 35.85
CA VAL C 145 -8.54 -13.31 35.29
C VAL C 145 -9.55 -12.42 36.01
N SER C 146 -9.13 -11.22 36.36
CA SER C 146 -10.05 -10.25 36.95
C SER C 146 -9.85 -8.87 36.35
N VAL C 147 -10.80 -7.98 36.60
CA VAL C 147 -10.71 -6.59 36.14
C VAL C 147 -10.10 -5.71 37.25
N GLU C 148 -9.06 -4.97 36.90
CA GLU C 148 -8.44 -4.04 37.82
C GLU C 148 -9.31 -2.79 37.99
N LYS C 149 -9.33 -2.25 39.20
CA LYS C 149 -10.05 -1.00 39.48
C LYS C 149 -9.51 0.12 38.59
N GLU C 150 -10.43 0.96 38.12
CA GLU C 150 -10.09 2.02 37.17
C GLU C 150 -9.00 2.95 37.70
N LYS C 151 -7.98 3.16 36.85
CA LYS C 151 -6.87 4.03 37.16
C LYS C 151 -7.16 5.42 36.55
N PRO C 152 -6.92 6.48 37.33
CA PRO C 152 -7.15 7.81 36.80
C PRO C 152 -6.18 8.14 35.69
N GLY C 153 -6.69 8.61 34.54
CA GLY C 153 -5.86 8.92 33.40
C GLY C 153 -5.60 7.76 32.46
N SER C 154 -6.34 6.67 32.61
CA SER C 154 -6.17 5.52 31.76
C SER C 154 -7.32 5.42 30.74
N PRO C 155 -7.00 5.13 29.47
CA PRO C 155 -8.02 4.94 28.44
C PRO C 155 -8.37 3.47 28.29
N ALA C 156 -7.98 2.68 29.28
CA ALA C 156 -8.01 1.22 29.19
C ALA C 156 -8.82 0.54 30.30
N VAL C 157 -9.14 -0.74 30.07
CA VAL C 157 -9.67 -1.61 31.09
C VAL C 157 -8.57 -2.65 31.34
N THR C 158 -7.99 -2.62 32.53
CA THR C 158 -6.81 -3.41 32.83
C THR C 158 -7.17 -4.73 33.50
N LEU C 159 -6.66 -5.82 32.93
CA LEU C 159 -6.93 -7.15 33.41
C LEU C 159 -5.72 -7.68 34.16
N LEU C 160 -5.97 -8.28 35.33
CA LEU C 160 -4.92 -9.02 36.02
C LEU C 160 -5.15 -10.50 35.80
N ILE C 161 -4.15 -11.16 35.22
CA ILE C 161 -4.19 -12.59 35.01
C ILE C 161 -3.19 -13.29 35.94
N ARG C 162 -3.73 -14.15 36.79
CA ARG C 162 -2.92 -15.06 37.58
C ARG C 162 -2.60 -16.29 36.76
N ASN C 163 -1.66 -16.16 35.82
CA ASN C 163 -1.18 -17.27 35.02
C ASN C 163 -0.08 -17.90 35.86
N PRO C 164 -0.44 -18.44 37.02
CA PRO C 164 0.31 -18.30 38.24
C PRO C 164 1.01 -16.92 38.42
N GLU C 165 2.06 -16.64 37.68
CA GLU C 165 2.62 -15.30 37.75
C GLU C 165 1.64 -14.27 37.24
N GLU C 166 1.80 -13.04 37.71
CA GLU C 166 0.87 -11.94 37.41
C GLU C 166 1.20 -11.29 36.08
N ILE C 167 0.17 -11.16 35.24
CA ILE C 167 0.32 -10.48 33.95
C ILE C 167 -0.77 -9.41 33.85
N SER C 168 -0.39 -8.19 33.45
CA SER C 168 -1.36 -7.12 33.31
C SER C 168 -1.63 -6.83 31.83
N VAL C 169 -2.90 -6.70 31.46
CA VAL C 169 -3.28 -6.46 30.07
C VAL C 169 -4.18 -5.24 29.95
N ASP C 170 -3.68 -4.18 29.32
CA ASP C 170 -4.50 -3.00 29.07
C ASP C 170 -5.32 -3.17 27.79
N ILE C 171 -6.64 -3.25 27.95
CA ILE C 171 -7.53 -3.26 26.81
C ILE C 171 -7.95 -1.81 26.55
N ILE C 172 -7.32 -1.20 25.56
CA ILE C 172 -7.47 0.22 25.29
C ILE C 172 -8.57 0.49 24.28
N LEU C 173 -9.60 1.20 24.69
CA LEU C 173 -10.66 1.63 23.75
C LEU C 173 -10.17 2.75 22.88
N ALA C 174 -10.21 2.56 21.56
CA ALA C 174 -9.74 3.64 20.66
C ALA C 174 -10.73 3.92 19.55
N LEU C 175 -10.69 5.16 19.04
CA LEU C 175 -11.47 5.56 17.87
C LEU C 175 -10.54 5.71 16.71
N GLU C 176 -10.88 5.10 15.58
CA GLU C 176 -10.07 5.22 14.35
C GLU C 176 -10.65 6.23 13.34
N SER C 177 -9.83 7.17 12.91
CA SER C 177 -10.28 8.15 11.93
C SER C 177 -9.36 8.17 10.72
N LYS C 178 -9.93 7.97 9.52
CA LYS C 178 -9.12 7.86 8.30
C LYS C 178 -8.83 9.21 7.66
N GLY C 179 -9.37 10.28 8.23
CA GLY C 179 -9.11 11.64 7.76
C GLY C 179 -7.67 12.06 7.97
N SER C 180 -7.31 13.24 7.48
CA SER C 180 -5.92 13.68 7.59
C SER C 180 -5.67 14.16 9.02
N TRP C 181 -4.42 13.96 9.44
CA TRP C 181 -4.00 14.15 10.83
C TRP C 181 -4.20 15.57 11.29
N PRO C 182 -4.62 15.76 12.55
CA PRO C 182 -4.82 17.13 13.08
C PRO C 182 -3.56 17.98 12.90
N ILE C 183 -3.77 19.28 12.79
CA ILE C 183 -2.77 20.26 12.44
C ILE C 183 -1.59 20.29 13.38
N SER C 184 -1.87 19.93 14.64
CA SER C 184 -0.88 19.99 15.71
C SER C 184 0.26 19.03 15.44
N THR C 185 0.02 18.09 14.52
CA THR C 185 1.04 17.08 14.17
C THR C 185 1.73 17.40 12.88
N LYS C 186 1.38 18.53 12.25
CA LYS C 186 1.88 18.86 10.92
C LYS C 186 3.42 18.97 10.91
N GLU C 187 3.96 19.56 11.98
CA GLU C 187 5.40 19.72 12.14
C GLU C 187 6.04 18.54 12.85
N GLY C 188 5.21 17.60 13.29
CA GLY C 188 5.67 16.43 14.01
C GLY C 188 6.22 15.35 13.09
N LEU C 189 6.64 14.25 13.69
CA LEU C 189 7.17 13.08 12.96
C LEU C 189 8.29 13.50 11.98
N PRO C 190 9.40 13.98 12.51
CA PRO C 190 10.46 14.61 11.72
C PRO C 190 11.49 13.60 11.22
N ILE C 191 11.03 12.56 10.55
CA ILE C 191 11.85 11.43 10.15
C ILE C 191 12.53 11.61 8.78
N GLN C 192 12.29 12.76 8.17
CA GLN C 192 12.67 13.04 6.78
C GLN C 192 14.11 12.79 6.39
N GLY C 193 15.01 12.83 7.39
CA GLY C 193 16.43 12.61 7.17
C GLY C 193 16.87 11.21 7.60
N TRP C 194 15.95 10.49 8.25
CA TRP C 194 16.25 9.22 8.87
C TRP C 194 15.51 8.09 8.17
N LEU C 195 14.18 8.13 8.17
CA LEU C 195 13.41 7.13 7.46
C LEU C 195 12.98 7.61 6.08
N GLY C 196 12.88 8.92 5.91
CA GLY C 196 12.64 9.49 4.60
C GLY C 196 11.29 10.16 4.40
N THR C 197 11.06 10.62 3.18
CA THR C 197 9.98 11.54 2.84
C THR C 197 8.72 10.74 2.44
N LYS C 198 9.01 9.68 1.67
CA LYS C 198 7.98 8.74 1.20
C LYS C 198 7.36 7.96 2.34
N VAL C 199 8.19 7.60 3.28
CA VAL C 199 7.82 6.91 4.53
C VAL C 199 6.90 7.79 5.34
N ARG C 200 7.34 8.98 5.67
CA ARG C 200 6.56 9.94 6.46
C ARG C 200 5.22 10.23 5.77
N THR C 201 5.28 10.39 4.43
CA THR C 201 4.08 10.68 3.67
C THR C 201 3.10 9.51 3.76
N ASN C 202 3.61 8.31 3.65
CA ASN C 202 2.76 7.12 3.74
C ASN C 202 2.24 6.86 5.14
N LEU C 203 2.99 7.24 6.15
CA LEU C 203 2.58 7.05 7.54
C LEU C 203 1.49 8.03 7.88
N ARG C 204 1.61 9.28 7.45
CA ARG C 204 0.59 10.29 7.71
C ARG C 204 -0.67 10.12 6.85
N ARG C 205 -0.62 9.22 5.88
CA ARG C 205 -1.79 8.85 5.08
C ARG C 205 -2.63 7.82 5.82
N GLU C 206 -2.08 7.29 6.90
CA GLU C 206 -2.71 6.23 7.67
C GLU C 206 -3.72 6.88 8.60
N PRO C 207 -4.64 6.06 9.17
CA PRO C 207 -5.58 6.67 10.09
C PRO C 207 -4.91 7.09 11.39
N PHE C 208 -5.58 7.92 12.18
CA PHE C 208 -5.08 8.23 13.51
C PHE C 208 -6.13 7.83 14.53
N TYR C 209 -5.76 7.90 15.80
CA TYR C 209 -6.56 7.26 16.85
C TYR C 209 -6.78 8.16 18.04
N LEU C 210 -7.95 8.05 18.67
CA LEU C 210 -8.28 8.86 19.82
C LEU C 210 -8.70 7.95 20.97
N VAL C 211 -8.10 8.14 22.11
CA VAL C 211 -8.46 7.34 23.29
C VAL C 211 -9.01 8.29 24.33
N PRO C 212 -9.80 7.78 25.29
CA PRO C 212 -10.26 8.64 26.39
C PRO C 212 -9.11 9.20 27.21
N LYS C 213 -9.15 10.49 27.50
CA LYS C 213 -8.18 11.13 28.40
C LYS C 213 -8.40 10.60 29.81
N ASN C 214 -9.67 10.56 30.23
CA ASN C 214 -10.08 10.00 31.52
C ASN C 214 -9.27 10.57 32.71
N ALA C 215 -8.99 11.87 32.63
CA ALA C 215 -8.44 12.59 33.77
C ALA C 215 -9.52 12.68 34.82
N LYS C 216 -9.12 12.69 36.09
CA LYS C 216 -10.08 12.82 37.19
C LYS C 216 -9.87 14.14 37.95
N ASP C 217 -9.69 15.22 37.20
CA ASP C 217 -9.24 16.51 37.74
C ASP C 217 -10.39 17.44 38.12
N GLY C 218 -11.56 17.21 37.52
CA GLY C 218 -12.75 18.01 37.80
C GLY C 218 -12.95 19.15 36.83
N ASN C 219 -12.16 19.18 35.77
CA ASN C 219 -12.30 20.15 34.69
C ASN C 219 -13.68 20.16 34.05
N SER C 220 -13.95 21.21 33.26
CA SER C 220 -15.05 21.22 32.30
C SER C 220 -14.66 20.33 31.09
N PHE C 221 -15.67 19.70 30.50
CA PHE C 221 -15.49 18.78 29.39
C PHE C 221 -14.51 17.64 29.78
N GLN C 222 -14.56 17.32 31.06
CA GLN C 222 -13.64 16.32 31.62
C GLN C 222 -13.90 14.93 31.05
N GLY C 223 -15.15 14.54 30.88
CA GLY C 223 -15.49 13.23 30.36
C GLY C 223 -15.77 13.21 28.87
N GLU C 224 -15.44 14.27 28.19
CA GLU C 224 -15.59 14.34 26.73
C GLU C 224 -14.25 14.66 26.05
N THR C 225 -13.17 14.70 26.83
CA THR C 225 -11.83 14.98 26.38
C THR C 225 -11.12 13.72 25.88
N TRP C 226 -10.63 13.77 24.64
CA TRP C 226 -9.92 12.67 24.02
C TRP C 226 -8.47 13.04 23.80
N ARG C 227 -7.58 12.05 23.88
CA ARG C 227 -6.17 12.24 23.60
C ARG C 227 -5.78 11.47 22.32
N LEU C 228 -4.93 12.09 21.50
CA LEU C 228 -4.38 11.42 20.33
C LEU C 228 -3.51 10.24 20.77
N SER C 229 -3.45 9.22 19.91
CA SER C 229 -2.55 8.08 20.06
C SER C 229 -1.87 7.75 18.75
N PHE C 230 -0.60 7.36 18.83
CA PHE C 230 0.15 6.97 17.63
C PHE C 230 0.91 5.68 17.85
N SER C 231 0.30 4.73 18.55
CA SER C 231 0.97 3.49 18.91
C SER C 231 1.24 2.63 17.67
N HIS C 232 0.37 2.75 16.67
CA HIS C 232 0.55 2.07 15.39
C HIS C 232 1.83 2.50 14.66
N THR C 233 2.02 3.80 14.58
CA THR C 233 3.15 4.40 13.92
C THR C 233 4.45 4.08 14.68
N GLU C 234 4.37 4.12 16.01
CA GLU C 234 5.53 3.83 16.84
C GLU C 234 5.95 2.35 16.67
N LYS C 235 4.94 1.49 16.55
CA LYS C 235 5.18 0.09 16.26
C LYS C 235 5.91 -0.06 14.94
N TYR C 236 5.41 0.62 13.91
CA TYR C 236 6.05 0.57 12.60
C TYR C 236 7.50 1.04 12.68
N ILE C 237 7.74 2.14 13.40
CA ILE C 237 9.08 2.69 13.51
C ILE C 237 10.02 1.74 14.22
N LEU C 238 9.57 1.18 15.33
CA LEU C 238 10.37 0.21 16.06
C LEU C 238 10.72 -0.98 15.17
N ASN C 239 9.80 -1.37 14.30
CA ASN C 239 10.08 -2.51 13.42
C ASN C 239 10.68 -2.15 12.09
N ASN C 240 10.73 -0.86 11.78
CA ASN C 240 11.39 -0.37 10.57
C ASN C 240 12.26 0.83 10.91
N HIS C 241 13.36 0.59 11.60
CA HIS C 241 14.12 1.62 12.30
C HIS C 241 15.43 2.06 11.67
N GLY C 242 15.80 1.49 10.53
CA GLY C 242 17.09 1.84 9.93
C GLY C 242 16.99 2.84 8.80
N ILE C 243 18.11 3.47 8.46
CA ILE C 243 18.19 4.22 7.20
C ILE C 243 18.31 3.23 6.08
N GLU C 244 19.02 2.14 6.37
CA GLU C 244 19.14 1.00 5.45
C GLU C 244 18.00 0.05 5.70
N LYS C 245 17.41 -0.46 4.63
CA LYS C 245 16.24 -1.33 4.73
C LYS C 245 16.60 -2.71 5.33
N THR C 246 17.89 -3.03 5.35
CA THR C 246 18.31 -4.34 5.82
C THR C 246 18.77 -4.32 7.26
N CYS C 247 18.67 -3.16 7.88
CA CYS C 247 19.03 -2.99 9.30
C CYS C 247 18.22 -3.94 10.18
N CYS C 248 18.93 -4.82 10.88
CA CYS C 248 18.35 -5.84 11.77
C CYS C 248 17.55 -6.91 11.04
N GLU C 249 17.69 -6.96 9.72
CA GLU C 249 17.00 -7.96 8.89
C GLU C 249 17.87 -9.20 8.78
N SER C 250 17.31 -10.24 8.14
CA SER C 250 17.97 -11.54 8.01
C SER C 250 19.19 -11.47 7.08
N SER C 251 19.14 -10.59 6.10
CA SER C 251 20.28 -10.41 5.21
C SER C 251 20.92 -9.04 5.44
N GLY C 252 20.81 -8.54 6.65
CA GLY C 252 21.41 -7.26 6.99
C GLY C 252 22.22 -7.30 8.28
N ALA C 253 22.46 -6.15 8.87
CA ALA C 253 23.29 -6.04 10.06
C ALA C 253 22.53 -5.44 11.24
N LYS C 254 22.87 -5.89 12.42
CA LYS C 254 22.23 -5.39 13.65
C LYS C 254 22.78 -4.01 14.03
N CYS C 255 21.89 -3.20 14.59
CA CYS C 255 22.17 -1.99 15.32
C CYS C 255 21.97 -2.24 16.82
N CYS C 256 22.24 -1.22 17.62
CA CYS C 256 22.03 -1.30 19.06
C CYS C 256 20.95 -0.36 19.59
N ARG C 257 20.02 0.02 18.70
CA ARG C 257 18.97 0.97 19.01
C ARG C 257 18.02 0.44 20.09
N LYS C 258 17.39 -0.69 19.75
CA LYS C 258 16.43 -1.37 20.62
C LYS C 258 17.06 -1.70 21.97
N GLU C 259 18.34 -2.07 21.90
CA GLU C 259 19.12 -2.41 23.09
C GLU C 259 19.22 -1.21 24.02
N CYS C 260 19.58 -0.05 23.46
CA CYS C 260 19.66 1.19 24.24
C CYS C 260 18.29 1.56 24.81
N LEU C 261 17.23 1.36 24.02
CA LEU C 261 15.87 1.60 24.52
C LEU C 261 15.59 0.73 25.72
N LYS C 262 15.99 -0.54 25.65
CA LYS C 262 15.77 -1.48 26.74
C LYS C 262 16.52 -1.05 28.00
N LEU C 263 17.83 -0.83 27.86
CA LEU C 263 18.66 -0.40 28.99
C LEU C 263 18.11 0.86 29.67
N MET C 264 17.71 1.82 28.85
CA MET C 264 17.17 3.08 29.37
C MET C 264 15.86 2.83 30.12
N LYS C 265 14.97 2.05 29.49
CA LYS C 265 13.73 1.62 30.11
C LYS C 265 13.95 1.02 31.48
N TYR C 266 14.94 0.13 31.56
CA TYR C 266 15.22 -0.61 32.80
C TYR C 266 15.73 0.32 33.87
N LEU C 267 16.75 1.10 33.51
CA LEU C 267 17.29 2.13 34.40
C LEU C 267 16.14 2.91 35.05
N LEU C 268 15.25 3.43 34.21
CA LEU C 268 14.12 4.21 34.72
C LEU C 268 13.16 3.37 35.59
N GLU C 269 12.90 2.14 35.19
CA GLU C 269 12.02 1.28 35.97
C GLU C 269 12.54 1.08 37.39
N GLN C 270 13.82 0.75 37.50
CA GLN C 270 14.46 0.54 38.81
C GLN C 270 14.47 1.82 39.64
N LEU C 271 14.96 2.90 39.04
CA LEU C 271 15.00 4.20 39.71
C LEU C 271 13.60 4.64 40.17
N LYS C 272 12.57 4.12 39.50
CA LYS C 272 11.17 4.43 39.86
C LYS C 272 10.65 3.54 40.97
N LYS C 273 11.06 2.27 40.97
CA LYS C 273 10.63 1.37 42.03
C LYS C 273 11.29 1.69 43.36
N GLU C 274 12.45 2.34 43.31
CA GLU C 274 13.13 2.74 44.55
C GLU C 274 12.73 4.12 45.06
N PHE C 275 12.35 5.01 44.15
CA PHE C 275 12.03 6.38 44.55
C PHE C 275 10.66 6.85 44.09
N GLN C 276 9.93 7.32 45.09
CA GLN C 276 8.56 7.86 44.99
C GLN C 276 8.58 9.21 44.34
N GLU C 277 9.77 9.81 44.25
CA GLU C 277 9.92 11.16 43.71
C GLU C 277 9.78 11.14 42.18
N LEU C 278 9.68 9.94 41.63
CA LEU C 278 9.70 9.78 40.15
C LEU C 278 8.42 9.10 39.69
N ASP C 279 7.32 9.38 40.37
CA ASP C 279 6.02 8.82 39.95
C ASP C 279 5.43 9.57 38.77
N ALA C 280 5.99 10.73 38.46
CA ALA C 280 5.56 11.51 37.28
C ALA C 280 6.10 10.90 35.99
N PHE C 281 7.21 10.19 36.11
CA PHE C 281 7.91 9.64 34.95
C PHE C 281 7.37 8.29 34.53
N CYS C 282 7.26 8.10 33.21
CA CYS C 282 6.85 6.84 32.58
C CYS C 282 7.83 6.48 31.46
N SER C 283 7.72 5.30 30.88
CA SER C 283 8.67 4.91 29.85
C SER C 283 8.43 5.63 28.52
N TYR C 284 7.29 6.28 28.33
CA TYR C 284 7.04 7.00 27.12
C TYR C 284 7.94 8.23 26.95
N HIS C 285 8.47 8.71 28.07
CA HIS C 285 9.42 9.81 28.05
C HIS C 285 10.73 9.33 27.47
N VAL C 286 11.14 8.15 27.91
CA VAL C 286 12.30 7.45 27.37
C VAL C 286 12.14 7.19 25.88
N LYS C 287 10.99 6.67 25.50
CA LYS C 287 10.66 6.35 24.11
C LYS C 287 10.70 7.60 23.22
N THR C 288 10.10 8.69 23.70
CA THR C 288 10.06 9.95 22.96
C THR C 288 11.47 10.51 22.77
N ALA C 289 12.19 10.59 23.87
CA ALA C 289 13.58 11.03 23.83
C ALA C 289 14.41 10.21 22.83
N ILE C 290 14.25 8.89 22.85
CA ILE C 290 15.04 8.05 21.97
C ILE C 290 14.62 8.17 20.51
N PHE C 291 13.34 8.51 20.27
CA PHE C 291 12.91 8.86 18.93
C PHE C 291 13.65 10.09 18.46
N HIS C 292 13.74 11.09 19.33
CA HIS C 292 14.47 12.31 18.99
C HIS C 292 15.95 12.02 18.72
N MET C 293 16.54 11.11 19.49
CA MET C 293 17.94 10.74 19.29
C MET C 293 18.15 10.01 17.98
N TRP C 294 17.26 9.07 17.67
CA TRP C 294 17.33 8.33 16.40
C TRP C 294 17.16 9.26 15.23
N THR C 295 16.41 10.33 15.42
CA THR C 295 16.26 11.34 14.37
C THR C 295 17.52 12.21 14.28
N GLN C 296 18.20 12.37 15.41
CA GLN C 296 19.45 13.13 15.47
C GLN C 296 20.63 12.40 14.87
N ASP C 297 20.77 11.11 15.24
CA ASP C 297 21.79 10.24 14.67
C ASP C 297 21.12 9.18 13.79
N PRO C 298 20.82 9.51 12.53
CA PRO C 298 20.07 8.65 11.62
C PRO C 298 20.90 7.48 11.14
N GLN C 299 22.21 7.72 11.00
CA GLN C 299 23.11 6.68 10.46
C GLN C 299 23.15 5.43 11.31
N ASP C 300 23.03 4.28 10.63
CA ASP C 300 23.07 2.98 11.29
C ASP C 300 24.44 2.74 11.87
N SER C 301 25.45 3.33 11.22
CA SER C 301 26.83 3.25 11.69
C SER C 301 26.98 3.92 13.05
N GLN C 302 26.12 4.90 13.32
CA GLN C 302 26.12 5.61 14.61
C GLN C 302 25.40 4.80 15.66
N TRP C 303 24.92 3.61 15.28
CA TRP C 303 24.29 2.70 16.22
C TRP C 303 24.84 1.28 16.02
N ASP C 304 26.16 1.17 15.91
CA ASP C 304 26.78 -0.14 15.82
C ASP C 304 26.88 -0.72 17.23
N PRO C 305 26.55 -2.01 17.38
CA PRO C 305 26.74 -2.77 18.62
C PRO C 305 28.07 -2.52 19.32
N ARG C 306 29.17 -2.48 18.57
CA ARG C 306 30.48 -2.22 19.16
C ARG C 306 30.59 -0.86 19.83
N ASN C 307 29.68 0.06 19.47
CA ASN C 307 29.63 1.37 20.10
C ASN C 307 28.47 1.44 21.08
N LEU C 308 28.14 0.32 21.72
CA LEU C 308 26.97 0.29 22.60
C LEU C 308 27.09 1.31 23.73
N SER C 309 28.12 1.14 24.55
CA SER C 309 28.36 1.95 25.74
C SER C 309 28.28 3.45 25.46
N SER C 310 28.97 3.85 24.38
CA SER C 310 28.99 5.26 24.01
C SER C 310 27.61 5.70 23.56
N CYS C 311 26.96 4.88 22.73
CA CYS C 311 25.62 5.19 22.24
C CYS C 311 24.69 5.40 23.42
N PHE C 312 24.68 4.44 24.33
CA PHE C 312 23.86 4.54 25.54
C PHE C 312 24.17 5.81 26.32
N ASP C 313 25.43 6.24 26.28
CA ASP C 313 25.81 7.45 26.99
C ASP C 313 25.21 8.64 26.27
N LYS C 314 25.31 8.64 24.95
CA LYS C 314 24.81 9.74 24.13
C LYS C 314 23.37 10.02 24.50
N LEU C 315 22.52 9.01 24.30
CA LEU C 315 21.14 9.04 24.75
C LEU C 315 21.04 9.60 26.16
N LEU C 316 21.79 8.97 27.08
CA LEU C 316 21.77 9.38 28.49
C LEU C 316 21.99 10.87 28.57
N ALA C 317 23.08 11.32 27.96
CA ALA C 317 23.42 12.74 27.94
C ALA C 317 22.23 13.54 27.48
N PHE C 318 21.72 13.19 26.30
CA PHE C 318 20.58 13.88 25.71
C PHE C 318 19.46 14.02 26.74
N PHE C 319 19.12 12.90 27.38
CA PHE C 319 17.99 12.88 28.31
C PHE C 319 18.20 13.90 29.41
N LEU C 320 19.41 13.93 29.96
CA LEU C 320 19.73 14.85 31.04
C LEU C 320 19.50 16.27 30.59
N GLU C 321 19.92 16.57 29.37
CA GLU C 321 19.75 17.91 28.82
C GLU C 321 18.27 18.25 28.76
N CYS C 322 17.46 17.27 28.36
CA CYS C 322 16.02 17.47 28.28
C CYS C 322 15.47 17.84 29.66
N LEU C 323 16.05 17.23 30.69
CA LEU C 323 15.67 17.55 32.06
C LEU C 323 16.22 18.91 32.46
N ARG C 324 17.42 19.22 32.02
CA ARG C 324 18.08 20.47 32.41
C ARG C 324 17.37 21.66 31.79
N THR C 325 16.96 21.50 30.54
CA THR C 325 16.24 22.55 29.83
C THR C 325 14.76 22.49 30.17
N GLU C 326 14.35 21.40 30.81
CA GLU C 326 12.95 21.12 31.09
C GLU C 326 12.16 21.17 29.77
N LYS C 327 12.69 20.50 28.77
CA LYS C 327 12.12 20.55 27.45
C LYS C 327 12.28 19.21 26.74
N LEU C 328 11.19 18.44 26.74
CA LEU C 328 11.10 17.23 25.95
C LEU C 328 9.84 17.30 25.14
N ASP C 329 9.98 17.77 23.90
CA ASP C 329 8.85 17.92 22.96
C ASP C 329 8.24 16.59 22.58
N HIS C 330 6.91 16.56 22.42
CA HIS C 330 6.28 15.33 21.95
C HIS C 330 6.71 15.10 20.51
N TYR C 331 7.01 13.85 20.17
CA TYR C 331 7.59 13.52 18.86
C TYR C 331 6.63 13.72 17.70
N PHE C 332 5.34 13.66 17.99
CA PHE C 332 4.31 13.82 16.98
C PHE C 332 3.63 15.17 17.11
N ILE C 333 3.66 15.74 18.32
CA ILE C 333 3.07 17.04 18.60
C ILE C 333 4.14 17.97 19.16
N PRO C 334 4.87 18.67 18.29
CA PRO C 334 6.02 19.49 18.72
C PRO C 334 5.69 20.60 19.69
N LYS C 335 4.50 21.19 19.62
CA LYS C 335 4.08 22.25 20.54
C LYS C 335 3.80 21.72 21.95
N PHE C 336 3.54 20.41 22.05
CA PHE C 336 3.29 19.79 23.33
C PHE C 336 4.60 19.46 24.01
N ASN C 337 4.93 20.21 25.07
CA ASN C 337 6.08 19.89 25.92
C ASN C 337 5.72 18.92 27.04
N LEU C 338 6.57 17.91 27.24
CA LEU C 338 6.30 16.85 28.19
C LEU C 338 6.97 17.09 29.51
N PHE C 339 7.97 17.99 29.51
CA PHE C 339 8.72 18.33 30.73
C PHE C 339 8.37 19.73 31.19
N SER C 340 7.14 20.19 30.94
CA SER C 340 6.71 21.47 31.44
C SER C 340 6.53 21.40 32.97
N GLN C 341 6.41 22.59 33.55
CA GLN C 341 6.19 22.72 34.98
C GLN C 341 4.75 22.28 35.30
N GLU C 342 3.86 22.42 34.32
CA GLU C 342 2.47 22.06 34.49
C GLU C 342 2.28 20.57 34.73
N LEU C 343 3.14 19.77 34.11
CA LEU C 343 3.04 18.31 34.16
C LEU C 343 4.01 17.70 35.17
N ILE C 344 5.26 18.20 35.18
CA ILE C 344 6.26 17.72 36.12
C ILE C 344 6.95 18.84 36.88
N ASP C 345 7.09 18.67 38.19
CA ASP C 345 7.72 19.69 39.03
C ASP C 345 9.23 19.68 38.83
N ARG C 346 9.83 20.87 38.82
CA ARG C 346 11.26 21.08 38.74
C ARG C 346 12.03 20.14 39.64
N LYS C 347 11.59 20.12 40.91
CA LYS C 347 12.24 19.33 41.97
C LYS C 347 12.40 17.86 41.56
N SER C 348 11.39 17.34 40.86
CA SER C 348 11.43 15.97 40.38
C SER C 348 12.53 15.80 39.34
N LYS C 349 12.50 16.66 38.33
CA LYS C 349 13.49 16.65 37.25
C LYS C 349 14.93 16.78 37.77
N GLU C 350 15.10 17.64 38.78
CA GLU C 350 16.41 17.86 39.40
C GLU C 350 16.85 16.61 40.17
N PHE C 351 15.94 16.06 40.96
CA PHE C 351 16.18 14.83 41.69
C PHE C 351 16.65 13.72 40.74
N LEU C 352 15.92 13.57 39.63
CA LEU C 352 16.25 12.58 38.63
C LEU C 352 17.60 12.84 37.99
N SER C 353 17.89 14.09 37.69
CA SER C 353 19.19 14.47 37.13
C SER C 353 20.31 14.06 38.07
N LYS C 354 20.06 14.25 39.37
CA LYS C 354 21.02 13.88 40.40
C LYS C 354 21.27 12.37 40.41
N LYS C 355 20.21 11.59 40.60
CA LYS C 355 20.33 10.12 40.64
C LYS C 355 20.98 9.54 39.37
N ILE C 356 20.48 9.97 38.22
CA ILE C 356 21.04 9.57 36.93
C ILE C 356 22.51 9.89 36.83
N GLU C 357 22.88 11.13 37.14
CA GLU C 357 24.29 11.55 37.09
C GLU C 357 25.15 10.68 37.98
N TYR C 358 24.66 10.42 39.20
CA TYR C 358 25.33 9.52 40.13
C TYR C 358 25.63 8.18 39.47
N GLU C 359 24.57 7.51 39.01
CA GLU C 359 24.70 6.21 38.34
C GLU C 359 25.67 6.25 37.16
N ARG C 360 25.67 7.37 36.45
CA ARG C 360 26.48 7.54 35.25
C ARG C 360 27.95 7.67 35.62
N ASN C 361 28.21 8.26 36.78
CA ASN C 361 29.59 8.46 37.21
C ASN C 361 30.10 7.37 38.14
N ASN C 362 29.28 6.31 38.35
CA ASN C 362 29.63 5.27 39.32
C ASN C 362 29.58 3.85 38.79
N GLY C 363 29.61 3.67 37.47
CA GLY C 363 29.59 2.36 36.87
C GLY C 363 28.25 1.64 36.97
N PHE C 364 27.18 2.43 37.14
CA PHE C 364 25.82 1.94 37.18
C PHE C 364 25.60 0.77 38.16
N PRO C 365 25.83 1.06 39.46
CA PRO C 365 25.58 0.05 40.50
C PRO C 365 24.19 -0.54 40.49
N ILE C 366 23.18 0.29 40.19
CA ILE C 366 21.77 -0.08 40.20
C ILE C 366 21.44 -1.29 39.33
N PHE C 367 22.28 -1.54 38.33
CA PHE C 367 22.07 -2.66 37.42
C PHE C 367 22.28 -4.04 38.12
N ASP C 368 22.56 -4.04 39.43
CA ASP C 368 22.57 -5.25 40.25
C ASP C 368 21.52 -5.12 41.36
N LYS D 12 31.49 14.85 -20.11
CA LYS D 12 31.72 13.63 -20.99
C LYS D 12 30.38 12.92 -21.19
N LEU D 13 30.05 12.07 -20.23
CA LEU D 13 28.73 11.41 -20.18
C LEU D 13 27.63 12.31 -19.69
N LYS D 14 27.99 13.29 -18.86
CA LYS D 14 27.06 14.26 -18.30
C LYS D 14 26.36 15.05 -19.43
N LYS D 15 27.15 15.35 -20.48
CA LYS D 15 26.62 16.06 -21.62
C LYS D 15 25.63 15.19 -22.40
N VAL D 16 25.93 13.90 -22.46
CA VAL D 16 25.02 12.95 -23.09
C VAL D 16 23.71 12.89 -22.30
N LEU D 17 23.81 12.84 -20.99
CA LEU D 17 22.64 12.85 -20.13
C LEU D 17 21.82 14.12 -20.28
N ASP D 18 22.52 15.24 -20.53
CA ASP D 18 21.84 16.49 -20.83
C ASP D 18 21.06 16.39 -22.13
N LYS D 19 21.68 15.78 -23.15
CA LYS D 19 21.00 15.57 -24.43
C LYS D 19 19.78 14.65 -24.29
N LEU D 20 19.85 13.68 -23.40
CA LEU D 20 18.81 12.69 -23.24
C LEU D 20 17.64 13.18 -22.39
N ARG D 21 17.85 14.29 -21.70
CA ARG D 21 16.86 14.84 -20.77
C ARG D 21 15.59 15.25 -21.50
N LEU D 22 14.44 14.92 -20.94
CA LEU D 22 13.19 15.39 -21.51
C LEU D 22 12.93 16.84 -21.15
N LYS D 23 12.12 17.49 -21.97
CA LYS D 23 11.84 18.92 -21.86
C LYS D 23 10.41 19.12 -21.42
N ARG D 24 10.20 19.96 -20.40
CA ARG D 24 8.94 19.96 -19.68
C ARG D 24 7.75 20.45 -20.50
N LYS D 25 8.05 21.18 -21.57
CA LYS D 25 7.01 21.64 -22.50
C LYS D 25 6.49 20.44 -23.29
N ASP D 26 7.43 19.73 -23.92
CA ASP D 26 7.14 18.51 -24.67
C ASP D 26 6.36 17.55 -23.77
N ILE D 27 6.89 17.36 -22.57
CA ILE D 27 6.28 16.49 -21.56
C ILE D 27 4.85 16.93 -21.26
N SER D 28 4.67 18.22 -21.03
CA SER D 28 3.36 18.76 -20.70
C SER D 28 2.31 18.51 -21.78
N GLU D 29 2.63 18.85 -23.02
CA GLU D 29 1.69 18.67 -24.13
C GLU D 29 1.37 17.20 -24.38
N ALA D 30 2.43 16.41 -24.56
CA ALA D 30 2.28 14.98 -24.81
C ALA D 30 1.42 14.33 -23.72
N ALA D 31 1.78 14.59 -22.46
CA ALA D 31 1.00 14.09 -21.33
C ALA D 31 -0.47 14.53 -21.35
N GLU D 32 -0.72 15.79 -21.69
CA GLU D 32 -2.10 16.29 -21.82
C GLU D 32 -2.90 15.38 -22.75
N THR D 33 -2.50 15.36 -24.01
CA THR D 33 -3.19 14.57 -25.04
C THR D 33 -3.35 13.09 -24.61
N VAL D 34 -2.21 12.49 -24.27
CA VAL D 34 -2.16 11.09 -23.87
C VAL D 34 -3.15 10.76 -22.76
N ASN D 35 -3.11 11.51 -21.66
CA ASN D 35 -4.06 11.34 -20.57
C ASN D 35 -5.51 11.44 -21.01
N LYS D 36 -5.80 12.38 -21.90
CA LYS D 36 -7.17 12.50 -22.43
C LYS D 36 -7.64 11.23 -23.11
N VAL D 37 -6.89 10.81 -24.11
CA VAL D 37 -7.19 9.57 -24.86
C VAL D 37 -7.33 8.35 -23.93
N VAL D 38 -6.34 8.14 -23.08
CA VAL D 38 -6.36 7.03 -22.13
C VAL D 38 -7.64 7.05 -21.25
N GLU D 39 -7.99 8.23 -20.75
CA GLU D 39 -9.19 8.36 -19.93
C GLU D 39 -10.44 7.96 -20.71
N ARG D 40 -10.57 8.45 -21.94
CA ARG D 40 -11.69 8.07 -22.80
C ARG D 40 -11.79 6.56 -23.01
N LEU D 41 -10.67 5.93 -23.32
CA LEU D 41 -10.64 4.50 -23.54
C LEU D 41 -11.02 3.69 -22.31
N LEU D 42 -10.44 4.03 -21.16
CA LEU D 42 -10.77 3.37 -19.89
C LEU D 42 -12.26 3.49 -19.59
N ARG D 43 -12.76 4.71 -19.66
CA ARG D 43 -14.16 5.00 -19.37
C ARG D 43 -15.10 4.18 -20.27
N ARG D 44 -14.82 4.17 -21.58
CA ARG D 44 -15.57 3.33 -22.51
C ARG D 44 -15.47 1.85 -22.10
N MET D 45 -14.29 1.44 -21.67
CA MET D 45 -14.06 0.07 -21.28
C MET D 45 -14.91 -0.30 -20.06
N GLN D 46 -15.33 0.71 -19.31
CA GLN D 46 -16.25 0.51 -18.19
C GLN D 46 -17.70 0.70 -18.61
N LYS D 47 -17.94 1.80 -19.34
CA LYS D 47 -19.28 2.21 -19.76
C LYS D 47 -19.95 1.09 -20.58
N ARG D 48 -19.99 1.21 -21.91
CA ARG D 48 -20.87 0.38 -22.74
C ARG D 48 -20.72 -1.08 -22.30
N GLU D 49 -21.86 -1.71 -21.99
CA GLU D 49 -21.86 -2.93 -21.17
C GLU D 49 -20.95 -3.99 -21.72
N SER D 50 -19.67 -3.78 -21.40
CA SER D 50 -18.57 -4.56 -21.91
C SER D 50 -18.45 -5.77 -21.00
N GLU D 51 -17.42 -6.58 -21.28
CA GLU D 51 -16.98 -7.66 -20.42
C GLU D 51 -15.61 -7.34 -19.79
N PHE D 52 -15.01 -6.23 -20.20
CA PHE D 52 -13.82 -5.70 -19.64
C PHE D 52 -14.19 -4.59 -18.65
N LYS D 53 -15.46 -4.54 -18.26
CA LYS D 53 -15.89 -3.65 -17.24
C LYS D 53 -15.28 -4.09 -15.89
N GLY D 54 -14.80 -3.13 -15.13
CA GLY D 54 -14.10 -3.43 -13.89
C GLY D 54 -12.59 -3.40 -14.09
N VAL D 55 -12.16 -3.13 -15.32
CA VAL D 55 -10.76 -3.01 -15.62
C VAL D 55 -10.19 -1.77 -14.89
N GLU D 56 -8.93 -1.84 -14.46
CA GLU D 56 -8.28 -0.69 -13.88
C GLU D 56 -6.97 -0.35 -14.55
N GLN D 57 -6.50 0.85 -14.30
CA GLN D 57 -5.35 1.42 -15.01
C GLN D 57 -4.07 1.27 -14.17
N LEU D 58 -2.94 1.10 -14.84
CA LEU D 58 -1.67 0.98 -14.14
C LEU D 58 -0.57 1.42 -15.12
N ASN D 59 -0.05 2.62 -14.90
CA ASN D 59 0.99 3.14 -15.78
C ASN D 59 2.32 2.51 -15.50
N THR D 60 2.96 1.98 -16.54
CA THR D 60 4.28 1.32 -16.42
C THR D 60 5.29 1.86 -17.43
N GLY D 61 6.53 1.44 -17.31
CA GLY D 61 7.55 1.70 -18.33
C GLY D 61 8.38 2.97 -18.09
N SER D 62 9.23 3.31 -19.04
CA SER D 62 10.27 4.33 -18.84
C SER D 62 9.68 5.69 -18.45
N TYR D 63 8.58 6.07 -19.09
CA TYR D 63 8.02 7.38 -18.79
C TYR D 63 7.58 7.50 -17.36
N TYR D 64 6.98 6.45 -16.81
CA TYR D 64 6.46 6.48 -15.44
C TYR D 64 7.51 6.10 -14.40
N GLU D 65 8.70 5.77 -14.85
CA GLU D 65 9.82 5.48 -13.97
C GLU D 65 10.79 6.62 -14.00
N HIS D 66 10.54 7.60 -14.89
CA HIS D 66 11.40 8.76 -15.11
C HIS D 66 12.75 8.32 -15.66
N VAL D 67 12.73 7.34 -16.56
CA VAL D 67 13.93 6.92 -17.26
C VAL D 67 13.73 7.01 -18.78
N LYS D 68 12.66 7.69 -19.18
CA LYS D 68 12.44 7.94 -20.60
C LYS D 68 13.50 8.92 -21.07
N ILE D 69 13.96 8.71 -22.30
CA ILE D 69 15.14 9.39 -22.86
C ILE D 69 14.76 10.13 -24.12
N SER D 70 15.53 11.17 -24.48
CA SER D 70 15.24 11.98 -25.67
C SER D 70 13.89 12.70 -25.73
N ALA D 71 12.79 11.93 -25.79
CA ALA D 71 11.46 12.48 -25.97
C ALA D 71 10.39 11.61 -25.29
N PRO D 72 9.27 12.24 -24.91
CA PRO D 72 8.12 11.52 -24.40
C PRO D 72 7.19 11.03 -25.51
N ASN D 73 7.65 10.08 -26.30
CA ASN D 73 6.93 9.56 -27.46
C ASN D 73 6.51 8.11 -27.30
N GLU D 74 6.74 7.55 -26.12
CA GLU D 74 6.35 6.14 -25.85
C GLU D 74 5.74 6.01 -24.47
N PHE D 75 4.56 5.44 -24.40
CA PHE D 75 3.83 5.30 -23.15
C PHE D 75 3.29 3.88 -22.98
N ASP D 76 3.44 3.32 -21.78
CA ASP D 76 2.96 1.97 -21.49
C ASP D 76 1.84 2.02 -20.43
N VAL D 77 0.63 1.61 -20.80
CA VAL D 77 -0.46 1.62 -19.86
C VAL D 77 -1.14 0.28 -19.77
N MET D 78 -1.20 -0.27 -18.56
CA MET D 78 -1.85 -1.57 -18.31
C MET D 78 -3.32 -1.39 -17.95
N PHE D 79 -4.16 -2.05 -18.72
CA PHE D 79 -5.58 -2.24 -18.34
C PHE D 79 -5.68 -3.61 -17.74
N LYS D 80 -5.60 -3.68 -16.42
CA LYS D 80 -5.60 -4.96 -15.70
C LYS D 80 -7.02 -5.31 -15.25
N LEU D 81 -7.36 -6.59 -15.30
CA LEU D 81 -8.68 -7.04 -14.90
C LEU D 81 -8.58 -8.22 -13.99
N GLU D 82 -9.06 -8.10 -12.77
CA GLU D 82 -8.95 -9.21 -11.80
C GLU D 82 -9.81 -10.40 -12.23
N VAL D 83 -9.20 -11.55 -12.35
CA VAL D 83 -9.90 -12.72 -12.83
C VAL D 83 -9.77 -13.83 -11.78
N PRO D 84 -10.80 -13.90 -10.93
CA PRO D 84 -10.82 -14.84 -9.79
C PRO D 84 -10.82 -16.34 -10.18
N ARG D 85 -10.50 -17.15 -9.19
CA ARG D 85 -10.67 -18.61 -9.24
C ARG D 85 -10.04 -19.29 -10.43
N ILE D 86 -8.77 -19.00 -10.66
CA ILE D 86 -8.05 -19.61 -11.81
C ILE D 86 -6.97 -20.59 -11.40
N GLU D 87 -6.65 -21.50 -12.31
CA GLU D 87 -5.54 -22.43 -12.14
C GLU D 87 -4.63 -22.36 -13.37
N LEU D 88 -3.34 -22.20 -13.14
CA LEU D 88 -2.38 -22.13 -14.22
C LEU D 88 -1.74 -23.47 -14.49
N GLN D 89 -1.70 -23.86 -15.76
CA GLN D 89 -0.83 -24.98 -16.16
C GLN D 89 0.38 -24.45 -16.86
N GLU D 90 1.52 -24.54 -16.23
CA GLU D 90 2.80 -24.04 -16.83
C GLU D 90 3.00 -24.63 -18.21
N TYR D 91 3.13 -23.76 -19.21
CA TYR D 91 3.37 -24.19 -20.58
C TYR D 91 4.77 -24.78 -20.67
N TYR D 92 4.80 -26.10 -20.56
CA TYR D 92 6.05 -26.87 -20.51
C TYR D 92 6.85 -26.55 -19.25
N GLU D 93 8.10 -26.11 -19.43
CA GLU D 93 8.92 -25.72 -18.30
C GLU D 93 9.61 -24.42 -18.63
N THR D 94 8.87 -23.59 -19.34
CA THR D 94 9.35 -22.27 -19.75
C THR D 94 9.43 -21.34 -18.56
N GLY D 95 8.56 -21.58 -17.58
CA GLY D 95 8.49 -20.71 -16.41
C GLY D 95 7.75 -19.45 -16.67
N ALA D 96 7.77 -19.00 -17.93
CA ALA D 96 7.20 -17.70 -18.29
C ALA D 96 5.79 -17.82 -18.81
N PHE D 97 5.48 -19.01 -19.36
CA PHE D 97 4.26 -19.22 -20.11
C PHE D 97 3.32 -20.20 -19.43
N TYR D 98 2.02 -19.86 -19.47
CA TYR D 98 1.01 -20.62 -18.77
C TYR D 98 -0.25 -20.75 -19.59
N LEU D 99 -1.03 -21.78 -19.29
CA LEU D 99 -2.36 -21.92 -19.81
C LEU D 99 -3.33 -21.64 -18.71
N VAL D 100 -4.39 -20.91 -19.00
CA VAL D 100 -5.30 -20.41 -17.95
C VAL D 100 -6.59 -21.18 -17.90
N LYS D 101 -6.84 -21.86 -16.77
CA LYS D 101 -8.08 -22.59 -16.56
C LYS D 101 -8.88 -21.97 -15.45
N PHE D 102 -10.19 -22.26 -15.46
CA PHE D 102 -11.08 -21.79 -14.40
C PHE D 102 -11.48 -22.94 -13.51
N LYS D 103 -11.53 -22.66 -12.20
CA LYS D 103 -12.32 -23.49 -11.31
C LYS D 103 -13.77 -23.23 -11.71
N ARG D 104 -14.22 -21.98 -11.52
CA ARG D 104 -15.66 -21.67 -11.51
C ARG D 104 -16.12 -20.76 -12.66
N ILE D 105 -16.79 -21.34 -13.65
CA ILE D 105 -17.63 -20.57 -14.59
C ILE D 105 -18.83 -19.93 -13.80
N PRO D 106 -18.72 -18.64 -13.32
CA PRO D 106 -19.65 -18.10 -12.29
C PRO D 106 -21.15 -18.28 -12.57
N ARG D 107 -21.59 -17.86 -13.75
CA ARG D 107 -22.92 -18.21 -14.21
C ARG D 107 -22.92 -18.16 -15.77
N GLY D 108 -23.57 -17.17 -16.38
CA GLY D 108 -23.36 -16.86 -17.79
C GLY D 108 -21.94 -16.42 -18.02
N ASN D 109 -21.41 -15.63 -17.07
CA ASN D 109 -19.98 -15.25 -16.97
C ASN D 109 -19.50 -14.37 -18.13
N PRO D 110 -18.94 -13.20 -17.80
CA PRO D 110 -18.34 -12.37 -18.85
C PRO D 110 -17.39 -13.07 -19.87
N LEU D 111 -16.58 -13.99 -19.36
CA LEU D 111 -15.39 -14.50 -20.00
C LEU D 111 -15.62 -15.84 -20.66
N SER D 112 -16.88 -16.26 -20.72
CA SER D 112 -17.27 -17.54 -21.35
C SER D 112 -17.02 -17.53 -22.82
N HIS D 113 -17.19 -16.35 -23.41
CA HIS D 113 -17.04 -16.10 -24.83
C HIS D 113 -15.54 -16.14 -25.20
N PHE D 114 -14.70 -16.08 -24.16
CA PHE D 114 -13.27 -16.06 -24.34
C PHE D 114 -12.66 -17.40 -24.00
N LEU D 115 -13.52 -18.40 -23.86
CA LEU D 115 -13.07 -19.76 -23.56
C LEU D 115 -12.94 -20.63 -24.81
N GLU D 116 -11.88 -21.42 -24.86
CA GLU D 116 -11.68 -22.45 -25.89
C GLU D 116 -11.63 -23.80 -25.17
N GLY D 117 -12.63 -24.05 -24.35
CA GLY D 117 -12.67 -25.27 -23.54
C GLY D 117 -12.81 -24.92 -22.07
N GLU D 118 -11.83 -25.34 -21.28
CA GLU D 118 -11.64 -24.93 -19.91
C GLU D 118 -10.58 -23.85 -19.84
N VAL D 119 -10.06 -23.52 -21.03
CA VAL D 119 -8.88 -22.69 -21.24
C VAL D 119 -9.27 -21.31 -21.74
N LEU D 120 -8.92 -20.27 -21.00
CA LEU D 120 -9.14 -18.88 -21.45
C LEU D 120 -8.24 -18.51 -22.63
N SER D 121 -8.88 -18.11 -23.73
CA SER D 121 -8.15 -17.79 -24.97
C SER D 121 -7.67 -16.35 -24.97
N ALA D 122 -6.36 -16.18 -25.13
CA ALA D 122 -5.72 -14.87 -25.09
C ALA D 122 -6.02 -14.09 -26.36
N THR D 123 -6.11 -14.82 -27.47
CA THR D 123 -6.28 -14.19 -28.79
C THR D 123 -7.69 -13.70 -28.99
N LYS D 124 -8.71 -14.41 -28.49
CA LYS D 124 -10.09 -13.97 -28.55
C LYS D 124 -10.30 -12.69 -27.73
N MET D 125 -9.86 -12.77 -26.49
CA MET D 125 -9.92 -11.66 -25.56
C MET D 125 -9.24 -10.43 -26.17
N LEU D 126 -8.04 -10.65 -26.69
CA LEU D 126 -7.26 -9.58 -27.29
C LEU D 126 -7.97 -9.00 -28.50
N SER D 127 -8.65 -9.84 -29.26
CA SER D 127 -9.40 -9.40 -30.45
C SER D 127 -10.60 -8.55 -30.12
N LYS D 128 -11.36 -8.92 -29.10
CA LYS D 128 -12.52 -8.12 -28.67
C LYS D 128 -12.05 -6.78 -28.09
N PHE D 129 -11.00 -6.84 -27.26
CA PHE D 129 -10.35 -5.68 -26.71
C PHE D 129 -9.98 -4.68 -27.83
N ARG D 130 -9.31 -5.21 -28.85
CA ARG D 130 -8.88 -4.45 -29.99
C ARG D 130 -10.06 -3.82 -30.73
N LYS D 131 -11.12 -4.61 -30.92
CA LYS D 131 -12.34 -4.14 -31.58
C LYS D 131 -12.97 -2.95 -30.86
N ILE D 132 -13.17 -3.09 -29.56
CA ILE D 132 -13.68 -1.99 -28.72
C ILE D 132 -12.82 -0.74 -28.88
N ILE D 133 -11.52 -0.90 -28.69
CA ILE D 133 -10.59 0.24 -28.81
C ILE D 133 -10.70 0.95 -30.17
N LYS D 134 -10.75 0.18 -31.26
CA LYS D 134 -10.89 0.78 -32.58
C LYS D 134 -12.20 1.54 -32.71
N GLU D 135 -13.27 0.94 -32.21
CA GLU D 135 -14.59 1.58 -32.22
C GLU D 135 -14.56 2.93 -31.54
N GLU D 136 -14.04 2.97 -30.32
CA GLU D 136 -13.96 4.25 -29.59
C GLU D 136 -13.02 5.24 -30.27
N VAL D 137 -11.92 4.74 -30.84
CA VAL D 137 -10.95 5.59 -31.52
C VAL D 137 -11.54 6.28 -32.75
N LYS D 138 -12.46 5.61 -33.43
CA LYS D 138 -13.19 6.24 -34.53
C LYS D 138 -13.98 7.46 -34.06
N GLU D 139 -14.40 7.46 -32.80
CA GLU D 139 -15.24 8.52 -32.27
C GLU D 139 -14.49 9.74 -31.78
N ILE D 140 -13.14 9.66 -31.82
CA ILE D 140 -12.29 10.81 -31.46
C ILE D 140 -12.04 11.71 -32.67
N LYS D 141 -12.61 12.91 -32.63
CA LYS D 141 -12.66 13.85 -33.75
C LYS D 141 -11.69 15.04 -33.62
N ASP D 142 -11.32 15.29 -32.37
CA ASP D 142 -10.47 16.46 -32.04
C ASP D 142 -8.99 16.10 -31.95
N ILE D 143 -8.70 14.82 -31.85
CA ILE D 143 -7.29 14.37 -31.81
C ILE D 143 -7.00 13.41 -32.96
N ASP D 144 -5.80 13.53 -33.54
CA ASP D 144 -5.34 12.60 -34.55
C ASP D 144 -4.77 11.37 -33.85
N VAL D 145 -5.65 10.40 -33.63
CA VAL D 145 -5.26 9.12 -33.03
C VAL D 145 -5.72 7.98 -33.93
N SER D 146 -4.85 7.01 -34.14
CA SER D 146 -5.22 5.81 -34.87
C SER D 146 -4.70 4.56 -34.19
N VAL D 147 -5.20 3.40 -34.61
CA VAL D 147 -4.72 2.11 -34.10
C VAL D 147 -3.62 1.55 -35.00
N GLU D 148 -2.48 1.21 -34.41
CA GLU D 148 -1.38 0.58 -35.12
C GLU D 148 -1.72 -0.88 -35.41
N LYS D 149 -1.26 -1.35 -36.59
CA LYS D 149 -1.41 -2.76 -36.96
C LYS D 149 -0.75 -3.65 -35.92
N GLU D 150 -1.41 -4.77 -35.65
CA GLU D 150 -0.95 -5.70 -34.59
C GLU D 150 0.48 -6.16 -34.83
N LYS D 151 1.30 -6.06 -33.78
CA LYS D 151 2.69 -6.53 -33.79
C LYS D 151 2.75 -7.94 -33.23
N PRO D 152 3.48 -8.83 -33.90
CA PRO D 152 3.52 -10.23 -33.43
C PRO D 152 4.28 -10.30 -32.13
N GLY D 153 3.72 -10.95 -31.11
CA GLY D 153 4.34 -11.04 -29.82
C GLY D 153 4.03 -9.91 -28.86
N SER D 154 3.04 -9.08 -29.20
CA SER D 154 2.64 -7.97 -28.37
C SER D 154 1.32 -8.29 -27.64
N PRO D 155 1.25 -7.97 -26.35
CA PRO D 155 0.02 -8.16 -25.57
C PRO D 155 -0.81 -6.88 -25.55
N ALA D 156 -0.48 -5.96 -26.46
CA ALA D 156 -1.02 -4.61 -26.43
C ALA D 156 -1.76 -4.20 -27.72
N VAL D 157 -2.54 -3.12 -27.62
CA VAL D 157 -3.11 -2.45 -28.75
C VAL D 157 -2.41 -1.08 -28.80
N THR D 158 -1.63 -0.85 -29.84
CA THR D 158 -0.78 0.32 -29.91
C THR D 158 -1.44 1.47 -30.66
N LEU D 159 -1.46 2.63 -30.04
CA LEU D 159 -2.06 3.82 -30.62
C LEU D 159 -0.99 4.76 -31.12
N LEU D 160 -1.18 5.28 -32.32
CA LEU D 160 -0.33 6.36 -32.82
C LEU D 160 -1.09 7.67 -32.71
N ILE D 161 -0.52 8.60 -31.96
CA ILE D 161 -1.08 9.93 -31.80
C ILE D 161 -0.23 10.96 -32.52
N ARG D 162 -0.83 11.63 -33.49
CA ARG D 162 -0.24 12.79 -34.12
C ARG D 162 -0.53 14.04 -33.30
N ASN D 163 0.19 14.18 -32.19
CA ASN D 163 0.08 15.36 -31.34
C ASN D 163 1.05 16.35 -31.96
N PRO D 164 0.76 16.78 -33.19
CA PRO D 164 1.75 16.96 -34.23
C PRO D 164 2.89 15.91 -34.21
N GLU D 165 3.83 15.96 -33.28
CA GLU D 165 4.80 14.90 -33.19
C GLU D 165 4.15 13.57 -32.85
N GLU D 166 4.80 12.50 -33.22
CA GLU D 166 4.26 11.14 -33.09
C GLU D 166 4.51 10.57 -31.71
N ILE D 167 3.45 10.08 -31.09
CA ILE D 167 3.55 9.42 -29.79
C ILE D 167 2.89 8.04 -29.86
N SER D 168 3.57 7.01 -29.36
CA SER D 168 3.01 5.67 -29.38
C SER D 168 2.56 5.25 -27.98
N VAL D 169 1.37 4.69 -27.88
CA VAL D 169 0.83 4.26 -26.58
C VAL D 169 0.40 2.80 -26.60
N ASP D 170 1.09 1.95 -25.86
CA ASP D 170 0.71 0.55 -25.76
C ASP D 170 -0.36 0.36 -24.67
N ILE D 171 -1.56 0.00 -25.10
CA ILE D 171 -2.62 -0.34 -24.17
C ILE D 171 -2.57 -1.85 -23.96
N ILE D 172 -2.00 -2.26 -22.83
CA ILE D 172 -1.71 -3.65 -22.55
C ILE D 172 -2.84 -4.30 -21.79
N LEU D 173 -3.47 -5.31 -22.39
CA LEU D 173 -4.50 -6.09 -21.68
C LEU D 173 -3.86 -7.02 -20.68
N ALA D 174 -4.24 -6.91 -19.41
CA ALA D 174 -3.66 -7.80 -18.40
C ALA D 174 -4.70 -8.44 -17.50
N LEU D 175 -4.38 -9.61 -16.96
CA LEU D 175 -5.20 -10.28 -15.96
C LEU D 175 -4.53 -10.15 -14.63
N GLU D 176 -5.28 -9.73 -13.61
CA GLU D 176 -4.74 -9.62 -12.25
C GLU D 176 -5.15 -10.80 -11.34
N SER D 177 -4.16 -11.45 -10.73
CA SER D 177 -4.44 -12.57 -9.84
C SER D 177 -3.84 -12.33 -8.46
N LYS D 178 -4.69 -12.38 -7.42
CA LYS D 178 -4.23 -12.09 -6.07
C LYS D 178 -3.67 -13.29 -5.35
N GLY D 179 -3.66 -14.46 -6.00
CA GLY D 179 -3.06 -15.66 -5.48
C GLY D 179 -1.54 -15.56 -5.31
N SER D 180 -0.93 -16.58 -4.73
CA SER D 180 0.51 -16.50 -4.52
C SER D 180 1.22 -16.79 -5.84
N TRP D 181 2.39 -16.17 -5.99
CA TRP D 181 3.12 -16.16 -7.25
C TRP D 181 3.52 -17.56 -7.67
N PRO D 182 3.47 -17.84 -9.00
CA PRO D 182 3.82 -19.18 -9.48
C PRO D 182 5.24 -19.55 -9.02
N ILE D 183 5.47 -20.85 -8.89
CA ILE D 183 6.65 -21.45 -8.33
C ILE D 183 7.93 -21.05 -9.04
N SER D 184 7.78 -20.77 -10.33
CA SER D 184 8.92 -20.44 -11.20
C SER D 184 9.60 -19.16 -10.75
N THR D 185 8.89 -18.39 -9.92
CA THR D 185 9.41 -17.11 -9.41
C THR D 185 9.92 -17.23 -8.01
N LYS D 186 9.85 -18.43 -7.42
CA LYS D 186 10.17 -18.61 -5.99
C LYS D 186 11.62 -18.20 -5.69
N GLU D 187 12.52 -18.53 -6.61
CA GLU D 187 13.93 -18.20 -6.46
C GLU D 187 14.27 -16.85 -7.09
N GLY D 188 13.27 -16.24 -7.72
CA GLY D 188 13.45 -14.95 -8.36
C GLY D 188 13.41 -13.78 -7.40
N LEU D 189 13.55 -12.58 -7.94
CA LEU D 189 13.52 -11.33 -7.16
C LEU D 189 14.49 -11.39 -5.97
N PRO D 190 15.79 -11.46 -6.24
CA PRO D 190 16.81 -11.74 -5.23
C PRO D 190 17.33 -10.46 -4.58
N ILE D 191 16.42 -9.67 -4.05
CA ILE D 191 16.72 -8.33 -3.52
C ILE D 191 17.13 -8.33 -2.05
N GLN D 192 17.16 -9.52 -1.46
CA GLN D 192 17.33 -9.72 -0.01
C GLN D 192 18.50 -9.01 0.65
N GLY D 193 19.54 -8.71 -0.13
CA GLY D 193 20.73 -8.03 0.36
C GLY D 193 20.76 -6.56 -0.02
N TRP D 194 19.79 -6.17 -0.87
CA TRP D 194 19.77 -4.85 -1.45
C TRP D 194 18.57 -4.06 -0.94
N LEU D 195 17.37 -4.55 -1.22
CA LEU D 195 16.16 -3.89 -0.72
C LEU D 195 15.65 -4.55 0.56
N GLY D 196 15.97 -5.81 0.74
CA GLY D 196 15.66 -6.49 2.00
C GLY D 196 14.61 -7.58 1.94
N THR D 197 14.34 -8.18 3.07
CA THR D 197 13.57 -9.43 3.19
C THR D 197 12.06 -9.11 3.34
N LYS D 198 11.82 -8.08 4.13
CA LYS D 198 10.46 -7.57 4.39
C LYS D 198 9.84 -6.95 3.15
N VAL D 199 10.67 -6.27 2.39
CA VAL D 199 10.33 -5.67 1.09
C VAL D 199 9.93 -6.76 0.11
N ARG D 200 10.82 -7.71 -0.11
CA ARG D 200 10.58 -8.81 -1.02
C ARG D 200 9.31 -9.58 -0.61
N THR D 201 9.16 -9.79 0.70
CA THR D 201 8.00 -10.52 1.20
C THR D 201 6.73 -9.76 0.92
N ASN D 202 6.77 -8.45 1.12
CA ASN D 202 5.60 -7.61 0.84
C ASN D 202 5.29 -7.47 -0.63
N LEU D 203 6.31 -7.51 -1.47
CA LEU D 203 6.15 -7.40 -2.91
C LEU D 203 5.54 -8.67 -3.47
N ARG D 204 5.99 -9.82 -2.99
CA ARG D 204 5.45 -11.11 -3.43
C ARG D 204 4.07 -11.42 -2.84
N ARG D 205 3.62 -10.61 -1.91
CA ARG D 205 2.26 -10.70 -1.37
C ARG D 205 1.27 -9.98 -2.27
N GLU D 206 1.81 -9.24 -3.23
CA GLU D 206 1.02 -8.43 -4.13
C GLU D 206 0.50 -9.32 -5.24
N PRO D 207 -0.51 -8.85 -5.99
CA PRO D 207 -0.99 -9.70 -7.08
C PRO D 207 0.03 -9.80 -8.21
N PHE D 208 -0.15 -10.77 -9.10
CA PHE D 208 0.68 -10.83 -10.29
C PHE D 208 -0.20 -10.74 -11.52
N TYR D 209 0.40 -10.66 -12.68
CA TYR D 209 -0.32 -10.29 -13.89
C TYR D 209 0.01 -11.18 -15.06
N LEU D 210 -0.98 -11.45 -15.91
CA LEU D 210 -0.77 -12.28 -17.08
C LEU D 210 -1.22 -11.53 -18.33
N VAL D 211 -0.37 -11.46 -19.32
CA VAL D 211 -0.71 -10.79 -20.56
C VAL D 211 -0.69 -11.82 -21.66
N PRO D 212 -1.39 -11.58 -22.78
CA PRO D 212 -1.28 -12.50 -23.92
C PRO D 212 0.13 -12.62 -24.46
N LYS D 213 0.56 -13.84 -24.72
CA LYS D 213 1.86 -14.08 -25.38
C LYS D 213 1.77 -13.60 -26.82
N ASN D 214 0.68 -13.94 -27.50
CA ASN D 214 0.38 -13.47 -28.85
C ASN D 214 1.55 -13.71 -29.84
N ALA D 215 2.21 -14.86 -29.67
CA ALA D 215 3.17 -15.33 -30.65
C ALA D 215 2.42 -15.70 -31.90
N LYS D 216 3.04 -15.54 -33.06
CA LYS D 216 2.44 -15.92 -34.34
C LYS D 216 3.19 -17.07 -34.99
N ASP D 217 3.58 -18.06 -34.20
CA ASP D 217 4.52 -19.11 -34.60
C ASP D 217 3.84 -20.35 -35.18
N GLY D 218 2.58 -20.55 -34.83
CA GLY D 218 1.80 -21.68 -35.31
C GLY D 218 1.81 -22.88 -34.37
N ASN D 219 2.35 -22.67 -33.18
CA ASN D 219 2.33 -23.68 -32.12
C ASN D 219 0.94 -24.19 -31.76
N SER D 220 0.88 -25.30 -31.02
CA SER D 220 -0.33 -25.69 -30.29
C SER D 220 -0.51 -24.79 -29.05
N PHE D 221 -1.75 -24.52 -28.71
CA PHE D 221 -2.11 -23.64 -27.60
C PHE D 221 -1.48 -22.24 -27.83
N GLN D 222 -1.36 -21.89 -29.09
CA GLN D 222 -0.71 -20.63 -29.48
C GLN D 222 -1.53 -19.44 -29.01
N GLY D 223 -2.86 -19.49 -29.14
CA GLY D 223 -3.70 -18.39 -28.75
C GLY D 223 -4.30 -18.51 -27.37
N GLU D 224 -3.79 -19.44 -26.58
CA GLU D 224 -4.22 -19.61 -25.20
C GLU D 224 -3.04 -19.51 -24.23
N THR D 225 -1.88 -19.16 -24.75
CA THR D 225 -0.65 -19.00 -24.01
C THR D 225 -0.52 -17.60 -23.42
N TRP D 226 -0.32 -17.52 -22.10
CA TRP D 226 -0.16 -16.27 -21.39
C TRP D 226 1.25 -16.15 -20.85
N ARG D 227 1.76 -14.92 -20.77
CA ARG D 227 3.06 -14.65 -20.21
C ARG D 227 2.92 -13.83 -18.90
N LEU D 228 3.73 -14.18 -17.92
CA LEU D 228 3.78 -13.39 -16.69
C LEU D 228 4.28 -11.97 -16.98
N SER D 229 3.82 -11.02 -16.16
CA SER D 229 4.31 -9.64 -16.16
C SER D 229 4.55 -9.14 -14.77
N PHE D 230 5.61 -8.36 -14.60
CA PHE D 230 5.93 -7.77 -13.29
C PHE D 230 6.25 -6.28 -13.40
N SER D 231 5.50 -5.58 -14.23
CA SER D 231 5.80 -4.16 -14.49
C SER D 231 5.51 -3.32 -13.26
N HIS D 232 4.54 -3.75 -12.45
CA HIS D 232 4.22 -3.09 -11.18
C HIS D 232 5.40 -3.10 -10.20
N THR D 233 5.99 -4.27 -10.04
CA THR D 233 7.10 -4.48 -9.15
C THR D 233 8.34 -3.73 -9.64
N GLU D 234 8.56 -3.74 -10.94
CA GLU D 234 9.70 -3.05 -11.54
C GLU D 234 9.55 -1.53 -11.34
N LYS D 235 8.31 -1.06 -11.46
CA LYS D 235 8.01 0.33 -11.18
C LYS D 235 8.37 0.66 -9.75
N TYR D 236 7.93 -0.16 -8.81
CA TYR D 236 8.25 0.04 -7.40
C TYR D 236 9.76 0.09 -7.17
N ILE D 237 10.47 -0.85 -7.79
CA ILE D 237 11.93 -0.92 -7.62
C ILE D 237 12.63 0.31 -8.16
N LEU D 238 12.23 0.73 -9.36
CA LEU D 238 12.79 1.94 -9.96
C LEU D 238 12.54 3.15 -9.05
N ASN D 239 11.40 3.18 -8.39
CA ASN D 239 11.10 4.31 -7.52
C ASN D 239 11.52 4.13 -6.08
N ASN D 240 11.93 2.92 -5.73
CA ASN D 240 12.46 2.63 -4.40
C ASN D 240 13.73 1.80 -4.52
N HIS D 241 14.80 2.42 -4.99
CA HIS D 241 15.99 1.73 -5.51
C HIS D 241 17.22 1.71 -4.62
N GLY D 242 17.16 2.34 -3.45
CA GLY D 242 18.33 2.42 -2.59
C GLY D 242 18.34 1.39 -1.47
N ILE D 243 19.50 1.17 -0.88
CA ILE D 243 19.57 0.44 0.40
C ILE D 243 19.11 1.37 1.47
N GLU D 244 19.48 2.65 1.30
CA GLU D 244 19.01 3.73 2.17
C GLU D 244 17.69 4.26 1.66
N LYS D 245 16.75 4.51 2.55
CA LYS D 245 15.42 4.96 2.18
C LYS D 245 15.44 6.40 1.63
N THR D 246 16.52 7.12 1.87
CA THR D 246 16.59 8.51 1.48
C THR D 246 17.35 8.70 0.17
N CYS D 247 17.74 7.59 -0.42
CA CYS D 247 18.42 7.61 -1.75
C CYS D 247 17.54 8.29 -2.78
N CYS D 248 18.06 9.37 -3.35
CA CYS D 248 17.39 10.20 -4.37
C CYS D 248 16.20 10.97 -3.84
N GLU D 249 16.03 10.99 -2.52
CA GLU D 249 14.90 11.67 -1.88
C GLU D 249 15.28 13.12 -1.59
N SER D 250 14.30 13.87 -1.06
CA SER D 250 14.43 15.30 -0.81
C SER D 250 15.43 15.59 0.33
N SER D 251 15.51 14.70 1.29
CA SER D 251 16.47 14.86 2.38
C SER D 251 17.54 13.78 2.30
N GLY D 252 17.81 13.33 1.09
CA GLY D 252 18.83 12.29 0.90
C GLY D 252 19.81 12.67 -0.21
N ALA D 253 20.51 11.68 -0.73
CA ALA D 253 21.55 11.93 -1.74
C ALA D 253 21.27 11.14 -3.02
N LYS D 254 21.63 11.72 -4.14
CA LYS D 254 21.43 11.08 -5.44
C LYS D 254 22.48 9.97 -5.67
N CYS D 255 22.02 8.93 -6.36
CA CYS D 255 22.81 7.90 -7.00
C CYS D 255 22.82 8.13 -8.52
N CYS D 256 23.57 7.29 -9.20
CA CYS D 256 23.63 7.34 -10.66
C CYS D 256 23.05 6.12 -11.37
N ARG D 257 22.14 5.43 -10.67
CA ARG D 257 21.54 4.20 -11.14
C ARG D 257 20.71 4.42 -12.41
N LYS D 258 19.68 5.27 -12.24
CA LYS D 258 18.75 5.63 -13.31
C LYS D 258 19.49 6.19 -14.52
N GLU D 259 20.54 6.96 -14.21
CA GLU D 259 21.37 7.58 -15.23
C GLU D 259 22.05 6.51 -16.09
N CYS D 260 22.66 5.52 -15.42
CA CYS D 260 23.30 4.42 -16.14
C CYS D 260 22.28 3.63 -16.96
N LEU D 261 21.08 3.42 -16.39
CA LEU D 261 20.02 2.77 -17.14
C LEU D 261 19.69 3.54 -18.41
N LYS D 262 19.63 4.86 -18.29
CA LYS D 262 19.32 5.72 -19.44
C LYS D 262 20.39 5.62 -20.51
N LEU D 263 21.65 5.84 -20.12
CA LEU D 263 22.78 5.75 -21.05
C LEU D 263 22.83 4.42 -21.78
N MET D 264 22.61 3.34 -21.03
CA MET D 264 22.64 2.00 -21.60
C MET D 264 21.50 1.82 -22.61
N LYS D 265 20.30 2.24 -22.19
CA LYS D 265 19.13 2.24 -23.04
C LYS D 265 19.40 2.94 -24.36
N TYR D 266 20.02 4.11 -24.28
CA TYR D 266 20.27 4.94 -25.46
C TYR D 266 21.26 4.28 -26.39
N LEU D 267 22.40 3.87 -25.81
CA LEU D 267 23.41 3.12 -26.55
C LEU D 267 22.72 2.02 -27.38
N LEU D 268 21.91 1.20 -26.72
CA LEU D 268 21.23 0.12 -27.40
C LEU D 268 20.23 0.60 -28.47
N GLU D 269 19.49 1.68 -28.17
CA GLU D 269 18.55 2.22 -29.13
C GLU D 269 19.23 2.63 -30.43
N GLN D 270 20.33 3.36 -30.32
CA GLN D 270 21.10 3.83 -31.47
C GLN D 270 21.69 2.64 -32.25
N LEU D 271 22.40 1.77 -31.53
CA LEU D 271 22.98 0.58 -32.15
C LEU D 271 21.92 -0.28 -32.85
N LYS D 272 20.67 -0.16 -32.41
CA LYS D 272 19.56 -0.90 -33.02
C LYS D 272 18.98 -0.19 -34.23
N LYS D 273 18.95 1.13 -34.19
CA LYS D 273 18.45 1.90 -35.32
C LYS D 273 19.40 1.85 -36.50
N GLU D 274 20.69 1.62 -36.22
CA GLU D 274 21.67 1.52 -37.31
C GLU D 274 21.85 0.10 -37.85
N PHE D 275 21.63 -0.90 -37.00
CA PHE D 275 21.87 -2.28 -37.41
C PHE D 275 20.66 -3.20 -37.22
N GLN D 276 20.36 -3.86 -38.32
CA GLN D 276 19.26 -4.85 -38.48
C GLN D 276 19.61 -6.12 -37.77
N GLU D 277 20.89 -6.28 -37.43
CA GLU D 277 21.37 -7.52 -36.83
C GLU D 277 20.95 -7.59 -35.36
N LEU D 278 20.35 -6.51 -34.88
CA LEU D 278 20.04 -6.40 -33.44
C LEU D 278 18.55 -6.19 -33.26
N ASP D 279 17.76 -6.80 -34.11
CA ASP D 279 16.28 -6.73 -33.97
C ASP D 279 15.77 -7.67 -32.90
N ALA D 280 16.63 -8.60 -32.45
CA ALA D 280 16.28 -9.52 -31.36
C ALA D 280 16.33 -8.81 -30.02
N PHE D 281 17.13 -7.77 -29.94
CA PHE D 281 17.37 -7.06 -28.68
C PHE D 281 16.34 -5.99 -28.41
N CYS D 282 15.92 -5.89 -27.14
CA CYS D 282 14.99 -4.87 -26.64
C CYS D 282 15.57 -4.25 -25.37
N SER D 283 14.97 -3.19 -24.86
CA SER D 283 15.50 -2.54 -23.67
C SER D 283 15.27 -3.33 -22.39
N TYR D 284 14.38 -4.34 -22.41
CA TYR D 284 14.16 -5.14 -21.24
C TYR D 284 15.38 -5.99 -20.87
N HIS D 285 16.23 -6.25 -21.84
CA HIS D 285 17.48 -6.98 -21.61
C HIS D 285 18.42 -6.11 -20.79
N VAL D 286 18.50 -4.84 -21.19
CA VAL D 286 19.24 -3.83 -20.46
C VAL D 286 18.70 -3.68 -19.03
N LYS D 287 17.39 -3.58 -18.90
CA LYS D 287 16.72 -3.44 -17.61
C LYS D 287 16.99 -4.63 -16.71
N THR D 288 16.89 -5.83 -17.25
CA THR D 288 17.12 -7.08 -16.50
C THR D 288 18.57 -7.14 -16.02
N ALA D 289 19.48 -6.93 -16.94
CA ALA D 289 20.90 -6.89 -16.63
C ALA D 289 21.19 -5.88 -15.51
N ILE D 290 20.61 -4.68 -15.60
CA ILE D 290 20.88 -3.66 -14.60
C ILE D 290 20.24 -3.98 -13.25
N PHE D 291 19.14 -4.73 -13.27
CA PHE D 291 18.59 -5.26 -12.03
C PHE D 291 19.60 -6.19 -11.38
N HIS D 292 20.18 -7.07 -12.18
CA HIS D 292 21.20 -7.99 -11.67
C HIS D 292 22.40 -7.23 -11.12
N MET D 293 22.80 -6.15 -11.79
CA MET D 293 23.92 -5.34 -11.32
C MET D 293 23.61 -4.63 -10.01
N TRP D 294 22.41 -4.06 -9.91
CA TRP D 294 21.99 -3.39 -8.68
C TRP D 294 21.90 -4.37 -7.53
N THR D 295 21.61 -5.62 -7.84
CA THR D 295 21.61 -6.67 -6.82
C THR D 295 23.04 -7.05 -6.45
N GLN D 296 23.94 -6.93 -7.42
CA GLN D 296 25.36 -7.24 -7.20
C GLN D 296 26.07 -6.16 -6.41
N ASP D 297 25.84 -4.90 -6.77
CA ASP D 297 26.38 -3.77 -6.04
C ASP D 297 25.23 -3.02 -5.34
N PRO D 298 24.82 -3.50 -4.15
CA PRO D 298 23.67 -2.97 -3.45
C PRO D 298 23.94 -1.61 -2.84
N GLN D 299 25.19 -1.40 -2.44
CA GLN D 299 25.58 -0.15 -1.75
C GLN D 299 25.37 1.09 -2.62
N ASP D 300 24.73 2.10 -2.02
CA ASP D 300 24.46 3.37 -2.69
C ASP D 300 25.77 4.07 -3.00
N SER D 301 26.77 3.81 -2.15
CA SER D 301 28.11 4.36 -2.36
C SER D 301 28.74 3.84 -3.63
N GLN D 302 28.32 2.64 -4.05
CA GLN D 302 28.81 2.02 -5.28
C GLN D 302 28.09 2.59 -6.48
N TRP D 303 27.18 3.53 -6.23
CA TRP D 303 26.47 4.22 -7.31
C TRP D 303 26.47 5.74 -7.04
N ASP D 304 27.64 6.27 -6.69
CA ASP D 304 27.76 7.70 -6.52
C ASP D 304 27.95 8.32 -7.91
N PRO D 305 27.25 9.43 -8.17
CA PRO D 305 27.42 10.27 -9.35
C PRO D 305 28.88 10.51 -9.77
N ARG D 306 29.75 10.78 -8.80
CA ARG D 306 31.16 10.99 -9.10
C ARG D 306 31.84 9.76 -9.71
N ASN D 307 31.23 8.59 -9.52
CA ASN D 307 31.73 7.37 -10.12
C ASN D 307 30.88 6.96 -11.31
N LEU D 308 30.33 7.94 -12.03
CA LEU D 308 29.41 7.64 -13.12
C LEU D 308 30.07 6.74 -14.18
N SER D 309 31.13 7.28 -14.79
CA SER D 309 31.83 6.63 -15.90
C SER D 309 32.21 5.20 -15.59
N SER D 310 32.77 5.00 -14.41
CA SER D 310 33.18 3.66 -13.98
C SER D 310 31.97 2.76 -13.80
N CYS D 311 30.94 3.30 -13.14
CA CYS D 311 29.70 2.55 -12.92
C CYS D 311 29.15 2.08 -14.24
N PHE D 312 28.99 3.02 -15.17
CA PHE D 312 28.50 2.71 -16.52
C PHE D 312 29.38 1.64 -17.18
N ASP D 313 30.67 1.66 -16.89
CA ASP D 313 31.56 0.67 -17.47
C ASP D 313 31.28 -0.68 -16.86
N LYS D 314 31.10 -0.69 -15.54
CA LYS D 314 30.86 -1.93 -14.80
C LYS D 314 29.69 -2.67 -15.45
N LEU D 315 28.53 -2.00 -15.45
CA LEU D 315 27.36 -2.48 -16.15
C LEU D 315 27.73 -2.97 -17.56
N LEU D 316 28.39 -2.10 -18.32
CA LEU D 316 28.77 -2.43 -19.69
C LEU D 316 29.51 -3.77 -19.69
N ALA D 317 30.53 -3.85 -18.86
CA ALA D 317 31.31 -5.07 -18.73
C ALA D 317 30.39 -6.24 -18.48
N PHE D 318 29.57 -6.14 -17.44
CA PHE D 318 28.63 -7.18 -17.08
C PHE D 318 27.85 -7.64 -18.30
N PHE D 319 27.30 -6.68 -19.03
CA PHE D 319 26.42 -6.99 -20.15
C PHE D 319 27.17 -7.84 -21.16
N LEU D 320 28.40 -7.45 -21.45
CA LEU D 320 29.21 -8.17 -22.43
C LEU D 320 29.38 -9.60 -21.99
N GLU D 321 29.63 -9.80 -20.70
CA GLU D 321 29.80 -11.14 -20.16
C GLU D 321 28.53 -11.94 -20.38
N CYS D 322 27.39 -11.30 -20.17
CA CYS D 322 26.11 -11.97 -20.38
C CYS D 322 26.00 -12.45 -21.82
N LEU D 323 26.53 -11.64 -22.74
CA LEU D 323 26.54 -12.02 -24.14
C LEU D 323 27.57 -13.10 -24.40
N ARG D 324 28.71 -13.02 -23.71
CA ARG D 324 29.79 -13.97 -23.95
C ARG D 324 29.41 -15.36 -23.44
N THR D 325 28.74 -15.37 -22.29
CA THR D 325 28.29 -16.63 -21.71
C THR D 325 26.96 -17.05 -22.33
N GLU D 326 26.35 -16.13 -23.07
CA GLU D 326 25.01 -16.32 -23.62
C GLU D 326 24.05 -16.68 -22.48
N LYS D 327 24.12 -15.90 -21.41
CA LYS D 327 23.36 -16.19 -20.22
C LYS D 327 22.93 -14.91 -19.52
N LEU D 328 21.68 -14.55 -19.76
CA LEU D 328 21.03 -13.46 -19.03
C LEU D 328 19.74 -13.97 -18.47
N ASP D 329 19.79 -14.41 -17.21
CA ASP D 329 18.62 -14.97 -16.50
C ASP D 329 17.54 -13.94 -16.29
N HIS D 330 16.27 -14.34 -16.38
CA HIS D 330 15.19 -13.42 -16.08
C HIS D 330 15.23 -13.12 -14.59
N TYR D 331 15.03 -11.85 -14.23
CA TYR D 331 15.21 -11.40 -12.85
C TYR D 331 14.16 -11.95 -11.89
N PHE D 332 13.01 -12.31 -12.43
CA PHE D 332 11.93 -12.84 -11.64
C PHE D 332 11.76 -14.33 -11.85
N ILE D 333 12.20 -14.81 -13.01
CA ILE D 333 12.14 -16.23 -13.36
C ILE D 333 13.56 -16.72 -13.67
N PRO D 334 14.30 -17.18 -12.66
CA PRO D 334 15.71 -17.56 -12.83
C PRO D 334 15.97 -18.67 -13.82
N LYS D 335 15.04 -19.63 -13.96
CA LYS D 335 15.19 -20.72 -14.92
C LYS D 335 15.03 -20.26 -16.38
N PHE D 336 14.37 -19.11 -16.56
CA PHE D 336 14.18 -18.55 -17.87
C PHE D 336 15.40 -17.79 -18.30
N ASN D 337 16.15 -18.35 -19.25
CA ASN D 337 17.27 -17.63 -19.88
C ASN D 337 16.84 -16.80 -21.08
N LEU D 338 17.32 -15.56 -21.13
CA LEU D 338 16.89 -14.61 -22.15
C LEU D 338 17.85 -14.57 -23.32
N PHE D 339 19.07 -15.09 -23.09
CA PHE D 339 20.09 -15.11 -24.16
C PHE D 339 20.33 -16.55 -24.63
N SER D 340 19.30 -17.38 -24.60
CA SER D 340 19.42 -18.71 -25.13
C SER D 340 19.55 -18.68 -26.66
N GLN D 341 19.96 -19.82 -27.21
CA GLN D 341 20.07 -19.97 -28.66
C GLN D 341 18.68 -20.03 -29.27
N GLU D 342 17.71 -20.50 -28.47
CA GLU D 342 16.33 -20.63 -28.93
C GLU D 342 15.71 -19.28 -29.25
N LEU D 343 16.11 -18.26 -28.51
CA LEU D 343 15.54 -16.93 -28.63
C LEU D 343 16.42 -15.99 -29.45
N ILE D 344 17.73 -16.04 -29.20
CA ILE D 344 18.67 -15.20 -29.94
C ILE D 344 19.84 -16.01 -30.51
N ASP D 345 20.16 -15.76 -31.78
CA ASP D 345 21.26 -16.47 -32.43
C ASP D 345 22.60 -15.96 -31.95
N ARG D 346 23.55 -16.88 -31.79
CA ARG D 346 24.93 -16.60 -31.42
C ARG D 346 25.48 -15.43 -32.20
N LYS D 347 25.34 -15.50 -33.52
CA LYS D 347 25.86 -14.51 -34.46
C LYS D 347 25.43 -13.09 -34.08
N SER D 348 24.19 -12.96 -33.60
CA SER D 348 23.67 -11.67 -33.15
C SER D 348 24.45 -11.19 -31.94
N LYS D 349 24.53 -12.04 -30.93
CA LYS D 349 25.23 -11.74 -29.68
C LYS D 349 26.70 -11.38 -29.91
N GLU D 350 27.33 -12.08 -30.84
CA GLU D 350 28.72 -11.85 -31.19
C GLU D 350 28.87 -10.49 -31.89
N PHE D 351 27.99 -10.24 -32.87
CA PHE D 351 27.94 -8.97 -33.56
C PHE D 351 27.82 -7.81 -32.56
N LEU D 352 26.89 -7.94 -31.64
CA LEU D 352 26.68 -6.94 -30.61
C LEU D 352 27.89 -6.76 -29.72
N SER D 353 28.53 -7.86 -29.34
CA SER D 353 29.75 -7.80 -28.52
C SER D 353 30.81 -7.00 -29.25
N LYS D 354 30.89 -7.22 -30.56
CA LYS D 354 31.85 -6.51 -31.41
C LYS D 354 31.58 -5.02 -31.42
N LYS D 355 30.37 -4.62 -31.81
CA LYS D 355 30.01 -3.21 -31.88
C LYS D 355 30.17 -2.48 -30.54
N ILE D 356 29.63 -3.09 -29.49
CA ILE D 356 29.77 -2.58 -28.13
C ILE D 356 31.22 -2.39 -27.73
N GLU D 357 32.03 -3.42 -27.94
CA GLU D 357 33.46 -3.36 -27.60
C GLU D 357 34.13 -2.22 -28.34
N TYR D 358 33.83 -2.10 -29.63
CA TYR D 358 34.34 -0.99 -30.45
C TYR D 358 34.05 0.34 -29.79
N GLU D 359 32.77 0.61 -29.56
CA GLU D 359 32.32 1.85 -28.93
C GLU D 359 33.01 2.10 -27.59
N ARG D 360 33.24 1.02 -26.85
CA ARG D 360 33.81 1.08 -25.50
C ARG D 360 35.27 1.46 -25.57
N ASN D 361 35.94 1.03 -26.64
CA ASN D 361 37.36 1.31 -26.80
C ASN D 361 37.66 2.54 -27.65
N ASN D 362 36.60 3.27 -28.04
CA ASN D 362 36.77 4.39 -28.96
C ASN D 362 36.14 5.70 -28.49
N GLY D 363 35.85 5.83 -27.19
CA GLY D 363 35.28 7.04 -26.64
C GLY D 363 33.83 7.29 -27.03
N PHE D 364 33.13 6.20 -27.38
CA PHE D 364 31.72 6.22 -27.70
C PHE D 364 31.33 7.28 -28.75
N PRO D 365 31.87 7.13 -29.96
CA PRO D 365 31.52 8.04 -31.06
C PRO D 365 30.03 8.13 -31.34
N ILE D 366 29.33 7.00 -31.21
CA ILE D 366 27.90 6.88 -31.49
C ILE D 366 27.03 7.89 -30.75
N PHE D 367 27.54 8.38 -29.62
CA PHE D 367 26.82 9.35 -28.82
C PHE D 367 26.69 10.74 -29.52
N ASP D 368 27.17 10.85 -30.77
CA ASP D 368 26.91 12.00 -31.64
C ASP D 368 26.17 11.54 -32.90
N LYS E 12 26.81 30.68 1.88
CA LYS E 12 26.78 31.18 3.29
C LYS E 12 28.22 31.39 3.77
N LEU E 13 28.80 30.29 4.25
CA LEU E 13 30.19 30.22 4.66
C LEU E 13 31.15 30.18 3.47
N LYS E 14 30.69 29.63 2.34
CA LYS E 14 31.45 29.54 1.12
C LYS E 14 31.89 30.93 0.62
N LYS E 15 30.99 31.88 0.79
CA LYS E 15 31.25 33.26 0.42
C LYS E 15 32.31 33.87 1.33
N VAL E 16 32.25 33.51 2.60
CA VAL E 16 33.28 33.94 3.56
C VAL E 16 34.63 33.38 3.16
N LEU E 17 34.66 32.10 2.80
CA LEU E 17 35.89 31.47 2.34
C LEU E 17 36.42 32.10 1.06
N ASP E 18 35.51 32.57 0.21
CA ASP E 18 35.91 33.35 -0.96
C ASP E 18 36.57 34.67 -0.56
N LYS E 19 35.99 35.34 0.44
CA LYS E 19 36.57 36.58 0.95
C LYS E 19 37.96 36.35 1.58
N LEU E 20 38.17 35.19 2.20
CA LEU E 20 39.41 34.90 2.90
C LEU E 20 40.52 34.42 1.98
N ARG E 21 40.15 34.09 0.75
CA ARG E 21 41.09 33.53 -0.22
C ARG E 21 42.18 34.54 -0.57
N LEU E 22 43.40 34.09 -0.64
CA LEU E 22 44.50 34.93 -1.09
C LEU E 22 44.48 35.09 -2.60
N LYS E 23 45.08 36.18 -3.06
CA LYS E 23 45.08 36.57 -4.46
C LYS E 23 46.46 36.38 -5.05
N ARG E 24 46.55 35.70 -6.20
CA ARG E 24 47.82 35.16 -6.66
C ARG E 24 48.84 36.22 -7.06
N LYS E 25 48.34 37.41 -7.33
CA LYS E 25 49.23 38.55 -7.62
C LYS E 25 49.91 39.02 -6.35
N ASP E 26 49.11 39.27 -5.33
CA ASP E 26 49.61 39.62 -3.99
C ASP E 26 50.62 38.57 -3.54
N ILE E 27 50.20 37.32 -3.66
CA ILE E 27 51.04 36.17 -3.30
C ILE E 27 52.35 36.19 -4.06
N SER E 28 52.28 36.41 -5.36
CA SER E 28 53.46 36.42 -6.21
C SER E 28 54.48 37.48 -5.80
N GLU E 29 54.02 38.72 -5.66
CA GLU E 29 54.93 39.82 -5.28
C GLU E 29 55.53 39.63 -3.89
N ALA E 30 54.65 39.43 -2.91
CA ALA E 30 55.07 39.22 -1.52
C ALA E 30 56.11 38.10 -1.45
N ALA E 31 55.78 36.96 -2.04
CA ALA E 31 56.72 35.83 -2.10
C ALA E 31 58.05 36.18 -2.76
N GLU E 32 58.01 36.92 -3.87
CA GLU E 32 59.25 37.36 -4.53
C GLU E 32 60.17 38.05 -3.53
N THR E 33 59.70 39.18 -3.02
CA THR E 33 60.49 39.98 -2.06
C THR E 33 60.97 39.13 -0.86
N VAL E 34 60.02 38.48 -0.22
CA VAL E 34 60.28 37.64 0.94
C VAL E 34 61.39 36.61 0.69
N ASN E 35 61.25 35.83 -0.37
CA ASN E 35 62.28 34.87 -0.75
C ASN E 35 63.65 35.50 -0.96
N LYS E 36 63.68 36.68 -1.58
CA LYS E 36 64.96 37.38 -1.75
C LYS E 36 65.65 37.66 -0.43
N VAL E 37 64.95 38.37 0.44
CA VAL E 37 65.46 38.71 1.78
C VAL E 37 65.91 37.46 2.55
N VAL E 38 65.03 36.47 2.64
CA VAL E 38 65.35 35.21 3.34
C VAL E 38 66.63 34.57 2.80
N GLU E 39 66.75 34.52 1.47
CA GLU E 39 67.94 33.93 0.86
C GLU E 39 69.21 34.68 1.27
N ARG E 40 69.16 36.01 1.21
CA ARG E 40 70.30 36.82 1.66
C ARG E 40 70.69 36.55 3.11
N LEU E 41 69.70 36.51 3.99
CA LEU E 41 69.97 36.25 5.40
C LEU E 41 70.56 34.88 5.66
N LEU E 42 69.98 33.84 5.06
CA LEU E 42 70.51 32.47 5.19
C LEU E 42 71.96 32.41 4.72
N ARG E 43 72.19 32.91 3.51
CA ARG E 43 73.52 32.91 2.91
C ARG E 43 74.55 33.60 3.81
N ARG E 44 74.22 34.79 4.30
CA ARG E 44 75.06 35.48 5.28
C ARG E 44 75.29 34.62 6.52
N MET E 45 74.25 33.94 6.95
CA MET E 45 74.32 33.10 8.14
C MET E 45 75.29 31.94 7.92
N GLN E 46 75.53 31.61 6.65
CA GLN E 46 76.53 30.59 6.29
C GLN E 46 77.88 31.23 6.02
N LYS E 47 77.86 32.30 5.21
CA LYS E 47 79.08 32.99 4.73
C LYS E 47 79.92 33.46 5.92
N ARG E 48 79.86 34.76 6.27
CA ARG E 48 80.86 35.35 7.19
C ARG E 48 81.03 34.44 8.39
N GLU E 49 82.29 34.07 8.68
CA GLU E 49 82.58 32.90 9.52
C GLU E 49 81.86 32.98 10.85
N SER E 50 80.59 32.59 10.76
CA SER E 50 79.65 32.68 11.85
C SER E 50 79.81 31.43 12.68
N GLU E 51 78.96 31.31 13.72
CA GLU E 51 78.78 30.10 14.49
C GLU E 51 77.39 29.49 14.23
N PHE E 52 76.57 30.18 13.44
CA PHE E 52 75.31 29.69 12.97
C PHE E 52 75.51 29.15 11.54
N LYS E 53 76.75 28.95 11.14
CA LYS E 53 77.04 28.30 9.90
C LYS E 53 76.60 26.84 9.96
N GLY E 54 75.97 26.37 8.89
CA GLY E 54 75.40 25.04 8.88
C GLY E 54 73.91 25.07 9.17
N VAL E 55 73.38 26.26 9.42
CA VAL E 55 71.96 26.42 9.64
C VAL E 55 71.21 26.08 8.35
N GLU E 56 70.01 25.51 8.47
CA GLU E 56 69.18 25.27 7.32
C GLU E 56 67.78 25.85 7.45
N GLN E 57 67.09 25.94 6.34
CA GLN E 57 65.81 26.63 6.27
C GLN E 57 64.64 25.66 6.32
N LEU E 58 63.52 26.10 6.91
CA LEU E 58 62.35 25.24 7.02
C LEU E 58 61.13 26.17 7.13
N ASN E 59 60.39 26.29 6.05
CA ASN E 59 59.22 27.16 6.03
C ASN E 59 58.07 26.53 6.76
N THR E 60 57.49 27.25 7.73
CA THR E 60 56.36 26.75 8.53
C THR E 60 55.19 27.75 8.56
N GLY E 61 54.06 27.29 9.13
CA GLY E 61 52.95 28.19 9.41
C GLY E 61 51.90 28.26 8.30
N SER E 62 50.92 29.15 8.48
CA SER E 62 49.72 29.16 7.64
C SER E 62 50.03 29.32 6.16
N TYR E 63 50.98 30.20 5.84
CA TYR E 63 51.28 30.44 4.43
C TYR E 63 51.78 29.18 3.74
N TYR E 64 52.62 28.41 4.41
CA TYR E 64 53.21 27.22 3.80
C TYR E 64 52.35 25.98 3.97
N GLU E 65 51.22 26.13 4.65
CA GLU E 65 50.25 25.06 4.80
C GLU E 65 49.05 25.34 3.93
N HIS E 66 49.03 26.51 3.30
CA HIS E 66 47.94 26.99 2.45
C HIS E 66 46.68 27.19 3.27
N VAL E 67 46.84 27.71 4.48
CA VAL E 67 45.70 28.07 5.31
C VAL E 67 45.78 29.52 5.73
N LYS E 68 46.66 30.28 5.08
CA LYS E 68 46.74 31.72 5.33
C LYS E 68 45.49 32.35 4.79
N ILE E 69 45.01 33.37 5.50
CA ILE E 69 43.67 33.96 5.24
C ILE E 69 43.82 35.44 4.93
N SER E 70 42.84 36.00 4.22
CA SER E 70 42.88 37.42 3.84
C SER E 70 44.07 37.88 2.97
N ALA E 71 45.29 37.84 3.53
CA ALA E 71 46.46 38.37 2.84
C ALA E 71 47.73 37.61 3.20
N PRO E 72 48.72 37.62 2.27
CA PRO E 72 50.02 37.08 2.57
C PRO E 72 50.97 38.08 3.22
N ASN E 73 50.67 38.45 4.44
CA ASN E 73 51.42 39.47 5.19
C ASN E 73 52.17 38.91 6.40
N GLU E 74 52.12 37.58 6.56
CA GLU E 74 52.80 36.94 7.70
C GLU E 74 53.49 35.66 7.23
N PHE E 75 54.78 35.57 7.53
CA PHE E 75 55.57 34.42 7.09
C PHE E 75 56.41 33.87 8.24
N ASP E 76 56.44 32.55 8.37
CA ASP E 76 57.22 31.90 9.43
C ASP E 76 58.35 31.06 8.83
N VAL E 77 59.61 31.44 9.10
CA VAL E 77 60.72 30.67 8.58
C VAL E 77 61.67 30.23 9.66
N MET E 78 61.90 28.93 9.75
CA MET E 78 62.84 28.37 10.74
C MET E 78 64.24 28.26 10.20
N PHE E 79 65.17 28.88 10.93
CA PHE E 79 66.61 28.62 10.72
C PHE E 79 67.01 27.62 11.78
N LYS E 80 67.01 26.34 11.40
CA LYS E 80 67.30 25.25 12.33
C LYS E 80 68.78 24.87 12.26
N LEU E 81 69.36 24.53 13.40
CA LEU E 81 70.78 24.18 13.45
C LEU E 81 70.96 22.93 14.26
N GLU E 82 71.47 21.88 13.64
CA GLU E 82 71.64 20.59 14.35
C GLU E 82 72.70 20.71 15.45
N VAL E 83 72.32 20.36 16.65
CA VAL E 83 73.20 20.51 17.79
C VAL E 83 73.34 19.15 18.47
N PRO E 84 74.42 18.45 18.05
CA PRO E 84 74.68 17.08 18.55
C PRO E 84 74.96 16.95 20.06
N ARG E 85 74.87 15.73 20.54
CA ARG E 85 75.33 15.33 21.88
C ARG E 85 74.77 16.16 23.02
N ILE E 86 73.46 16.32 23.04
CA ILE E 86 72.82 17.11 24.12
C ILE E 86 71.98 16.27 25.08
N GLU E 87 71.80 16.81 26.29
CA GLU E 87 70.90 16.21 27.27
C GLU E 87 69.93 17.29 27.79
N LEU E 88 68.65 16.97 27.78
CA LEU E 88 67.64 17.90 28.24
C LEU E 88 67.27 17.64 29.69
N GLN E 89 67.23 18.70 30.48
CA GLN E 89 66.58 18.60 31.79
C GLN E 89 65.25 19.30 31.75
N GLU E 90 64.18 18.54 31.81
CA GLU E 90 62.82 19.10 31.77
C GLU E 90 62.64 20.18 32.82
N TYR E 91 62.30 21.38 32.37
CA TYR E 91 62.07 22.50 33.28
C TYR E 91 60.81 22.22 34.08
N TYR E 92 61.04 21.70 35.30
CA TYR E 92 59.98 21.25 36.19
C TYR E 92 59.20 20.06 35.60
N GLU E 93 57.89 20.20 35.46
CA GLU E 93 57.06 19.17 34.87
C GLU E 93 56.12 19.82 33.90
N THR E 94 56.62 20.85 33.25
CA THR E 94 55.87 21.60 32.24
C THR E 94 55.68 20.77 30.99
N GLY E 95 56.65 19.89 30.73
CA GLY E 95 56.64 19.06 29.53
C GLY E 95 57.08 19.83 28.31
N ALA E 96 56.88 21.15 28.31
CA ALA E 96 57.15 21.98 27.16
C ALA E 96 58.54 22.62 27.20
N PHE E 97 59.03 22.78 28.43
CA PHE E 97 60.23 23.56 28.67
C PHE E 97 61.39 22.73 29.18
N TYR E 98 62.58 23.04 28.67
CA TYR E 98 63.77 22.25 28.96
C TYR E 98 64.99 23.13 29.14
N LEU E 99 65.97 22.61 29.86
CA LEU E 99 67.27 23.21 29.94
C LEU E 99 68.21 22.37 29.14
N VAL E 100 69.09 23.01 28.37
CA VAL E 100 69.93 22.29 27.40
C VAL E 100 71.35 22.16 27.87
N LYS E 101 71.80 20.91 28.07
CA LYS E 101 73.17 20.64 28.46
C LYS E 101 73.89 19.88 27.38
N PHE E 102 75.23 19.93 27.43
CA PHE E 102 76.07 19.18 26.51
C PHE E 102 76.70 18.01 27.21
N LYS E 103 76.78 16.88 26.51
CA LYS E 103 77.75 15.87 26.84
C LYS E 103 79.11 16.48 26.52
N ARG E 104 79.34 16.76 25.23
CA ARG E 104 80.70 16.99 24.71
C ARG E 104 80.91 18.45 24.20
N ILE E 105 81.63 19.26 24.97
CA ILE E 105 82.24 20.50 24.45
C ILE E 105 83.33 20.12 23.40
N PRO E 106 82.99 20.08 22.05
CA PRO E 106 83.87 19.41 21.04
C PRO E 106 85.35 19.80 21.07
N ARG E 107 85.63 21.09 21.01
CA ARG E 107 86.98 21.59 21.26
C ARG E 107 86.89 23.06 21.75
N GLY E 108 87.29 24.05 20.95
CA GLY E 108 86.94 25.44 21.19
C GLY E 108 85.44 25.62 21.08
N ASN E 109 84.83 24.92 20.12
CA ASN E 109 83.37 24.77 19.96
C ASN E 109 82.66 26.08 19.61
N PRO E 110 81.91 26.08 18.49
CA PRO E 110 81.10 27.26 18.16
C PRO E 110 80.24 27.88 19.29
N LEU E 111 79.65 27.02 20.11
CA LEU E 111 78.54 27.32 20.98
C LEU E 111 78.98 27.54 22.41
N SER E 112 80.30 27.60 22.62
CA SER E 112 80.90 27.83 23.95
C SER E 112 80.57 29.19 24.48
N HIS E 113 80.48 30.14 23.55
CA HIS E 113 80.20 31.55 23.83
C HIS E 113 78.73 31.70 24.24
N PHE E 114 77.95 30.65 23.96
CA PHE E 114 76.53 30.65 24.23
C PHE E 114 76.20 29.83 25.46
N LEU E 115 77.25 29.47 26.21
CA LEU E 115 77.10 28.69 27.43
C LEU E 115 77.07 29.55 28.68
N GLU E 116 76.18 29.24 29.60
CA GLU E 116 76.16 29.82 30.94
C GLU E 116 76.41 28.71 31.95
N GLY E 117 77.49 27.98 31.73
CA GLY E 117 77.81 26.81 32.55
C GLY E 117 77.97 25.58 31.70
N GLU E 118 77.13 24.58 31.98
CA GLU E 118 76.93 23.40 31.16
C GLU E 118 75.67 23.58 30.33
N VAL E 119 75.04 24.74 30.51
CA VAL E 119 73.72 25.06 30.02
C VAL E 119 73.79 26.04 28.86
N LEU E 120 73.27 25.65 27.71
CA LEU E 120 73.17 26.55 26.55
C LEU E 120 72.18 27.67 26.75
N SER E 121 72.67 28.91 26.66
CA SER E 121 71.83 30.10 26.91
C SER E 121 71.07 30.51 25.66
N ALA E 122 69.74 30.56 25.76
CA ALA E 122 68.87 30.87 24.65
C ALA E 122 68.95 32.37 24.32
N THR E 123 69.11 33.17 25.36
CA THR E 123 69.09 34.63 25.19
C THR E 123 70.37 35.16 24.58
N LYS E 124 71.52 34.56 24.90
CA LYS E 124 72.79 34.94 24.29
C LYS E 124 72.80 34.62 22.78
N MET E 125 72.45 33.36 22.51
CA MET E 125 72.35 32.87 21.14
C MET E 125 71.41 33.77 20.34
N LEU E 126 70.25 34.04 20.91
CA LEU E 126 69.24 34.87 20.26
C LEU E 126 69.77 36.29 20.02
N SER E 127 70.56 36.80 20.96
CA SER E 127 71.15 38.13 20.83
C SER E 127 72.19 38.25 19.71
N LYS E 128 73.06 37.24 19.59
CA LYS E 128 74.06 37.23 18.51
C LYS E 128 73.36 37.06 17.15
N PHE E 129 72.40 36.16 17.10
CA PHE E 129 71.56 35.93 15.94
C PHE E 129 70.95 37.26 15.45
N ARG E 130 70.34 37.97 16.41
CA ARG E 130 69.71 39.24 16.15
C ARG E 130 70.70 40.27 15.63
N LYS E 131 71.87 40.33 16.24
CA LYS E 131 72.96 41.24 15.84
C LYS E 131 73.37 41.02 14.38
N ILE E 132 73.66 39.78 14.03
CA ILE E 132 74.00 39.41 12.65
C ILE E 132 72.89 39.86 11.68
N ILE E 133 71.66 39.48 11.99
CA ILE E 133 70.52 39.85 11.13
C ILE E 133 70.40 41.36 10.92
N LYS E 134 70.55 42.15 11.99
CA LYS E 134 70.49 43.60 11.87
C LYS E 134 71.61 44.12 10.98
N GLU E 135 72.81 43.58 11.18
CA GLU E 135 73.98 43.94 10.37
C GLU E 135 73.72 43.74 8.89
N GLU E 136 73.25 42.55 8.53
CA GLU E 136 72.96 42.27 7.12
C GLU E 136 71.80 43.11 6.59
N VAL E 137 70.80 43.36 7.43
CA VAL E 137 69.63 44.16 7.05
C VAL E 137 70.00 45.61 6.72
N LYS E 138 71.01 46.14 7.41
CA LYS E 138 71.54 47.45 7.06
C LYS E 138 72.08 47.50 5.64
N GLU E 139 72.57 46.36 5.14
CA GLU E 139 73.20 46.30 3.82
C GLU E 139 72.22 46.14 2.67
N ILE E 140 70.93 45.99 2.99
CA ILE E 140 69.88 45.92 1.96
C ILE E 140 69.38 47.30 1.54
N LYS E 141 69.69 47.69 0.31
CA LYS E 141 69.49 49.06 -0.18
C LYS E 141 68.28 49.20 -1.15
N ASP E 142 67.93 48.07 -1.73
CA ASP E 142 66.87 48.05 -2.76
C ASP E 142 65.50 47.68 -2.19
N ILE E 143 65.49 47.13 -0.98
CA ILE E 143 64.21 46.78 -0.33
C ILE E 143 64.06 47.53 0.99
N ASP E 144 62.83 47.96 1.29
CA ASP E 144 62.52 48.57 2.57
C ASP E 144 62.24 47.44 3.57
N VAL E 145 63.31 47.03 4.23
CA VAL E 145 63.21 46.00 5.28
C VAL E 145 63.86 46.53 6.56
N SER E 146 63.19 46.31 7.68
CA SER E 146 63.78 46.65 8.98
C SER E 146 63.55 45.55 9.99
N VAL E 147 64.26 45.63 11.11
CA VAL E 147 64.11 44.68 12.22
C VAL E 147 63.10 45.24 13.25
N GLU E 148 62.08 44.44 13.58
CA GLU E 148 61.11 44.80 14.58
C GLU E 148 61.73 44.67 15.98
N LYS E 149 61.35 45.55 16.89
CA LYS E 149 61.78 45.46 18.27
C LYS E 149 61.35 44.15 18.90
N GLU E 150 62.23 43.56 19.71
CA GLU E 150 62.00 42.23 20.29
C GLU E 150 60.69 42.16 21.07
N LYS E 151 59.90 41.13 20.75
CA LYS E 151 58.64 40.85 21.42
C LYS E 151 58.89 39.84 22.55
N PRO E 152 58.32 40.08 23.72
CA PRO E 152 58.52 39.15 24.83
C PRO E 152 57.84 37.83 24.55
N GLY E 153 58.57 36.72 24.70
CA GLY E 153 58.03 35.40 24.44
C GLY E 153 58.18 34.93 22.99
N SER E 154 59.00 35.63 22.21
CA SER E 154 59.24 35.26 20.84
C SER E 154 60.61 34.58 20.67
N PRO E 155 60.67 33.50 19.92
CA PRO E 155 61.95 32.82 19.62
C PRO E 155 62.53 33.32 18.30
N ALA E 156 62.01 34.43 17.82
CA ALA E 156 62.26 34.92 16.47
C ALA E 156 62.84 36.33 16.40
N VAL E 157 63.36 36.67 15.22
CA VAL E 157 63.73 38.03 14.88
C VAL E 157 62.75 38.43 13.77
N THR E 158 61.89 39.38 14.07
CA THR E 158 60.79 39.72 13.17
C THR E 158 61.16 40.89 12.25
N LEU E 159 60.97 40.68 10.95
CA LEU E 159 61.29 41.68 9.95
C LEU E 159 60.02 42.32 9.45
N LEU E 160 60.04 43.64 9.32
CA LEU E 160 58.95 44.35 8.64
C LEU E 160 59.44 44.75 7.26
N ILE E 161 58.72 44.26 6.24
CA ILE E 161 59.03 44.60 4.86
C ILE E 161 57.94 45.50 4.29
N ARG E 162 58.35 46.70 3.90
CA ARG E 162 57.50 47.59 3.14
C ARG E 162 57.57 47.25 1.67
N ASN E 163 56.89 46.17 1.28
CA ASN E 163 56.80 45.76 -0.11
C ASN E 163 55.62 46.54 -0.66
N PRO E 164 55.75 47.87 -0.69
CA PRO E 164 54.70 48.79 -0.34
C PRO E 164 53.80 48.31 0.83
N GLU E 165 52.92 47.33 0.62
CA GLU E 165 52.18 46.80 1.75
C GLU E 165 53.11 46.13 2.75
N GLU E 166 52.67 46.08 4.00
CA GLU E 166 53.48 45.59 5.11
C GLU E 166 53.42 44.07 5.22
N ILE E 167 54.59 43.46 5.29
CA ILE E 167 54.67 42.01 5.48
C ILE E 167 55.60 41.72 6.66
N SER E 168 55.16 40.85 7.57
CA SER E 168 55.99 40.49 8.72
C SER E 168 56.59 39.09 8.55
N VAL E 169 57.88 38.96 8.82
CA VAL E 169 58.56 37.68 8.67
C VAL E 169 59.29 37.29 9.95
N ASP E 170 58.82 36.22 10.60
CA ASP E 170 59.50 35.72 11.81
C ASP E 170 60.63 34.77 11.40
N ILE E 171 61.88 35.21 11.66
CA ILE E 171 63.02 34.34 11.47
C ILE E 171 63.30 33.65 12.80
N ILE E 172 62.88 32.40 12.89
CA ILE E 172 62.90 31.65 14.15
C ILE E 172 64.18 30.85 14.29
N LEU E 173 64.96 31.16 15.31
CA LEU E 173 66.16 30.36 15.61
C LEU E 173 65.77 29.04 16.24
N ALA E 174 66.18 27.94 15.65
CA ALA E 174 65.82 26.62 16.21
C ALA E 174 67.01 25.68 16.31
N LEU E 175 66.95 24.76 17.26
CA LEU E 175 67.95 23.71 17.40
C LEU E 175 67.34 22.40 16.94
N GLU E 176 68.05 21.68 16.07
CA GLU E 176 67.57 20.37 15.60
C GLU E 176 68.27 19.18 16.29
N SER E 177 67.47 18.28 16.84
CA SER E 177 68.03 17.11 17.52
C SER E 177 67.48 15.82 16.92
N LYS E 178 68.36 14.93 16.47
CA LYS E 178 67.92 13.69 15.81
C LYS E 178 67.65 12.55 16.78
N GLY E 179 67.88 12.79 18.08
CA GLY E 179 67.57 11.82 19.12
C GLY E 179 66.09 11.54 19.26
N SER E 180 65.74 10.59 20.11
CA SER E 180 64.33 10.24 20.25
C SER E 180 63.63 11.30 21.08
N TRP E 181 62.35 11.48 20.77
CA TRP E 181 61.54 12.60 21.29
C TRP E 181 61.42 12.51 22.80
N PRO E 182 61.45 13.68 23.47
CA PRO E 182 61.33 13.69 24.95
C PRO E 182 60.08 12.94 25.40
N ILE E 183 60.13 12.40 26.60
CA ILE E 183 59.15 11.51 27.17
C ILE E 183 57.76 12.12 27.27
N SER E 184 57.76 13.45 27.40
CA SER E 184 56.51 14.20 27.60
C SER E 184 55.62 14.11 26.39
N THR E 185 56.20 13.66 25.27
CA THR E 185 55.47 13.51 24.01
C THR E 185 55.09 12.09 23.73
N LYS E 186 55.45 11.16 24.63
CA LYS E 186 55.26 9.73 24.38
C LYS E 186 53.79 9.37 24.16
N GLU E 187 52.91 10.00 24.92
CA GLU E 187 51.48 9.81 24.80
C GLU E 187 50.83 10.78 23.82
N GLY E 188 51.64 11.69 23.30
CA GLY E 188 51.16 12.69 22.36
C GLY E 188 51.03 12.16 20.94
N LEU E 189 50.60 13.03 20.03
CA LEU E 189 50.43 12.69 18.61
C LEU E 189 49.56 11.42 18.44
N PRO E 190 48.30 11.49 18.82
CA PRO E 190 47.42 10.33 18.93
C PRO E 190 46.69 10.07 17.61
N ILE E 191 47.44 9.93 16.53
CA ILE E 191 46.90 9.83 15.17
C ILE E 191 46.58 8.40 14.75
N GLN E 192 46.84 7.46 15.66
CA GLN E 192 46.78 6.02 15.38
C GLN E 192 45.54 5.49 14.69
N GLY E 193 44.42 6.20 14.86
CA GLY E 193 43.15 5.81 14.28
C GLY E 193 42.81 6.62 13.02
N TRP E 194 43.62 7.65 12.78
CA TRP E 194 43.34 8.63 11.76
C TRP E 194 44.38 8.56 10.65
N LEU E 195 45.64 8.81 10.99
CA LEU E 195 46.71 8.70 10.00
C LEU E 195 47.42 7.34 10.10
N GLY E 196 47.37 6.73 11.27
CA GLY E 196 47.89 5.38 11.41
C GLY E 196 49.13 5.22 12.27
N THR E 197 49.60 3.99 12.36
CA THR E 197 50.62 3.57 13.33
C THR E 197 52.04 3.73 12.72
N LYS E 198 52.10 3.38 11.44
CA LYS E 198 53.32 3.47 10.62
C LYS E 198 53.71 4.93 10.39
N VAL E 199 52.71 5.76 10.20
CA VAL E 199 52.84 7.20 10.04
C VAL E 199 53.40 7.82 11.31
N ARG E 200 52.73 7.59 12.42
CA ARG E 200 53.14 8.11 13.72
C ARG E 200 54.57 7.65 14.05
N THR E 201 54.84 6.37 13.75
CA THR E 201 56.16 5.81 14.03
C THR E 201 57.23 6.51 13.20
N ASN E 202 56.91 6.74 11.93
CA ASN E 202 57.85 7.45 11.05
C ASN E 202 58.02 8.91 11.38
N LEU E 203 56.98 9.53 11.89
CA LEU E 203 57.04 10.95 12.26
C LEU E 203 57.87 11.13 13.51
N ARG E 204 57.70 10.24 14.49
CA ARG E 204 58.48 10.31 15.73
C ARG E 204 59.93 9.85 15.56
N ARG E 205 60.25 9.30 14.40
CA ARG E 205 61.63 8.94 14.05
C ARG E 205 62.37 10.16 13.53
N GLU E 206 61.63 11.23 13.27
CA GLU E 206 62.17 12.44 12.70
C GLU E 206 62.81 13.26 13.81
N PRO E 207 63.64 14.26 13.45
CA PRO E 207 64.22 15.05 14.52
C PRO E 207 63.18 15.94 15.20
N PHE E 208 63.51 16.48 16.37
CA PHE E 208 62.64 17.47 16.99
C PHE E 208 63.41 18.76 17.18
N TYR E 209 62.74 19.80 17.59
CA TYR E 209 63.29 21.16 17.53
C TYR E 209 63.08 21.94 18.81
N LEU E 210 64.05 22.77 19.17
CA LEU E 210 63.95 23.57 20.37
C LEU E 210 64.16 25.05 20.02
N VAL E 211 63.26 25.89 20.44
CA VAL E 211 63.40 27.33 20.18
C VAL E 211 63.53 28.02 21.52
N PRO E 212 64.11 29.24 21.55
CA PRO E 212 64.12 30.00 22.81
C PRO E 212 62.73 30.31 23.34
N LYS E 213 62.53 30.09 24.63
CA LYS E 213 61.28 30.49 25.29
C LYS E 213 61.17 32.01 25.32
N ASN E 214 62.28 32.66 25.71
CA ASN E 214 62.42 34.11 25.71
C ASN E 214 61.25 34.82 26.46
N ALA E 215 60.81 34.18 27.56
CA ALA E 215 59.90 34.83 28.47
C ALA E 215 60.64 35.96 29.16
N LYS E 216 59.92 37.03 29.50
CA LYS E 216 60.51 38.15 30.22
C LYS E 216 59.92 38.28 31.63
N ASP E 217 59.79 37.15 32.33
CA ASP E 217 59.05 37.05 33.57
C ASP E 217 59.90 37.26 34.81
N GLY E 218 61.22 37.05 34.69
CA GLY E 218 62.15 37.23 35.78
C GLY E 218 62.44 35.96 36.55
N ASN E 219 61.96 34.83 36.04
CA ASN E 219 62.25 33.51 36.60
C ASN E 219 63.75 33.19 36.70
N SER E 220 64.07 32.15 37.46
CA SER E 220 65.38 31.49 37.37
C SER E 220 65.46 30.67 36.07
N PHE E 221 66.66 30.59 35.51
CA PHE E 221 66.92 29.90 34.26
C PHE E 221 66.04 30.50 33.13
N GLN E 222 65.78 31.78 33.27
CA GLN E 222 64.88 32.48 32.35
C GLN E 222 65.46 32.54 30.95
N GLY E 223 66.75 32.81 30.80
CA GLY E 223 67.38 32.92 29.51
C GLY E 223 68.06 31.65 29.04
N GLU E 224 67.80 30.55 29.72
CA GLU E 224 68.32 29.25 29.33
C GLU E 224 67.21 28.23 29.09
N THR E 225 65.96 28.69 29.16
CA THR E 225 64.77 27.90 28.96
C THR E 225 64.39 27.79 27.48
N TRP E 226 64.26 26.54 27.01
CA TRP E 226 63.89 26.28 25.63
C TRP E 226 62.52 25.63 25.58
N ARG E 227 61.78 25.89 24.49
CA ARG E 227 60.49 25.29 24.28
C ARG E 227 60.55 24.35 23.06
N LEU E 228 59.87 23.20 23.17
CA LEU E 228 59.76 22.30 22.04
C LEU E 228 58.95 22.95 20.92
N SER E 229 59.25 22.54 19.68
CA SER E 229 58.50 22.91 18.50
C SER E 229 58.25 21.73 17.61
N PHE E 230 57.07 21.68 17.01
CA PHE E 230 56.71 20.59 16.08
C PHE E 230 56.10 21.14 14.80
N SER E 231 56.63 22.24 14.29
CA SER E 231 56.05 22.90 13.13
C SER E 231 56.23 22.04 11.86
N HIS E 232 57.31 21.27 11.84
CA HIS E 232 57.56 20.34 10.74
C HIS E 232 56.48 19.25 10.63
N THR E 233 56.15 18.66 11.76
CA THR E 233 55.16 17.62 11.85
C THR E 233 53.77 18.16 11.53
N GLU E 234 53.48 19.36 12.02
CA GLU E 234 52.18 20.00 11.77
C GLU E 234 52.04 20.32 10.28
N LYS E 235 53.14 20.73 9.67
CA LYS E 235 53.17 20.95 8.23
C LYS E 235 52.84 19.66 7.49
N TYR E 236 53.50 18.57 7.88
CA TYR E 236 53.22 17.26 7.26
C TYR E 236 51.76 16.88 7.41
N ILE E 237 51.20 17.08 8.60
CA ILE E 237 49.81 16.72 8.86
C ILE E 237 48.86 17.54 8.02
N LEU E 238 49.07 18.84 7.97
CA LEU E 238 48.25 19.71 7.14
C LEU E 238 48.31 19.28 5.68
N ASN E 239 49.46 18.82 5.23
CA ASN E 239 49.58 18.40 3.84
C ASN E 239 49.29 16.93 3.59
N ASN E 240 49.15 16.16 4.66
CA ASN E 240 48.76 14.76 4.57
C ASN E 240 47.70 14.44 5.59
N HIS E 241 46.49 14.95 5.36
CA HIS E 241 45.45 15.04 6.39
C HIS E 241 44.30 14.05 6.31
N GLY E 242 44.32 13.17 5.33
CA GLY E 242 43.21 12.23 5.15
C GLY E 242 43.48 10.86 5.73
N ILE E 243 42.41 10.09 5.93
CA ILE E 243 42.58 8.65 6.20
C ILE E 243 42.89 8.00 4.89
N GLU E 244 42.27 8.52 3.83
CA GLU E 244 42.53 8.10 2.46
C GLU E 244 43.69 8.91 1.92
N LYS E 245 44.59 8.26 1.20
CA LYS E 245 45.79 8.91 0.68
C LYS E 245 45.44 9.87 -0.47
N THR E 246 44.24 9.75 -1.02
CA THR E 246 43.86 10.56 -2.16
C THR E 246 43.03 11.77 -1.77
N CYS E 247 42.84 11.92 -0.46
CA CYS E 247 42.10 13.09 0.08
C CYS E 247 42.77 14.39 -0.34
N CYS E 248 42.02 15.21 -1.06
CA CYS E 248 42.48 16.51 -1.57
C CYS E 248 43.55 16.41 -2.65
N GLU E 249 43.75 15.20 -3.17
CA GLU E 249 44.72 14.96 -4.23
C GLU E 249 44.07 15.14 -5.59
N SER E 250 44.88 15.06 -6.65
CA SER E 250 44.43 15.31 -8.01
C SER E 250 43.47 14.21 -8.52
N SER E 251 43.66 13.00 -8.04
CA SER E 251 42.77 11.91 -8.40
C SER E 251 41.95 11.46 -7.20
N GLY E 252 41.71 12.39 -6.29
CA GLY E 252 40.91 12.10 -5.10
C GLY E 252 39.80 13.13 -4.89
N ALA E 253 39.30 13.19 -3.67
CA ALA E 253 38.18 14.08 -3.36
C ALA E 253 38.55 15.07 -2.26
N LYS E 254 37.99 16.26 -2.36
CA LYS E 254 38.24 17.31 -1.35
C LYS E 254 37.43 17.03 -0.07
N CYS E 255 38.05 17.40 1.04
CA CYS E 255 37.44 17.56 2.35
C CYS E 255 37.28 19.05 2.65
N CYS E 256 36.68 19.33 3.79
CA CYS E 256 36.52 20.71 4.25
C CYS E 256 37.30 21.03 5.53
N ARG E 257 38.37 20.27 5.77
CA ARG E 257 39.17 20.39 6.99
C ARG E 257 39.87 21.75 7.06
N LYS E 258 40.71 22.00 6.06
CA LYS E 258 41.48 23.24 5.93
C LYS E 258 40.57 24.46 5.95
N GLU E 259 39.41 24.28 5.31
CA GLU E 259 38.40 25.34 5.22
C GLU E 259 37.89 25.70 6.62
N CYS E 260 37.54 24.69 7.40
CA CYS E 260 37.09 24.90 8.79
C CYS E 260 38.20 25.54 9.63
N LEU E 261 39.45 25.11 9.41
CA LEU E 261 40.58 25.75 10.10
C LEU E 261 40.64 27.22 9.77
N LYS E 262 40.45 27.55 8.50
CA LYS E 262 40.49 28.95 8.06
C LYS E 262 39.38 29.76 8.70
N LEU E 263 38.15 29.30 8.56
CA LEU E 263 36.99 29.97 9.16
C LEU E 263 37.15 30.21 10.66
N MET E 264 37.64 29.19 11.36
CA MET E 264 37.85 29.30 12.80
C MET E 264 38.92 30.33 13.11
N LYS E 265 40.03 30.24 12.39
CA LYS E 265 41.12 31.21 12.48
C LYS E 265 40.60 32.63 12.35
N TYR E 266 39.75 32.85 11.34
CA TYR E 266 39.25 34.18 11.01
C TYR E 266 38.34 34.68 12.12
N LEU E 267 37.36 33.86 12.47
CA LEU E 267 36.47 34.15 13.60
C LEU E 267 37.28 34.66 14.78
N LEU E 268 38.29 33.89 15.18
CA LEU E 268 39.12 34.30 16.31
C LEU E 268 39.89 35.60 16.07
N GLU E 269 40.43 35.78 14.85
CA GLU E 269 41.14 37.00 14.53
C GLU E 269 40.27 38.24 14.70
N GLN E 270 39.07 38.19 14.15
CA GLN E 270 38.11 39.30 14.26
C GLN E 270 37.71 39.56 15.70
N LEU E 271 37.28 38.50 16.38
CA LEU E 271 36.88 38.60 17.80
C LEU E 271 38.03 39.14 18.66
N LYS E 272 39.27 38.95 18.19
CA LYS E 272 40.45 39.46 18.90
C LYS E 272 40.74 40.93 18.56
N LYS E 273 40.51 41.32 17.32
CA LYS E 273 40.73 42.70 16.92
C LYS E 273 39.68 43.63 17.54
N GLU E 274 38.52 43.09 17.86
CA GLU E 274 37.47 43.90 18.49
C GLU E 274 37.54 43.91 20.01
N PHE E 275 38.04 42.85 20.61
CA PHE E 275 38.06 42.75 22.07
C PHE E 275 39.45 42.45 22.64
N GLN E 276 39.80 43.31 23.59
CA GLN E 276 41.07 43.30 24.35
C GLN E 276 41.04 42.17 25.35
N GLU E 277 39.87 41.63 25.60
CA GLU E 277 39.70 40.58 26.61
C GLU E 277 40.25 39.26 26.10
N LEU E 278 40.66 39.24 24.84
CA LEU E 278 41.07 37.97 24.18
C LEU E 278 42.50 38.08 23.69
N ASP E 279 43.31 38.81 24.41
CA ASP E 279 44.75 38.92 24.06
C ASP E 279 45.54 37.69 24.47
N ALA E 280 44.95 36.85 25.31
CA ALA E 280 45.57 35.58 25.72
C ALA E 280 45.49 34.56 24.60
N PHE E 281 44.49 34.70 23.74
CA PHE E 281 44.23 33.71 22.69
C PHE E 281 45.04 33.97 21.44
N CYS E 282 45.55 32.87 20.85
CA CYS E 282 46.28 32.87 19.58
C CYS E 282 45.70 31.78 18.66
N SER E 283 46.12 31.75 17.40
CA SER E 283 45.55 30.76 16.49
C SER E 283 46.04 29.34 16.74
N TYR E 284 47.10 29.16 17.53
CA TYR E 284 47.57 27.83 17.82
C TYR E 284 46.59 27.02 18.68
N HIS E 285 45.74 27.74 19.40
CA HIS E 285 44.68 27.13 20.20
C HIS E 285 43.65 26.51 19.27
N VAL E 286 43.29 27.28 18.26
CA VAL E 286 42.42 26.82 17.18
C VAL E 286 43.01 25.60 16.47
N LYS E 287 44.28 25.70 16.11
CA LYS E 287 45.00 24.62 15.43
C LYS E 287 45.03 23.34 16.26
N THR E 288 45.34 23.48 17.55
CA THR E 288 45.42 22.34 18.46
C THR E 288 44.06 21.68 18.62
N ALA E 289 43.06 22.49 18.90
CA ALA E 289 41.69 22.01 18.99
C ALA E 289 41.27 21.25 17.73
N ILE E 290 41.58 21.81 16.56
CA ILE E 290 41.16 21.16 15.31
C ILE E 290 41.96 19.88 15.04
N PHE E 291 43.18 19.80 15.55
CA PHE E 291 43.91 18.54 15.52
C PHE E 291 43.16 17.50 16.33
N HIS E 292 42.72 17.89 17.51
CA HIS E 292 41.96 16.98 18.36
C HIS E 292 40.65 16.55 17.68
N MET E 293 40.01 17.48 16.98
CA MET E 293 38.77 17.15 16.26
C MET E 293 39.01 16.20 15.11
N TRP E 294 40.06 16.44 14.35
CA TRP E 294 40.43 15.57 13.24
C TRP E 294 40.78 14.19 13.73
N THR E 295 41.30 14.10 14.95
CA THR E 295 41.59 12.81 15.56
C THR E 295 40.30 12.16 16.03
N GLN E 296 39.33 12.98 16.41
CA GLN E 296 38.02 12.49 16.85
C GLN E 296 37.15 12.00 15.71
N ASP E 297 37.10 12.79 14.63
CA ASP E 297 36.37 12.40 13.43
C ASP E 297 37.39 12.15 12.30
N PRO E 298 37.97 10.94 12.25
CA PRO E 298 39.03 10.60 11.32
C PRO E 298 38.52 10.45 9.91
N GLN E 299 37.29 9.97 9.77
CA GLN E 299 36.69 9.70 8.45
C GLN E 299 36.59 10.93 7.59
N ASP E 300 37.04 10.78 6.34
CA ASP E 300 37.00 11.86 5.34
C ASP E 300 35.56 12.21 5.03
N SER E 301 34.69 11.20 5.14
CA SER E 301 33.25 11.39 4.93
C SER E 301 32.67 12.35 5.95
N GLN E 302 33.30 12.39 7.13
CA GLN E 302 32.86 13.28 8.21
C GLN E 302 33.38 14.68 7.97
N TRP E 303 34.09 14.88 6.86
CA TRP E 303 34.57 16.19 6.47
C TRP E 303 34.27 16.44 4.98
N ASP E 304 33.05 16.13 4.56
CA ASP E 304 32.66 16.44 3.20
C ASP E 304 32.28 17.90 3.11
N PRO E 305 32.73 18.60 2.06
CA PRO E 305 32.33 19.97 1.73
C PRO E 305 30.85 20.26 1.89
N ARG E 306 30.00 19.35 1.43
CA ARG E 306 28.54 19.52 1.56
C ARG E 306 28.07 19.58 3.00
N ASN E 307 28.90 19.09 3.92
CA ASN E 307 28.59 19.16 5.35
C ASN E 307 29.43 20.24 6.01
N LEU E 308 29.74 21.32 5.27
CA LEU E 308 30.63 22.35 5.81
C LEU E 308 30.09 22.94 7.10
N SER E 309 28.91 23.56 7.01
CA SER E 309 28.27 24.27 8.10
C SER E 309 28.19 23.44 9.39
N SER E 310 27.77 22.19 9.24
CA SER E 310 27.66 21.29 10.39
C SER E 310 29.04 20.98 10.94
N CYS E 311 29.99 20.68 10.04
CA CYS E 311 31.36 20.39 10.45
C CYS E 311 31.91 21.55 11.26
N PHE E 312 31.81 22.75 10.70
CA PHE E 312 32.25 23.97 11.38
C PHE E 312 31.57 24.10 12.74
N ASP E 313 30.32 23.66 12.84
CA ASP E 313 29.61 23.76 14.11
C ASP E 313 30.22 22.76 15.08
N LYS E 314 30.49 21.55 14.60
CA LYS E 314 31.04 20.49 15.44
C LYS E 314 32.28 21.01 16.14
N LEU E 315 33.27 21.38 15.33
CA LEU E 315 34.48 22.06 15.82
C LEU E 315 34.11 23.13 16.83
N LEU E 316 33.24 24.05 16.41
CA LEU E 316 32.82 25.17 17.26
C LEU E 316 32.39 24.62 18.61
N ALA E 317 31.44 23.68 18.57
CA ALA E 317 30.95 23.04 19.79
C ALA E 317 32.11 22.57 20.63
N PHE E 318 32.97 21.74 20.02
CA PHE E 318 34.13 21.18 20.69
C PHE E 318 34.89 22.28 21.42
N PHE E 319 35.18 23.36 20.68
CA PHE E 319 36.02 24.43 21.23
C PHE E 319 35.39 24.99 22.49
N LEU E 320 34.09 25.22 22.43
CA LEU E 320 33.37 25.78 23.57
C LEU E 320 33.54 24.88 24.77
N GLU E 321 33.43 23.58 24.54
CA GLU E 321 33.57 22.61 25.63
C GLU E 321 34.96 22.73 26.23
N CYS E 322 35.96 22.91 25.37
CA CYS E 322 37.33 23.07 25.84
C CYS E 322 37.43 24.28 26.76
N LEU E 323 36.68 25.32 26.43
CA LEU E 323 36.63 26.52 27.26
C LEU E 323 35.84 26.25 28.53
N ARG E 324 34.76 25.47 28.41
CA ARG E 324 33.87 25.22 29.54
C ARG E 324 34.57 24.35 30.58
N THR E 325 35.32 23.38 30.09
CA THR E 325 36.07 22.47 30.97
C THR E 325 37.40 23.11 31.35
N GLU E 326 37.75 24.19 30.65
CA GLU E 326 39.04 24.84 30.80
C GLU E 326 40.15 23.81 30.58
N LYS E 327 40.00 23.06 29.50
CA LYS E 327 40.91 21.96 29.23
C LYS E 327 41.12 21.79 27.73
N LEU E 328 42.25 22.32 27.27
CA LEU E 328 42.70 22.08 25.91
C LEU E 328 44.12 21.59 25.97
N ASP E 329 44.26 20.26 25.95
CA ASP E 329 45.57 19.58 26.02
C ASP E 329 46.43 19.87 24.81
N HIS E 330 47.73 20.01 25.01
CA HIS E 330 48.62 20.18 23.87
C HIS E 330 48.63 18.86 23.08
N TYR E 331 48.59 18.97 21.75
CA TYR E 331 48.42 17.80 20.89
C TYR E 331 49.62 16.87 20.89
N PHE E 332 50.78 17.41 21.22
CA PHE E 332 52.01 16.64 21.25
C PHE E 332 52.46 16.38 22.67
N ILE E 333 52.04 17.25 23.58
CA ILE E 333 52.37 17.13 25.01
C ILE E 333 51.06 17.08 25.81
N PRO E 334 50.51 15.89 26.02
CA PRO E 334 49.20 15.73 26.67
C PRO E 334 49.11 16.27 28.09
N LYS E 335 50.21 16.23 28.85
CA LYS E 335 50.22 16.75 30.21
C LYS E 335 50.17 18.29 30.25
N PHE E 336 50.57 18.91 29.15
CA PHE E 336 50.55 20.36 29.05
C PHE E 336 49.15 20.83 28.70
N ASN E 337 48.47 21.44 29.67
CA ASN E 337 47.17 22.09 29.42
C ASN E 337 47.33 23.54 28.98
N LEU E 338 46.59 23.93 27.94
CA LEU E 338 46.72 25.24 27.34
C LEU E 338 45.69 26.21 27.87
N PHE E 339 44.63 25.65 28.48
CA PHE E 339 43.55 26.48 29.03
C PHE E 339 43.56 26.42 30.55
N SER E 340 44.74 26.28 31.15
CA SER E 340 44.85 26.35 32.58
C SER E 340 44.60 27.78 33.08
N GLN E 341 44.40 27.88 34.38
CA GLN E 341 44.19 29.17 35.03
C GLN E 341 45.53 29.94 35.05
N GLU E 342 46.63 29.19 35.04
CA GLU E 342 47.96 29.79 35.08
C GLU E 342 48.25 30.60 33.84
N LEU E 343 47.71 30.16 32.71
CA LEU E 343 47.97 30.77 31.41
C LEU E 343 46.84 31.70 30.97
N ILE E 344 45.59 31.26 31.17
CA ILE E 344 44.43 32.08 30.82
C ILE E 344 43.42 32.18 31.95
N ASP E 345 42.95 33.40 32.21
CA ASP E 345 41.97 33.63 33.28
C ASP E 345 40.59 33.13 32.87
N ARG E 346 39.88 32.54 33.83
CA ARG E 346 38.52 32.07 33.68
C ARG E 346 37.65 33.08 32.95
N LYS E 347 37.69 34.30 33.45
CA LYS E 347 36.88 35.42 32.93
C LYS E 347 37.05 35.58 31.43
N SER E 348 38.27 35.38 30.94
CA SER E 348 38.53 35.46 29.50
C SER E 348 37.79 34.34 28.77
N LYS E 349 37.98 33.12 29.22
CA LYS E 349 37.35 31.95 28.63
C LYS E 349 35.81 32.06 28.62
N GLU E 350 35.26 32.60 29.71
CA GLU E 350 33.83 32.79 29.84
C GLU E 350 33.33 33.86 28.86
N PHE E 351 34.06 34.98 28.82
CA PHE E 351 33.77 36.06 27.88
C PHE E 351 33.74 35.52 26.45
N LEU E 352 34.74 34.75 26.09
CA LEU E 352 34.83 34.15 24.78
C LEU E 352 33.69 33.20 24.50
N SER E 353 33.33 32.38 25.49
CA SER E 353 32.21 31.46 25.36
C SER E 353 30.93 32.23 25.06
N LYS E 354 30.79 33.37 25.71
CA LYS E 354 29.65 34.25 25.53
C LYS E 354 29.59 34.78 24.10
N LYS E 355 30.65 35.47 23.68
CA LYS E 355 30.71 36.04 22.33
C LYS E 355 30.51 35.00 21.23
N ILE E 356 31.26 33.90 21.33
CA ILE E 356 31.13 32.78 20.40
C ILE E 356 29.71 32.25 20.33
N GLU E 357 29.12 31.99 21.49
CA GLU E 357 27.73 31.48 21.55
C GLU E 357 26.78 32.44 20.85
N TYR E 358 26.95 33.73 21.15
CA TYR E 358 26.16 34.77 20.48
C TYR E 358 26.24 34.64 18.97
N GLU E 359 27.46 34.70 18.45
CA GLU E 359 27.70 34.58 17.00
C GLU E 359 27.10 33.31 16.42
N ARG E 360 27.15 32.24 17.20
CA ARG E 360 26.69 30.92 16.76
C ARG E 360 25.17 30.89 16.65
N ASN E 361 24.51 31.66 17.52
CA ASN E 361 23.07 31.69 17.54
C ASN E 361 22.48 32.85 16.74
N ASN E 362 23.33 33.60 16.04
CA ASN E 362 22.87 34.81 15.35
C ASN E 362 23.28 34.92 13.89
N GLY E 363 23.64 33.80 13.26
CA GLY E 363 24.01 33.77 11.86
C GLY E 363 25.35 34.42 11.55
N PHE E 364 26.21 34.48 12.57
CA PHE E 364 27.57 34.98 12.46
C PHE E 364 27.67 36.36 11.78
N PRO E 365 27.06 37.36 12.43
CA PRO E 365 27.15 38.75 11.93
C PRO E 365 28.57 39.24 11.72
N ILE E 366 29.49 38.85 12.60
CA ILE E 366 30.89 39.28 12.60
C ILE E 366 31.60 39.05 11.26
N PHE E 367 31.10 38.09 10.49
CA PHE E 367 31.68 37.76 9.19
C PHE E 367 31.48 38.90 8.14
N ASP E 368 30.90 40.03 8.56
CA ASP E 368 30.87 41.27 7.78
C ASP E 368 31.61 42.39 8.51
N LYS F 12 34.86 -22.22 4.24
CA LYS F 12 35.02 -22.67 2.83
C LYS F 12 36.47 -22.41 2.38
N LEU F 13 36.69 -21.18 1.93
CA LEU F 13 38.02 -20.68 1.60
C LEU F 13 38.86 -20.35 2.81
N LYS F 14 38.22 -20.00 3.93
CA LYS F 14 38.86 -19.71 5.18
C LYS F 14 39.70 -20.91 5.67
N LYS F 15 39.16 -22.09 5.46
CA LYS F 15 39.83 -23.32 5.83
C LYS F 15 41.07 -23.55 4.95
N VAL F 16 40.94 -23.18 3.68
CA VAL F 16 42.07 -23.26 2.77
C VAL F 16 43.18 -22.32 3.22
N LEU F 17 42.79 -21.10 3.60
CA LEU F 17 43.74 -20.12 4.11
C LEU F 17 44.39 -20.58 5.41
N ASP F 18 43.65 -21.33 6.22
CA ASP F 18 44.22 -21.96 7.40
C ASP F 18 45.28 -23.00 7.02
N LYS F 19 44.99 -23.80 5.99
CA LYS F 19 45.95 -24.77 5.50
C LYS F 19 47.23 -24.10 4.93
N LEU F 20 47.06 -22.92 4.33
CA LEU F 20 48.16 -22.24 3.67
C LEU F 20 49.03 -21.44 4.66
N ARG F 21 48.53 -21.28 5.86
CA ARG F 21 49.19 -20.46 6.87
C ARG F 21 50.54 -21.05 7.27
N LEU F 22 51.55 -20.20 7.37
CA LEU F 22 52.85 -20.66 7.89
C LEU F 22 52.82 -20.81 9.39
N LYS F 23 53.72 -21.64 9.88
CA LYS F 23 53.79 -22.00 11.30
C LYS F 23 55.03 -21.40 11.91
N ARG F 24 54.87 -20.73 13.06
CA ARG F 24 55.92 -19.85 13.58
C ARG F 24 57.19 -20.58 14.00
N LYS F 25 57.06 -21.88 14.24
CA LYS F 25 58.21 -22.71 14.58
C LYS F 25 59.07 -22.91 13.33
N ASP F 26 58.40 -23.39 12.26
CA ASP F 26 59.04 -23.57 10.95
C ASP F 26 59.70 -22.25 10.54
N ILE F 27 58.92 -21.18 10.66
CA ILE F 27 59.39 -19.83 10.32
C ILE F 27 60.64 -19.47 11.12
N SER F 28 60.59 -19.71 12.43
CA SER F 28 61.69 -19.38 13.32
C SER F 28 62.99 -20.09 12.94
N GLU F 29 62.92 -21.41 12.78
CA GLU F 29 64.12 -22.19 12.43
C GLU F 29 64.69 -21.82 11.05
N ALA F 30 63.81 -21.87 10.05
CA ALA F 30 64.20 -21.52 8.68
C ALA F 30 64.86 -20.15 8.64
N ALA F 31 64.19 -19.16 9.23
CA ALA F 31 64.76 -17.81 9.32
C ALA F 31 66.11 -17.76 10.03
N GLU F 32 66.26 -18.49 11.13
CA GLU F 32 67.56 -18.56 11.83
C GLU F 32 68.67 -18.93 10.84
N THR F 33 68.56 -20.16 10.32
CA THR F 33 69.59 -20.67 9.39
C THR F 33 69.82 -19.70 8.20
N VAL F 34 68.73 -19.35 7.53
CA VAL F 34 68.77 -18.47 6.37
C VAL F 34 69.51 -17.17 6.65
N ASN F 35 69.12 -16.46 7.71
CA ASN F 35 69.81 -15.23 8.13
C ASN F 35 71.30 -15.44 8.35
N LYS F 36 71.66 -16.56 8.98
CA LYS F 36 73.09 -16.86 9.18
C LYS F 36 73.86 -16.91 7.88
N VAL F 37 73.42 -17.80 6.99
CA VAL F 37 74.04 -17.97 5.67
C VAL F 37 74.13 -16.63 4.90
N VAL F 38 73.00 -15.93 4.79
CA VAL F 38 72.94 -14.65 4.10
C VAL F 38 73.97 -13.66 4.67
N GLU F 39 74.03 -13.58 5.99
CA GLU F 39 74.98 -12.67 6.64
C GLU F 39 76.43 -13.01 6.26
N ARG F 40 76.77 -14.30 6.33
CA ARG F 40 78.10 -14.73 5.92
C ARG F 40 78.45 -14.35 4.47
N LEU F 41 77.52 -14.60 3.57
CA LEU F 41 77.73 -14.28 2.17
C LEU F 41 77.91 -12.78 1.91
N LEU F 42 77.04 -11.97 2.49
CA LEU F 42 77.14 -10.50 2.37
C LEU F 42 78.50 -10.02 2.89
N ARG F 43 78.82 -10.44 4.10
CA ARG F 43 80.07 -10.04 4.76
C ARG F 43 81.29 -10.39 3.89
N ARG F 44 81.33 -11.62 3.39
CA ARG F 44 82.38 -12.03 2.46
C ARG F 44 82.39 -11.12 1.22
N MET F 45 81.20 -10.79 0.74
CA MET F 45 81.08 -9.96 -0.44
C MET F 45 81.64 -8.57 -0.20
N GLN F 46 81.73 -8.18 1.07
CA GLN F 46 82.38 -6.92 1.46
C GLN F 46 83.85 -7.13 1.79
N LYS F 47 84.11 -8.14 2.61
CA LYS F 47 85.45 -8.44 3.15
C LYS F 47 86.45 -8.64 2.00
N ARG F 48 86.79 -9.89 1.65
CA ARG F 48 87.93 -10.15 0.77
C ARG F 48 87.87 -9.21 -0.42
N GLU F 49 88.96 -8.49 -0.66
CA GLU F 49 88.92 -7.28 -1.50
C GLU F 49 88.32 -7.56 -2.86
N SER F 50 86.99 -7.58 -2.83
CA SER F 50 86.17 -7.95 -3.96
C SER F 50 85.98 -6.72 -4.80
N GLU F 51 85.17 -6.86 -5.86
CA GLU F 51 84.66 -5.75 -6.64
C GLU F 51 83.14 -5.58 -6.43
N PHE F 52 82.53 -6.48 -5.67
CA PHE F 52 81.18 -6.38 -5.25
C PHE F 52 81.16 -5.82 -3.81
N LYS F 53 82.26 -5.25 -3.38
CA LYS F 53 82.31 -4.56 -2.13
C LYS F 53 81.46 -3.30 -2.22
N GLY F 54 80.68 -3.03 -1.18
CA GLY F 54 79.75 -1.93 -1.19
C GLY F 54 78.34 -2.41 -1.53
N VAL F 55 78.19 -3.69 -1.79
CA VAL F 55 76.89 -4.27 -2.06
C VAL F 55 76.03 -4.17 -0.78
N GLU F 56 74.73 -3.98 -0.94
CA GLU F 56 73.82 -4.02 0.18
C GLU F 56 72.68 -4.99 0.01
N GLN F 57 72.02 -5.29 1.10
CA GLN F 57 71.00 -6.33 1.14
C GLN F 57 69.58 -5.75 1.05
N LEU F 58 68.68 -6.50 0.43
CA LEU F 58 67.30 -6.03 0.31
C LEU F 58 66.42 -7.28 0.15
N ASN F 59 65.71 -7.63 1.21
CA ASN F 59 64.85 -8.81 1.18
C ASN F 59 63.58 -8.53 0.42
N THR F 60 63.27 -9.38 -0.56
CA THR F 60 62.06 -9.25 -1.39
C THR F 60 61.25 -10.55 -1.46
N GLY F 61 60.08 -10.50 -2.07
CA GLY F 61 59.31 -11.69 -2.37
C GLY F 61 58.28 -12.09 -1.30
N SER F 62 57.65 -13.24 -1.49
CA SER F 62 56.47 -13.61 -0.70
C SER F 62 56.76 -13.69 0.80
N TYR F 63 57.92 -14.23 1.15
CA TYR F 63 58.22 -14.37 2.57
C TYR F 63 58.31 -13.03 3.26
N TYR F 64 58.89 -12.03 2.61
CA TYR F 64 59.07 -10.71 3.23
C TYR F 64 57.87 -9.80 3.04
N GLU F 65 56.87 -10.28 2.32
CA GLU F 65 55.62 -9.55 2.13
C GLU F 65 54.54 -10.19 2.96
N HIS F 66 54.86 -11.32 3.60
CA HIS F 66 53.93 -12.11 4.39
C HIS F 66 52.81 -12.67 3.53
N VAL F 67 53.17 -13.11 2.33
CA VAL F 67 52.21 -13.79 1.46
C VAL F 67 52.74 -15.16 1.05
N LYS F 68 53.80 -15.61 1.75
CA LYS F 68 54.30 -16.97 1.52
C LYS F 68 53.27 -17.94 2.04
N ILE F 69 53.15 -19.05 1.33
CA ILE F 69 52.05 -20.02 1.53
C ILE F 69 52.63 -21.38 1.87
N SER F 70 51.83 -22.23 2.55
CA SER F 70 52.29 -23.56 2.95
C SER F 70 53.51 -23.65 3.86
N ALA F 71 54.68 -23.23 3.36
CA ALA F 71 55.93 -23.36 4.08
C ALA F 71 56.92 -22.24 3.74
N PRO F 72 57.83 -21.94 4.67
CA PRO F 72 58.92 -21.01 4.41
C PRO F 72 60.14 -21.68 3.79
N ASN F 73 59.99 -22.12 2.56
CA ASN F 73 61.03 -22.85 1.83
C ASN F 73 61.59 -22.09 0.63
N GLU F 74 61.16 -20.85 0.48
CA GLU F 74 61.64 -20.01 -0.65
C GLU F 74 61.92 -18.59 -0.17
N PHE F 75 63.13 -18.12 -0.44
CA PHE F 75 63.55 -16.79 0.02
C PHE F 75 64.21 -16.01 -1.10
N ASP F 76 63.86 -14.74 -1.23
CA ASP F 76 64.44 -13.88 -2.27
C ASP F 76 65.26 -12.75 -1.64
N VAL F 77 66.57 -12.73 -1.86
CA VAL F 77 67.40 -11.68 -1.32
C VAL F 77 68.22 -10.98 -2.37
N MET F 78 68.05 -9.66 -2.45
CA MET F 78 68.78 -8.84 -3.43
C MET F 78 70.08 -8.32 -2.85
N PHE F 79 71.17 -8.63 -3.54
CA PHE F 79 72.46 -7.96 -3.30
C PHE F 79 72.58 -6.88 -4.34
N LYS F 80 72.19 -5.66 -3.96
CA LYS F 80 72.19 -4.53 -4.88
C LYS F 80 73.48 -3.73 -4.77
N LEU F 81 73.98 -3.24 -5.90
CA LEU F 81 75.22 -2.48 -5.91
C LEU F 81 75.05 -1.23 -6.71
N GLU F 82 75.22 -0.08 -6.07
CA GLU F 82 75.02 1.20 -6.77
C GLU F 82 76.09 1.42 -7.85
N VAL F 83 75.65 1.66 -9.06
CA VAL F 83 76.58 1.80 -10.17
C VAL F 83 76.34 3.15 -10.84
N PRO F 84 77.14 4.13 -10.39
CA PRO F 84 77.01 5.53 -10.88
C PRO F 84 77.29 5.74 -12.39
N ARG F 85 76.85 6.88 -12.87
CA ARG F 85 77.22 7.42 -14.18
C ARG F 85 76.97 6.47 -15.35
N ILE F 86 75.77 5.94 -15.42
CA ILE F 86 75.41 5.02 -16.52
C ILE F 86 74.39 5.57 -17.49
N GLU F 87 74.39 5.01 -18.69
CA GLU F 87 73.39 5.33 -19.72
C GLU F 87 72.79 4.01 -20.24
N LEU F 88 71.46 3.94 -20.27
CA LEU F 88 70.80 2.76 -20.76
C LEU F 88 70.39 2.90 -22.21
N GLN F 89 70.71 1.88 -23.01
CA GLN F 89 70.11 1.80 -24.34
C GLN F 89 69.05 0.74 -24.36
N GLU F 90 67.81 1.15 -24.46
CA GLU F 90 66.67 0.21 -24.46
C GLU F 90 66.86 -0.88 -25.51
N TYR F 91 66.86 -2.12 -25.07
CA TYR F 91 66.99 -3.26 -25.98
C TYR F 91 65.74 -3.36 -26.82
N TYR F 92 65.83 -2.79 -28.03
CA TYR F 92 64.71 -2.67 -28.95
C TYR F 92 63.62 -1.75 -28.39
N GLU F 93 62.40 -2.26 -28.28
CA GLU F 93 61.29 -1.50 -27.74
C GLU F 93 60.54 -2.41 -26.78
N THR F 94 61.31 -3.26 -26.12
CA THR F 94 60.78 -4.19 -25.14
C THR F 94 60.32 -3.46 -23.89
N GLY F 95 60.98 -2.35 -23.59
CA GLY F 95 60.70 -1.58 -22.38
C GLY F 95 61.32 -2.19 -21.16
N ALA F 96 61.51 -3.52 -21.17
CA ALA F 96 61.98 -4.25 -20.01
C ALA F 96 63.48 -4.45 -20.01
N PHE F 97 64.04 -4.45 -21.23
CA PHE F 97 65.42 -4.84 -21.43
C PHE F 97 66.29 -3.70 -21.92
N TYR F 98 67.51 -3.65 -21.36
CA TYR F 98 68.42 -2.55 -21.62
C TYR F 98 69.84 -3.03 -21.77
N LEU F 99 70.65 -2.23 -22.46
CA LEU F 99 72.08 -2.42 -22.49
C LEU F 99 72.70 -1.35 -21.65
N VAL F 100 73.69 -1.70 -20.84
CA VAL F 100 74.25 -0.78 -19.85
C VAL F 100 75.59 -0.22 -20.28
N LYS F 101 75.65 1.10 -20.47
CA LYS F 101 76.89 1.78 -20.84
C LYS F 101 77.32 2.71 -19.74
N PHE F 102 78.62 3.05 -19.75
CA PHE F 102 79.18 3.99 -18.79
C PHE F 102 79.49 5.30 -19.47
N LYS F 103 79.22 6.39 -18.77
CA LYS F 103 79.87 7.64 -19.07
C LYS F 103 81.35 7.43 -18.69
N ARG F 104 81.59 7.22 -17.39
CA ARG F 104 82.91 7.32 -16.81
C ARG F 104 83.51 6.04 -16.27
N ILE F 105 84.46 5.47 -16.99
CA ILE F 105 85.43 4.48 -16.42
C ILE F 105 86.29 5.18 -15.34
N PRO F 106 85.92 5.14 -14.02
CA PRO F 106 86.51 6.04 -12.98
C PRO F 106 88.03 6.12 -12.93
N ARG F 107 88.68 4.96 -12.84
CA ARG F 107 90.12 4.89 -13.06
C ARG F 107 90.48 3.45 -13.52
N GLY F 108 91.12 2.64 -12.69
CA GLY F 108 91.21 1.20 -12.92
C GLY F 108 89.83 0.58 -12.89
N ASN F 109 88.99 1.06 -11.96
CA ASN F 109 87.54 0.76 -11.87
C ASN F 109 87.23 -0.69 -11.56
N PRO F 110 86.46 -0.93 -10.48
CA PRO F 110 86.05 -2.30 -10.19
C PRO F 110 85.46 -3.13 -11.37
N LEU F 111 84.66 -2.47 -12.21
CA LEU F 111 83.74 -3.07 -13.13
C LEU F 111 84.28 -3.14 -14.54
N SER F 112 85.56 -2.79 -14.69
CA SER F 112 86.23 -2.80 -16.01
C SER F 112 86.35 -4.19 -16.56
N HIS F 113 86.53 -5.13 -15.63
CA HIS F 113 86.70 -6.56 -15.92
C HIS F 113 85.35 -7.14 -16.39
N PHE F 114 84.28 -6.38 -16.14
CA PHE F 114 82.94 -6.81 -16.45
C PHE F 114 82.42 -6.10 -17.69
N LEU F 115 83.34 -5.44 -18.40
CA LEU F 115 83.01 -4.74 -19.64
C LEU F 115 83.26 -5.57 -20.89
N GLU F 116 82.34 -5.52 -21.84
CA GLU F 116 82.51 -6.10 -23.18
C GLU F 116 82.45 -4.95 -24.19
N GLY F 117 83.24 -3.94 -23.94
CA GLY F 117 83.24 -2.73 -24.77
C GLY F 117 83.00 -1.49 -23.93
N GLU F 118 81.91 -0.80 -24.24
CA GLU F 118 81.35 0.27 -23.44
C GLU F 118 80.19 -0.26 -22.61
N VAL F 119 79.93 -1.56 -22.82
CA VAL F 119 78.76 -2.28 -22.35
C VAL F 119 79.08 -3.19 -21.18
N LEU F 120 78.45 -2.97 -20.04
CA LEU F 120 78.59 -3.87 -18.88
C LEU F 120 77.98 -5.24 -19.12
N SER F 121 78.81 -6.29 -19.02
CA SER F 121 78.37 -7.65 -19.30
C SER F 121 77.73 -8.30 -18.08
N ALA F 122 76.48 -8.75 -18.23
CA ALA F 122 75.71 -9.31 -17.14
C ALA F 122 76.22 -10.73 -16.82
N THR F 123 76.65 -11.43 -17.84
CA THR F 123 77.07 -12.83 -17.68
C THR F 123 78.43 -12.95 -17.03
N LYS F 124 79.36 -12.04 -17.30
CA LYS F 124 80.66 -12.02 -16.64
C LYS F 124 80.52 -11.72 -15.15
N MET F 125 79.80 -10.64 -14.88
CA MET F 125 79.51 -10.22 -13.52
C MET F 125 78.86 -11.35 -12.75
N LEU F 126 77.85 -11.96 -13.37
CA LEU F 126 77.12 -13.06 -12.74
C LEU F 126 78.03 -14.25 -12.49
N SER F 127 78.98 -14.50 -13.40
CA SER F 127 79.94 -15.60 -13.25
C SER F 127 80.91 -15.41 -12.10
N LYS F 128 81.44 -14.20 -11.95
CA LYS F 128 82.35 -13.91 -10.83
C LYS F 128 81.59 -13.97 -9.50
N PHE F 129 80.41 -13.39 -9.48
CA PHE F 129 79.50 -13.44 -8.35
C PHE F 129 79.29 -14.89 -7.90
N ARG F 130 78.95 -15.73 -8.86
CA ARG F 130 78.71 -17.14 -8.63
C ARG F 130 79.94 -17.83 -8.06
N LYS F 131 81.09 -17.54 -8.64
CA LYS F 131 82.38 -18.10 -8.19
C LYS F 131 82.67 -17.78 -6.72
N ILE F 132 82.56 -16.50 -6.37
CA ILE F 132 82.72 -16.06 -4.97
C ILE F 132 81.77 -16.83 -4.05
N ILE F 133 80.49 -16.82 -4.38
CA ILE F 133 79.48 -17.51 -3.57
C ILE F 133 79.81 -18.99 -3.36
N LYS F 134 80.21 -19.69 -4.42
CA LYS F 134 80.58 -21.10 -4.29
C LYS F 134 81.77 -21.27 -3.36
N GLU F 135 82.76 -20.41 -3.53
CA GLU F 135 83.96 -20.41 -2.68
C GLU F 135 83.59 -20.31 -1.22
N GLU F 136 82.79 -19.31 -0.86
CA GLU F 136 82.39 -19.13 0.53
C GLU F 136 81.51 -20.28 1.02
N VAL F 137 80.65 -20.80 0.15
CA VAL F 137 79.75 -21.90 0.50
C VAL F 137 80.51 -23.17 0.85
N LYS F 138 81.63 -23.39 0.19
CA LYS F 138 82.51 -24.52 0.55
C LYS F 138 83.00 -24.41 2.00
N GLU F 139 83.13 -23.19 2.50
CA GLU F 139 83.68 -22.96 3.83
C GLU F 139 82.67 -23.08 4.97
N ILE F 140 81.39 -23.30 4.61
CA ILE F 140 80.34 -23.54 5.59
C ILE F 140 80.24 -25.01 6.00
N LYS F 141 80.62 -25.31 7.24
CA LYS F 141 80.80 -26.67 7.74
C LYS F 141 79.68 -27.13 8.69
N ASP F 142 79.00 -26.15 9.25
CA ASP F 142 77.96 -26.41 10.27
C ASP F 142 76.55 -26.47 9.66
N ILE F 143 76.41 -25.96 8.44
CA ILE F 143 75.12 -26.00 7.75
C ILE F 143 75.24 -26.75 6.44
N ASP F 144 74.21 -27.53 6.11
CA ASP F 144 74.13 -28.21 4.81
C ASP F 144 73.58 -27.23 3.79
N VAL F 145 74.49 -26.50 3.16
CA VAL F 145 74.13 -25.57 2.09
C VAL F 145 74.95 -25.88 0.84
N SER F 146 74.30 -25.88 -0.31
CA SER F 146 75.00 -26.04 -1.58
C SER F 146 74.49 -25.07 -2.63
N VAL F 147 75.22 -24.94 -3.73
CA VAL F 147 74.83 -24.07 -4.83
C VAL F 147 74.06 -24.88 -5.89
N GLU F 148 72.88 -24.40 -6.26
CA GLU F 148 72.10 -25.02 -7.31
C GLU F 148 72.69 -24.69 -8.69
N LYS F 149 72.61 -25.64 -9.61
CA LYS F 149 73.04 -25.42 -10.99
C LYS F 149 72.27 -24.27 -11.61
N GLU F 150 72.98 -23.46 -12.39
CA GLU F 150 72.42 -22.24 -13.00
C GLU F 150 71.16 -22.53 -13.82
N LYS F 151 70.10 -21.77 -13.53
CA LYS F 151 68.84 -21.87 -14.24
C LYS F 151 68.81 -20.84 -15.36
N PRO F 152 68.37 -21.24 -16.55
CA PRO F 152 68.31 -20.27 -17.66
C PRO F 152 67.27 -19.22 -17.40
N GLY F 153 67.63 -17.94 -17.53
CA GLY F 153 66.71 -16.85 -17.28
C GLY F 153 66.66 -16.37 -15.83
N SER F 154 67.63 -16.81 -15.02
CA SER F 154 67.69 -16.39 -13.64
C SER F 154 68.80 -15.34 -13.41
N PRO F 155 68.49 -14.29 -12.66
CA PRO F 155 69.51 -13.27 -12.32
C PRO F 155 70.16 -13.59 -10.98
N ALA F 156 69.98 -14.83 -10.52
CA ALA F 156 70.33 -15.22 -9.16
C ALA F 156 71.29 -16.41 -9.07
N VAL F 157 71.86 -16.59 -7.88
CA VAL F 157 72.60 -17.78 -7.53
C VAL F 157 71.76 -18.46 -6.44
N THR F 158 71.23 -19.63 -6.76
CA THR F 158 70.26 -20.27 -5.89
C THR F 158 70.91 -21.29 -4.96
N LEU F 159 70.64 -21.16 -3.67
CA LEU F 159 71.20 -22.02 -2.66
C LEU F 159 70.16 -23.01 -2.20
N LEU F 160 70.55 -24.27 -2.08
CA LEU F 160 69.71 -25.28 -1.42
C LEU F 160 70.25 -25.53 -0.02
N ILE F 161 69.39 -25.28 0.96
CA ILE F 161 69.72 -25.50 2.36
C ILE F 161 68.94 -26.69 2.90
N ARG F 162 69.66 -27.71 3.33
CA ARG F 162 69.10 -28.81 4.08
C ARG F 162 69.03 -28.45 5.56
N ASN F 163 68.04 -27.62 5.90
CA ASN F 163 67.80 -27.25 7.28
C ASN F 163 66.88 -28.36 7.80
N PRO F 164 67.39 -29.58 7.86
CA PRO F 164 66.68 -30.77 7.47
C PRO F 164 65.70 -30.60 6.28
N GLU F 165 64.58 -29.91 6.45
CA GLU F 165 63.76 -29.63 5.29
C GLU F 165 64.47 -28.73 4.31
N GLU F 166 64.08 -28.80 3.05
CA GLU F 166 64.74 -28.09 1.96
C GLU F 166 64.24 -26.67 1.83
N ILE F 167 65.18 -25.73 1.79
CA ILE F 167 64.87 -24.31 1.61
C ILE F 167 65.69 -23.77 0.44
N SER F 168 65.04 -23.05 -0.47
CA SER F 168 65.76 -22.46 -1.60
C SER F 168 65.91 -20.95 -1.41
N VAL F 169 67.12 -20.43 -1.65
CA VAL F 169 67.39 -19.02 -1.47
C VAL F 169 68.01 -18.42 -2.72
N ASP F 170 67.27 -17.53 -3.40
CA ASP F 170 67.80 -16.84 -4.57
C ASP F 170 68.61 -15.60 -4.13
N ILE F 171 69.91 -15.65 -4.36
CA ILE F 171 70.76 -14.49 -4.14
C ILE F 171 70.85 -13.74 -5.46
N ILE F 172 70.08 -12.66 -5.56
CA ILE F 172 69.91 -11.93 -6.81
C ILE F 172 70.90 -10.79 -6.92
N LEU F 173 71.77 -10.85 -7.92
CA LEU F 173 72.69 -9.72 -8.20
C LEU F 173 71.95 -8.57 -8.84
N ALA F 174 72.00 -7.40 -8.22
CA ALA F 174 71.28 -6.24 -8.79
C ALA F 174 72.16 -5.00 -8.87
N LEU F 175 71.85 -4.13 -9.83
CA LEU F 175 72.50 -2.81 -9.93
C LEU F 175 71.51 -1.77 -9.49
N GLU F 176 71.94 -0.87 -8.59
CA GLU F 176 71.09 0.22 -8.12
C GLU F 176 71.42 1.57 -8.79
N SER F 177 70.41 2.21 -9.37
CA SER F 177 70.61 3.50 -10.01
C SER F 177 69.68 4.55 -9.42
N LYS F 178 70.26 5.65 -8.93
CA LYS F 178 69.46 6.69 -8.27
C LYS F 178 68.89 7.72 -9.23
N GLY F 179 69.20 7.59 -10.52
CA GLY F 179 68.64 8.44 -11.56
C GLY F 179 67.14 8.24 -11.73
N SER F 180 66.53 9.07 -12.59
CA SER F 180 65.09 8.99 -12.76
C SER F 180 64.78 7.78 -13.64
N TRP F 181 63.61 7.21 -13.37
CA TRP F 181 63.19 5.92 -13.94
C TRP F 181 63.10 5.98 -15.45
N PRO F 182 63.50 4.91 -16.14
CA PRO F 182 63.42 4.89 -17.62
C PRO F 182 62.02 5.22 -18.11
N ILE F 183 61.95 5.78 -19.30
CA ILE F 183 60.74 6.34 -19.89
C ILE F 183 59.62 5.33 -20.04
N SER F 184 60.02 4.08 -20.20
CA SER F 184 59.08 2.98 -20.44
C SER F 184 58.16 2.78 -19.24
N THR F 185 58.55 3.35 -18.11
CA THR F 185 57.76 3.26 -16.87
C THR F 185 56.98 4.49 -16.59
N LYS F 186 57.06 5.50 -17.47
CA LYS F 186 56.45 6.80 -17.23
C LYS F 186 54.93 6.68 -17.03
N GLU F 187 54.32 5.81 -17.85
CA GLU F 187 52.88 5.58 -17.79
C GLU F 187 52.53 4.45 -16.84
N GLY F 188 53.55 3.81 -16.28
CA GLY F 188 53.36 2.70 -15.36
C GLY F 188 53.03 3.14 -13.96
N LEU F 189 52.87 2.17 -13.07
CA LEU F 189 52.56 2.41 -11.64
C LEU F 189 51.34 3.33 -11.50
N PRO F 190 50.17 2.89 -11.93
CA PRO F 190 48.98 3.72 -12.06
C PRO F 190 48.17 3.74 -10.77
N ILE F 191 48.81 4.09 -9.66
CA ILE F 191 48.22 4.02 -8.33
C ILE F 191 47.47 5.27 -7.93
N GLN F 192 47.44 6.25 -8.83
CA GLN F 192 46.96 7.61 -8.55
C GLN F 192 45.59 7.74 -7.90
N GLY F 193 44.74 6.73 -8.10
CA GLY F 193 43.38 6.72 -7.56
C GLY F 193 43.27 5.81 -6.34
N TRP F 194 44.34 5.06 -6.08
CA TRP F 194 44.34 4.04 -5.07
C TRP F 194 45.26 4.40 -3.91
N LEU F 195 46.55 4.54 -4.21
CA LEU F 195 47.51 4.96 -3.19
C LEU F 195 47.78 6.47 -3.25
N GLY F 196 47.60 7.05 -4.42
CA GLY F 196 47.69 8.50 -4.55
C GLY F 196 48.85 9.03 -5.36
N THR F 197 48.93 10.35 -5.45
CA THR F 197 49.82 11.06 -6.38
C THR F 197 51.19 11.32 -5.72
N LYS F 198 51.10 11.68 -4.45
CA LYS F 198 52.26 11.95 -3.58
C LYS F 198 53.07 10.67 -3.33
N VAL F 199 52.35 9.59 -3.16
CA VAL F 199 52.89 8.24 -2.99
C VAL F 199 53.66 7.83 -4.23
N ARG F 200 53.00 7.85 -5.36
CA ARG F 200 53.60 7.49 -6.65
C ARG F 200 54.82 8.37 -6.93
N THR F 201 54.69 9.66 -6.63
CA THR F 201 55.78 10.60 -6.86
C THR F 201 56.98 10.25 -5.99
N ASN F 202 56.71 9.93 -4.74
CA ASN F 202 57.79 9.54 -3.82
C ASN F 202 58.41 8.20 -4.14
N LEU F 203 57.63 7.29 -4.70
CA LEU F 203 58.12 5.97 -5.07
C LEU F 203 59.01 6.06 -6.28
N ARG F 204 58.62 6.88 -7.26
CA ARG F 204 59.42 7.06 -8.48
C ARG F 204 60.64 7.96 -8.26
N ARG F 205 60.75 8.55 -7.08
CA ARG F 205 61.94 9.31 -6.68
C ARG F 205 63.01 8.37 -6.14
N GLU F 206 62.61 7.12 -5.91
CA GLU F 206 63.48 6.12 -5.33
C GLU F 206 64.36 5.56 -6.42
N PRO F 207 65.45 4.85 -6.05
CA PRO F 207 66.27 4.29 -7.11
C PRO F 207 65.58 3.14 -7.81
N PHE F 208 66.08 2.74 -8.98
CA PHE F 208 65.57 1.54 -9.63
C PHE F 208 66.69 0.53 -9.81
N TYR F 209 66.36 -0.65 -10.25
CA TYR F 209 67.30 -1.77 -10.19
C TYR F 209 67.36 -2.56 -11.48
N LEU F 210 68.54 -3.07 -11.82
CA LEU F 210 68.71 -3.85 -13.02
C LEU F 210 69.35 -5.20 -12.67
N VAL F 211 68.75 -6.27 -13.12
CA VAL F 211 69.29 -7.60 -12.85
C VAL F 211 69.66 -8.20 -14.17
N PRO F 212 70.58 -9.20 -14.20
CA PRO F 212 70.86 -9.91 -15.45
C PRO F 212 69.64 -10.60 -16.03
N LYS F 213 69.42 -10.45 -17.33
CA LYS F 213 68.37 -11.19 -18.03
C LYS F 213 68.72 -12.66 -18.06
N ASN F 214 69.98 -12.95 -18.40
CA ASN F 214 70.54 -14.30 -18.41
C ASN F 214 69.67 -15.31 -19.19
N ALA F 215 69.11 -14.83 -20.29
CA ALA F 215 68.44 -15.72 -21.25
C ALA F 215 69.51 -16.57 -21.90
N LYS F 216 69.14 -17.79 -22.26
CA LYS F 216 70.05 -18.70 -22.97
C LYS F 216 69.56 -18.98 -24.39
N ASP F 217 69.13 -17.92 -25.09
CA ASP F 217 68.42 -18.04 -26.36
C ASP F 217 69.33 -17.99 -27.58
N GLY F 218 70.51 -17.40 -27.40
CA GLY F 218 71.51 -17.29 -28.47
C GLY F 218 71.44 -15.99 -29.23
N ASN F 219 70.64 -15.05 -28.72
CA ASN F 219 70.55 -13.70 -29.28
C ASN F 219 71.88 -12.98 -29.33
N SER F 220 71.91 -11.86 -30.09
CA SER F 220 72.96 -10.85 -29.97
C SER F 220 72.74 -10.05 -28.66
N PHE F 221 73.86 -9.62 -28.06
CA PHE F 221 73.85 -8.89 -26.80
C PHE F 221 73.15 -9.73 -25.70
N GLN F 222 73.29 -11.04 -25.86
CA GLN F 222 72.62 -11.98 -24.96
C GLN F 222 73.15 -11.87 -23.54
N GLY F 223 74.46 -11.74 -23.36
CA GLY F 223 75.05 -11.67 -22.04
C GLY F 223 75.31 -10.24 -21.56
N GLU F 224 74.74 -9.27 -22.25
CA GLU F 224 74.85 -7.88 -21.84
C GLU F 224 73.47 -7.24 -21.65
N THR F 225 72.42 -8.06 -21.74
CA THR F 225 71.04 -7.65 -21.58
C THR F 225 70.61 -7.66 -20.11
N TRP F 226 70.10 -6.52 -19.65
CA TRP F 226 69.63 -6.39 -18.28
C TRP F 226 68.12 -6.18 -18.27
N ARG F 227 67.46 -6.67 -17.21
CA ARG F 227 66.04 -6.48 -17.03
C ARG F 227 65.79 -5.56 -15.81
N LEU F 228 64.82 -4.67 -15.95
CA LEU F 228 64.40 -3.85 -14.82
C LEU F 228 63.79 -4.73 -13.72
N SER F 229 63.93 -4.27 -12.48
CA SER F 229 63.29 -4.89 -11.32
C SER F 229 62.68 -3.86 -10.40
N PHE F 230 61.52 -4.17 -9.84
CA PHE F 230 60.83 -3.25 -8.92
C PHE F 230 60.37 -3.97 -7.67
N SER F 231 61.19 -4.87 -7.15
CA SER F 231 60.80 -5.70 -6.01
C SER F 231 60.67 -4.85 -4.74
N HIS F 232 61.47 -3.80 -4.67
CA HIS F 232 61.39 -2.83 -3.56
C HIS F 232 60.03 -2.13 -3.48
N THR F 233 59.58 -1.65 -4.61
CA THR F 233 58.32 -0.94 -4.73
C THR F 233 57.15 -1.88 -4.47
N GLU F 234 57.25 -3.11 -4.98
CA GLU F 234 56.20 -4.11 -4.77
C GLU F 234 56.10 -4.47 -3.29
N LYS F 235 57.25 -4.55 -2.64
CA LYS F 235 57.31 -4.76 -1.21
C LYS F 235 56.57 -3.65 -0.48
N TYR F 236 56.89 -2.41 -0.84
CA TYR F 236 56.22 -1.26 -0.23
C TYR F 236 54.70 -1.33 -0.43
N ILE F 237 54.28 -1.67 -1.64
CA ILE F 237 52.85 -1.73 -1.96
C ILE F 237 52.15 -2.82 -1.15
N LEU F 238 52.75 -3.99 -1.10
CA LEU F 238 52.20 -5.09 -0.30
C LEU F 238 52.07 -4.68 1.17
N ASN F 239 53.02 -3.90 1.66
CA ASN F 239 52.96 -3.47 3.05
C ASN F 239 52.24 -2.17 3.29
N ASN F 240 51.91 -1.46 2.21
CA ASN F 240 51.11 -0.23 2.29
C ASN F 240 50.03 -0.25 1.22
N HIS F 241 49.03 -1.11 1.42
CA HIS F 241 48.10 -1.52 0.35
C HIS F 241 46.71 -0.92 0.41
N GLY F 242 46.42 -0.08 1.38
CA GLY F 242 45.07 0.47 1.50
C GLY F 242 44.92 1.88 0.94
N ILE F 243 43.69 2.29 0.69
CA ILE F 243 43.41 3.70 0.44
C ILE F 243 43.45 4.41 1.76
N GLU F 244 42.99 3.70 2.79
CA GLU F 244 43.06 4.17 4.17
C GLU F 244 44.40 3.76 4.76
N LYS F 245 45.05 4.65 5.49
CA LYS F 245 46.36 4.39 6.05
C LYS F 245 46.30 3.34 7.19
N THR F 246 45.11 3.09 7.69
CA THR F 246 44.96 2.20 8.83
C THR F 246 44.54 0.80 8.41
N CYS F 247 44.44 0.61 7.10
CA CYS F 247 44.14 -0.72 6.53
C CYS F 247 45.15 -1.77 6.99
N CYS F 248 44.66 -2.78 7.69
CA CYS F 248 45.48 -3.88 8.22
C CYS F 248 46.39 -3.46 9.37
N GLU F 249 46.20 -2.26 9.87
CA GLU F 249 47.03 -1.72 10.96
C GLU F 249 46.40 -2.08 12.30
N SER F 250 47.12 -1.73 13.38
CA SER F 250 46.73 -2.08 14.75
C SER F 250 45.46 -1.34 15.19
N SER F 251 45.27 -0.12 14.68
CA SER F 251 44.07 0.63 15.00
C SER F 251 43.18 0.77 13.77
N GLY F 252 43.28 -0.19 12.87
CA GLY F 252 42.49 -0.17 11.65
C GLY F 252 41.77 -1.50 11.41
N ALA F 253 41.36 -1.72 10.17
CA ALA F 253 40.58 -2.92 9.83
C ALA F 253 41.29 -3.74 8.76
N LYS F 254 41.10 -5.05 8.84
CA LYS F 254 41.69 -5.96 7.86
C LYS F 254 40.88 -5.92 6.54
N CYS F 255 41.63 -6.08 5.45
CA CYS F 255 41.13 -6.40 4.12
C CYS F 255 41.44 -7.87 3.81
N CYS F 256 40.98 -8.30 2.64
CA CYS F 256 41.27 -9.66 2.18
C CYS F 256 42.15 -9.72 0.93
N ARG F 257 42.94 -8.67 0.73
CA ARG F 257 43.78 -8.53 -0.46
C ARG F 257 44.87 -9.61 -0.51
N LYS F 258 45.70 -9.60 0.52
CA LYS F 258 46.82 -10.54 0.67
C LYS F 258 46.32 -11.98 0.62
N GLU F 259 45.15 -12.17 1.22
CA GLU F 259 44.51 -13.49 1.27
C GLU F 259 44.17 -13.97 -0.14
N CYS F 260 43.56 -13.10 -0.94
CA CYS F 260 43.25 -13.42 -2.34
C CYS F 260 44.53 -13.69 -3.14
N LEU F 261 45.58 -12.91 -2.88
CA LEU F 261 46.87 -13.15 -3.52
C LEU F 261 47.38 -14.54 -3.19
N LYS F 262 47.24 -14.93 -1.92
CA LYS F 262 47.70 -16.24 -1.48
C LYS F 262 46.92 -17.35 -2.17
N LEU F 263 45.58 -17.29 -2.08
CA LEU F 263 44.71 -18.29 -2.73
C LEU F 263 45.01 -18.44 -4.21
N MET F 264 45.18 -17.32 -4.88
CA MET F 264 45.47 -17.32 -6.32
C MET F 264 46.81 -17.98 -6.60
N LYS F 265 47.82 -17.57 -5.83
CA LYS F 265 49.15 -18.16 -5.89
C LYS F 265 49.09 -19.67 -5.77
N TYR F 266 48.31 -20.15 -4.79
CA TYR F 266 48.23 -21.58 -4.49
C TYR F 266 47.54 -22.32 -5.63
N LEU F 267 46.39 -21.82 -6.03
CA LEU F 267 45.67 -22.37 -7.18
C LEU F 267 46.62 -22.59 -8.33
N LEU F 268 47.37 -21.55 -8.68
CA LEU F 268 48.32 -21.66 -9.79
C LEU F 268 49.44 -22.67 -9.52
N GLU F 269 49.96 -22.68 -8.29
CA GLU F 269 51.02 -23.64 -7.94
C GLU F 269 50.58 -25.08 -8.15
N GLN F 270 49.40 -25.41 -7.65
CA GLN F 270 48.84 -26.76 -7.78
C GLN F 270 48.58 -27.11 -9.24
N LEU F 271 47.86 -26.23 -9.93
CA LEU F 271 47.57 -26.42 -11.36
C LEU F 271 48.85 -26.58 -12.18
N LYS F 272 49.96 -26.03 -11.68
CA LYS F 272 51.27 -26.13 -12.33
C LYS F 272 51.99 -27.44 -11.99
N LYS F 273 51.85 -27.90 -10.75
CA LYS F 273 52.46 -29.15 -10.35
C LYS F 273 51.78 -30.34 -11.01
N GLU F 274 50.51 -30.20 -11.38
CA GLU F 274 49.79 -31.28 -12.05
C GLU F 274 49.92 -31.26 -13.57
N PHE F 275 50.09 -30.07 -14.14
CA PHE F 275 50.13 -29.95 -15.60
C PHE F 275 51.37 -29.23 -16.11
N GLN F 276 52.02 -29.93 -17.03
CA GLN F 276 53.25 -29.53 -17.74
C GLN F 276 52.93 -28.47 -18.76
N GLU F 277 51.64 -28.30 -19.05
CA GLU F 277 51.21 -27.35 -20.08
C GLU F 277 51.30 -25.93 -19.56
N LEU F 278 51.63 -25.78 -18.28
CA LEU F 278 51.60 -24.47 -17.62
C LEU F 278 52.97 -24.13 -17.07
N ASP F 279 54.01 -24.57 -17.76
CA ASP F 279 55.39 -24.23 -17.34
C ASP F 279 55.77 -22.81 -17.73
N ALA F 280 54.96 -22.19 -18.60
CA ALA F 280 55.17 -20.79 -18.99
C ALA F 280 54.75 -19.83 -17.89
N PHE F 281 53.82 -20.29 -17.05
CA PHE F 281 53.23 -19.45 -16.01
C PHE F 281 54.04 -19.45 -14.73
N CYS F 282 54.16 -18.27 -14.13
CA CYS F 282 54.81 -18.06 -12.83
C CYS F 282 53.89 -17.22 -11.92
N SER F 283 54.25 -17.07 -10.65
CA SER F 283 53.38 -16.33 -9.75
C SER F 283 53.41 -14.81 -9.99
N TYR F 284 54.39 -14.30 -10.74
CA TYR F 284 54.45 -12.89 -11.02
C TYR F 284 53.29 -12.42 -11.91
N HIS F 285 52.71 -13.36 -12.66
CA HIS F 285 51.56 -13.07 -13.48
C HIS F 285 50.35 -12.82 -12.59
N VAL F 286 50.22 -13.67 -11.59
CA VAL F 286 49.21 -13.52 -10.54
C VAL F 286 49.38 -12.19 -9.81
N LYS F 287 50.61 -11.90 -9.41
CA LYS F 287 50.94 -10.66 -8.69
C LYS F 287 50.61 -9.43 -9.52
N THR F 288 50.99 -9.44 -10.80
CA THR F 288 50.73 -8.32 -11.71
C THR F 288 49.24 -8.10 -11.90
N ALA F 289 48.55 -9.18 -12.22
CA ALA F 289 47.11 -9.14 -12.35
C ALA F 289 46.44 -8.57 -11.11
N ILE F 290 46.87 -9.01 -9.93
CA ILE F 290 46.23 -8.54 -8.69
C ILE F 290 46.57 -7.09 -8.39
N PHE F 291 47.74 -6.64 -8.85
CA PHE F 291 48.04 -5.21 -8.80
C PHE F 291 47.04 -4.43 -9.62
N HIS F 292 46.78 -4.93 -10.82
CA HIS F 292 45.80 -4.28 -11.70
C HIS F 292 44.41 -4.28 -11.07
N MET F 293 44.05 -5.37 -10.39
CA MET F 293 42.75 -5.45 -9.72
C MET F 293 42.64 -4.48 -8.56
N TRP F 294 43.70 -4.41 -7.75
CA TRP F 294 43.73 -3.47 -6.63
C TRP F 294 43.67 -2.04 -7.11
N THR F 295 44.18 -1.78 -8.30
CA THR F 295 44.09 -0.46 -8.89
C THR F 295 42.67 -0.23 -9.43
N GLN F 296 42.01 -1.31 -9.84
CA GLN F 296 40.63 -1.23 -10.34
C GLN F 296 39.61 -1.05 -9.25
N ASP F 297 39.77 -1.84 -8.17
CA ASP F 297 38.91 -1.69 -6.98
C ASP F 297 39.76 -1.16 -5.82
N PRO F 298 39.93 0.17 -5.76
CA PRO F 298 40.81 0.82 -4.78
C PRO F 298 40.23 0.79 -3.39
N GLN F 299 38.89 0.86 -3.32
CA GLN F 299 38.20 0.92 -2.02
C GLN F 299 38.45 -0.30 -1.16
N ASP F 300 38.80 -0.03 0.11
CA ASP F 300 39.06 -1.09 1.10
C ASP F 300 37.78 -1.85 1.38
N SER F 301 36.65 -1.15 1.24
CA SER F 301 35.34 -1.77 1.39
C SER F 301 35.10 -2.85 0.34
N GLN F 302 35.76 -2.70 -0.81
CA GLN F 302 35.66 -3.67 -1.91
C GLN F 302 36.57 -4.83 -1.65
N TRP F 303 37.26 -4.82 -0.51
CA TRP F 303 38.11 -5.92 -0.11
C TRP F 303 37.86 -6.27 1.37
N ASP F 304 36.58 -6.34 1.75
CA ASP F 304 36.27 -6.76 3.11
C ASP F 304 36.34 -8.28 3.18
N PRO F 305 36.94 -8.81 4.24
CA PRO F 305 36.97 -10.23 4.57
C PRO F 305 35.64 -10.97 4.36
N ARG F 306 34.53 -10.35 4.79
CA ARG F 306 33.21 -10.96 4.60
C ARG F 306 32.84 -11.16 3.14
N ASN F 307 33.51 -10.42 2.25
CA ASN F 307 33.30 -10.59 0.81
C ASN F 307 34.46 -11.36 0.19
N LEU F 308 35.04 -12.29 0.94
CA LEU F 308 36.23 -12.99 0.44
C LEU F 308 35.95 -13.72 -0.87
N SER F 309 35.01 -14.67 -0.81
CA SER F 309 34.64 -15.54 -1.92
C SER F 309 34.39 -14.77 -3.22
N SER F 310 33.60 -13.71 -3.09
CA SER F 310 33.26 -12.89 -4.25
C SER F 310 34.49 -12.16 -4.75
N CYS F 311 35.27 -11.59 -3.82
CA CYS F 311 36.50 -10.89 -4.18
C CYS F 311 37.41 -11.81 -4.96
N PHE F 312 37.66 -12.99 -4.40
CA PHE F 312 38.48 -14.00 -5.07
C PHE F 312 37.92 -14.34 -6.46
N ASP F 313 36.61 -14.30 -6.60
CA ASP F 313 36.01 -14.60 -7.88
C ASP F 313 36.31 -13.46 -8.85
N LYS F 314 36.17 -12.22 -8.35
CA LYS F 314 36.40 -11.03 -9.17
C LYS F 314 37.76 -11.14 -9.82
N LEU F 315 38.80 -11.21 -8.98
CA LEU F 315 40.16 -11.46 -9.44
C LEU F 315 40.19 -12.59 -10.45
N LEU F 316 39.62 -13.73 -10.06
CA LEU F 316 39.60 -14.91 -10.94
C LEU F 316 39.07 -14.51 -12.29
N ALA F 317 37.89 -13.91 -12.29
CA ALA F 317 37.26 -13.45 -13.52
C ALA F 317 38.24 -12.62 -14.32
N PHE F 318 38.78 -11.57 -13.68
CA PHE F 318 39.73 -10.67 -14.31
C PHE F 318 40.82 -11.47 -15.01
N PHE F 319 41.41 -12.41 -14.27
CA PHE F 319 42.54 -13.17 -14.78
C PHE F 319 42.17 -13.88 -16.08
N LEU F 320 40.99 -14.51 -16.06
CA LEU F 320 40.52 -15.25 -17.23
C LEU F 320 40.44 -14.32 -18.42
N GLU F 321 39.93 -13.11 -18.19
CA GLU F 321 39.79 -12.14 -19.25
C GLU F 321 41.16 -11.80 -19.82
N CYS F 322 42.16 -11.69 -18.93
CA CYS F 322 43.51 -11.40 -19.35
C CYS F 322 44.01 -12.50 -20.27
N LEU F 323 43.61 -13.74 -19.98
CA LEU F 323 43.96 -14.87 -20.82
C LEU F 323 43.15 -14.84 -22.11
N ARG F 324 41.88 -14.44 -22.02
CA ARG F 324 41.00 -14.46 -23.19
C ARG F 324 41.43 -13.40 -24.19
N THR F 325 41.83 -12.25 -23.68
CA THR F 325 42.28 -11.15 -24.51
C THR F 325 43.76 -11.34 -24.86
N GLU F 326 44.41 -12.27 -24.16
CA GLU F 326 45.84 -12.47 -24.26
C GLU F 326 46.55 -11.15 -23.99
N LYS F 327 46.15 -10.49 -22.92
CA LYS F 327 46.66 -9.18 -22.61
C LYS F 327 46.77 -8.98 -21.11
N LEU F 328 47.98 -9.14 -20.61
CA LEU F 328 48.30 -8.80 -19.23
C LEU F 328 49.49 -7.88 -19.24
N ASP F 329 49.22 -6.57 -19.21
CA ASP F 329 50.26 -5.53 -19.23
C ASP F 329 51.13 -5.57 -18.00
N HIS F 330 52.42 -5.29 -18.14
CA HIS F 330 53.29 -5.19 -16.97
C HIS F 330 52.86 -3.96 -16.19
N TYR F 331 52.82 -4.08 -14.86
CA TYR F 331 52.27 -3.03 -14.00
C TYR F 331 53.12 -1.77 -13.97
N PHE F 332 54.40 -1.93 -14.25
CA PHE F 332 55.34 -0.82 -14.24
C PHE F 332 55.73 -0.41 -15.64
N ILE F 333 55.62 -1.36 -16.57
CA ILE F 333 55.94 -1.13 -17.99
C ILE F 333 54.71 -1.47 -18.83
N PRO F 334 53.81 -0.50 -19.05
CA PRO F 334 52.53 -0.75 -19.74
C PRO F 334 52.66 -1.25 -21.16
N LYS F 335 53.69 -0.87 -21.89
CA LYS F 335 53.92 -1.34 -23.26
C LYS F 335 54.37 -2.81 -23.30
N PHE F 336 54.90 -3.30 -22.19
CA PHE F 336 55.32 -4.68 -22.10
C PHE F 336 54.13 -5.57 -21.79
N ASN F 337 53.69 -6.33 -22.79
CA ASN F 337 52.65 -7.36 -22.58
C ASN F 337 53.24 -8.69 -22.15
N LEU F 338 52.63 -9.30 -21.14
CA LEU F 338 53.14 -10.53 -20.55
C LEU F 338 52.47 -11.75 -21.12
N PHE F 339 51.32 -11.54 -21.76
CA PHE F 339 50.56 -12.66 -22.36
C PHE F 339 50.61 -12.57 -23.88
N SER F 340 51.71 -12.05 -24.43
CA SER F 340 51.88 -12.04 -25.86
C SER F 340 52.10 -13.48 -26.38
N GLN F 341 51.99 -13.61 -27.69
CA GLN F 341 52.23 -14.89 -28.35
C GLN F 341 53.73 -15.19 -28.33
N GLU F 342 54.54 -14.13 -28.28
CA GLU F 342 55.99 -14.29 -28.27
C GLU F 342 56.48 -14.99 -27.01
N LEU F 343 55.80 -14.75 -25.91
CA LEU F 343 56.20 -15.28 -24.60
C LEU F 343 55.40 -16.53 -24.21
N ILE F 344 54.09 -16.50 -24.45
CA ILE F 344 53.24 -17.63 -24.14
C ILE F 344 52.36 -18.04 -25.31
N ASP F 345 52.30 -19.34 -25.59
CA ASP F 345 51.48 -19.85 -26.69
C ASP F 345 50.01 -19.82 -26.33
N ARG F 346 49.17 -19.48 -27.32
CA ARG F 346 47.72 -19.47 -27.21
C ARG F 346 47.20 -20.70 -26.53
N LYS F 347 47.66 -21.84 -27.02
CA LYS F 347 47.23 -23.18 -26.56
C LYS F 347 47.37 -23.30 -25.03
N SER F 348 48.45 -22.73 -24.50
CA SER F 348 48.68 -22.74 -23.06
C SER F 348 47.60 -21.94 -22.34
N LYS F 349 47.41 -20.70 -22.78
CA LYS F 349 46.43 -19.80 -22.21
C LYS F 349 45.00 -20.39 -22.24
N GLU F 350 44.68 -21.06 -23.35
CA GLU F 350 43.38 -21.69 -23.53
C GLU F 350 43.23 -22.88 -22.59
N PHE F 351 44.26 -23.71 -22.54
CA PHE F 351 44.30 -24.84 -21.61
C PHE F 351 44.03 -24.37 -20.17
N LEU F 352 44.75 -23.32 -19.78
CA LEU F 352 44.60 -22.75 -18.46
C LEU F 352 43.20 -22.20 -18.21
N SER F 353 42.65 -21.52 -19.21
CA SER F 353 41.29 -21.00 -19.12
C SER F 353 40.31 -22.13 -18.87
N LYS F 354 40.55 -23.25 -19.55
CA LYS F 354 39.72 -24.43 -19.40
C LYS F 354 39.78 -25.00 -17.98
N LYS F 355 40.98 -25.32 -17.53
CA LYS F 355 41.18 -25.87 -16.18
C LYS F 355 40.63 -24.95 -15.07
N ILE F 356 41.01 -23.68 -15.14
CA ILE F 356 40.51 -22.67 -14.22
C ILE F 356 39.00 -22.60 -14.19
N GLU F 357 38.38 -22.52 -15.38
CA GLU F 357 36.92 -22.46 -15.48
C GLU F 357 36.29 -23.68 -14.83
N TYR F 358 36.85 -24.85 -15.12
CA TYR F 358 36.40 -26.09 -14.49
C TYR F 358 36.38 -25.97 -12.97
N GLU F 359 37.55 -25.65 -12.40
CA GLU F 359 37.69 -25.48 -10.95
C GLU F 359 36.70 -24.47 -10.39
N ARG F 360 36.45 -23.42 -11.15
CA ARG F 360 35.59 -22.31 -10.74
C ARG F 360 34.14 -22.75 -10.69
N ASN F 361 33.78 -23.67 -11.59
CA ASN F 361 32.40 -24.14 -11.66
C ASN F 361 32.16 -25.43 -10.90
N ASN F 362 33.18 -25.90 -10.16
CA ASN F 362 33.09 -27.19 -9.48
C ASN F 362 33.44 -27.17 -8.00
N GLY F 363 33.42 -26.00 -7.37
CA GLY F 363 33.70 -25.88 -5.96
C GLY F 363 35.17 -26.08 -5.59
N PHE F 364 36.04 -25.87 -6.57
CA PHE F 364 37.49 -25.95 -6.41
C PHE F 364 37.97 -27.24 -5.74
N PRO F 365 37.72 -28.37 -6.41
CA PRO F 365 38.20 -29.68 -5.90
C PRO F 365 39.69 -29.73 -5.64
N ILE F 366 40.48 -29.07 -6.48
CA ILE F 366 41.94 -29.07 -6.41
C ILE F 366 42.50 -28.64 -5.06
N PHE F 367 41.71 -27.86 -4.32
CA PHE F 367 42.11 -27.39 -3.00
C PHE F 367 42.20 -28.51 -1.95
N ASP F 368 42.00 -29.78 -2.38
CA ASP F 368 42.31 -30.97 -1.56
C ASP F 368 43.39 -31.81 -2.24
ZN ZN O . -76.73 -5.00 1.95
ZN ZN P . -74.11 -14.82 -16.10
ZN ZN Q . 18.68 -2.12 13.20
ZN ZN R . 19.20 6.86 -5.61
ZN ZN S . 41.30 16.41 2.33
ZN ZN T . 44.42 -4.15 4.36
#